data_5KQW
#
_entry.id   5KQW
#
_cell.length_a   66.051
_cell.length_b   125.179
_cell.length_c   110.496
_cell.angle_alpha   90.00
_cell.angle_beta   101.97
_cell.angle_gamma   90.00
#
_symmetry.space_group_name_H-M   'P 1 21 1'
#
loop_
_entity.id
_entity.type
_entity.pdbx_description
1 polymer '4-aminobutyrate transaminase'
2 non-polymer 'MAGNESIUM ION'
3 non-polymer DI(HYDROXYETHYL)ETHER
4 non-polymer 1,2-ETHANEDIOL
5 water water
#
_entity_poly.entity_id   1
_entity_poly.type   'polypeptide(L)'
_entity_poly.pdbx_seq_one_letter_code
;MGSSHHHHHHSSGLVPRGSHMTDLDQLFEMDRAHFMHPSTHAHDHASGALPGRIITGGKGIRIQDHEGREYIDAFAGLYC
VNIGYGRTEVADAIYEQAKELAYYHTYVGHSTEAIIELSSRIIRDWAPAGMKKVYYGMSGSDANETQIKLVWYYNNVLGR
PQKKKIISRQRGYHGSGIMTGSLTGLPSFHQHFDLPIERIKHTVCPHWYKAPAGMSEAQFVRYCADELEKLILAEGPDTV
AAFIGEPVMGTGGIIPPPQGYWEAIQAVLNKYDILLIADEVVCGFGRLGSKMGSQHYGMKPDLITVAKGLTSAYAPLSGV
IVGEKVWDVIEKGSQEHGPMGHGWTYSGHPICAAAALANLDILERENLTGNAADVGAYLQQRLRETFGGHPLVGEVRGVG
MLAALEFMADKDARTPFDPALKVGPKVSAACLEDGMIARAMPHGDILGFAPPLVITRAEVDEIVGIAKQAVDEVADEVL
;
_entity_poly.pdbx_strand_id   A,B,C,D
#
# COMPACT_ATOMS: atom_id res chain seq x y z
N ASP A 23 -27.66 17.02 35.21
CA ASP A 23 -27.93 17.66 33.84
C ASP A 23 -26.71 17.99 32.98
N LEU A 24 -25.74 18.77 33.45
CA LEU A 24 -24.47 18.84 32.72
C LEU A 24 -23.84 17.44 32.66
N ASP A 25 -23.84 16.71 33.79
CA ASP A 25 -23.36 15.35 33.81
C ASP A 25 -24.10 14.44 32.87
N GLN A 26 -25.36 14.61 32.73
CA GLN A 26 -26.14 13.81 31.80
C GLN A 26 -25.74 14.09 30.34
N LEU A 27 -25.54 15.37 30.02
CA LEU A 27 -25.07 15.77 28.71
C LEU A 27 -23.71 15.16 28.37
N PHE A 28 -22.77 15.22 29.31
CA PHE A 28 -21.47 14.64 29.08
C PHE A 28 -21.52 13.12 28.96
N GLU A 29 -22.44 12.50 29.66
CA GLU A 29 -22.64 11.06 29.56
C GLU A 29 -23.14 10.70 28.16
N MET A 30 -24.11 11.45 27.66
CA MET A 30 -24.61 11.29 26.30
C MET A 30 -23.50 11.48 25.25
N ASP A 31 -22.70 12.51 25.45
CA ASP A 31 -21.56 12.83 24.59
C ASP A 31 -20.59 11.63 24.52
N ARG A 32 -20.11 11.20 25.68
CA ARG A 32 -19.22 10.04 25.78
C ARG A 32 -19.81 8.77 25.18
N ALA A 33 -21.10 8.55 25.40
CA ALA A 33 -21.75 7.33 24.94
C ALA A 33 -22.03 7.33 23.42
N HIS A 34 -22.40 8.49 22.84
CA HIS A 34 -22.96 8.53 21.49
C HIS A 34 -22.35 9.48 20.45
N PHE A 35 -21.52 10.42 20.83
CA PHE A 35 -20.97 11.40 19.91
C PHE A 35 -19.50 11.03 19.54
N MET A 36 -19.28 10.70 18.27
CA MET A 36 -17.93 10.54 17.72
C MET A 36 -17.44 11.86 17.16
N HIS A 37 -16.52 12.46 17.84
CA HIS A 37 -15.98 13.77 17.48
C HIS A 37 -14.94 13.66 16.37
N PRO A 38 -14.79 14.71 15.57
CA PRO A 38 -13.55 14.78 14.80
C PRO A 38 -12.33 14.97 15.72
N SER A 39 -11.19 14.48 15.24
CA SER A 39 -9.88 14.76 15.84
C SER A 39 -9.91 14.75 17.39
N THR A 40 -10.29 13.60 17.92
CA THR A 40 -10.49 13.38 19.33
C THR A 40 -10.15 11.90 19.64
N HIS A 41 -9.26 11.70 20.59
CA HIS A 41 -8.86 10.39 21.08
C HIS A 41 -10.15 9.61 21.46
N ALA A 42 -10.48 8.59 20.68
CA ALA A 42 -11.78 7.97 20.79
C ALA A 42 -12.00 7.36 22.20
N HIS A 43 -11.03 6.59 22.68
CA HIS A 43 -11.16 5.91 23.97
C HIS A 43 -11.09 6.87 25.18
N ASP A 44 -10.12 7.75 25.20
CA ASP A 44 -9.94 8.72 26.29
C ASP A 44 -11.16 9.63 26.44
N HIS A 45 -11.74 10.03 25.31
CA HIS A 45 -12.93 10.84 25.36
C HIS A 45 -14.11 10.01 25.87
N ALA A 46 -14.26 8.80 25.35
CA ALA A 46 -15.34 7.91 25.81
C ALA A 46 -15.24 7.54 27.30
N SER A 47 -14.03 7.37 27.79
CA SER A 47 -13.76 6.98 29.19
C SER A 47 -13.83 8.15 30.15
N GLY A 48 -13.70 9.38 29.65
CA GLY A 48 -13.74 10.56 30.47
C GLY A 48 -12.38 11.10 30.83
N ALA A 49 -11.31 10.37 30.45
CA ALA A 49 -9.95 10.81 30.66
C ALA A 49 -9.61 12.08 29.89
N LEU A 50 -10.19 12.27 28.71
CA LEU A 50 -10.12 13.53 27.96
C LEU A 50 -11.47 14.19 28.25
N PRO A 51 -11.48 15.22 29.10
CA PRO A 51 -12.81 15.76 29.48
C PRO A 51 -13.44 16.58 28.36
N GLY A 52 -14.74 16.48 28.22
CA GLY A 52 -15.48 17.24 27.24
C GLY A 52 -15.57 18.71 27.61
N ARG A 53 -15.82 19.54 26.60
CA ARG A 53 -16.08 20.96 26.81
C ARG A 53 -17.25 21.38 25.90
N ILE A 54 -18.28 21.96 26.49
CA ILE A 54 -19.39 22.54 25.78
C ILE A 54 -19.25 24.04 25.65
N ILE A 55 -19.39 24.56 24.44
CA ILE A 55 -19.30 25.98 24.18
C ILE A 55 -20.72 26.52 24.12
N THR A 56 -21.01 27.54 24.90
CA THR A 56 -22.40 28.02 25.11
C THR A 56 -22.67 29.38 24.45
N GLY A 57 -21.64 30.10 24.05
CA GLY A 57 -21.84 31.43 23.51
C GLY A 57 -20.56 32.09 23.09
N GLY A 58 -20.69 33.22 22.43
CA GLY A 58 -19.55 34.02 22.10
C GLY A 58 -19.92 35.32 21.43
N LYS A 59 -19.01 36.28 21.56
CA LYS A 59 -19.20 37.60 21.03
C LYS A 59 -17.84 38.22 20.69
N GLY A 60 -17.70 38.77 19.49
CA GLY A 60 -16.47 39.40 19.08
C GLY A 60 -15.34 38.35 18.96
N ILE A 61 -14.31 38.48 19.79
CA ILE A 61 -13.20 37.54 19.80
C ILE A 61 -13.24 36.59 20.97
N ARG A 62 -14.34 36.56 21.70
CA ARG A 62 -14.41 35.87 22.98
C ARG A 62 -15.50 34.79 22.95
N ILE A 63 -15.19 33.61 23.50
CA ILE A 63 -16.19 32.55 23.66
C ILE A 63 -16.33 32.15 25.11
N GLN A 64 -17.43 31.46 25.40
CA GLN A 64 -17.76 31.03 26.74
C GLN A 64 -18.08 29.54 26.78
N ASP A 65 -17.61 28.86 27.85
CA ASP A 65 -17.87 27.42 28.02
C ASP A 65 -18.93 27.11 29.09
N HIS A 66 -19.23 25.82 29.27
CA HIS A 66 -20.26 25.33 30.17
C HIS A 66 -20.04 25.66 31.66
N GLU A 67 -18.80 25.93 32.06
CA GLU A 67 -18.48 26.38 33.40
C GLU A 67 -18.58 27.90 33.54
N GLY A 68 -19.01 28.61 32.48
CA GLY A 68 -18.98 30.06 32.46
C GLY A 68 -17.59 30.66 32.28
N ARG A 69 -16.55 29.85 32.07
CA ARG A 69 -15.22 30.42 31.81
C ARG A 69 -15.24 31.11 30.43
N GLU A 70 -14.50 32.20 30.30
CA GLU A 70 -14.47 33.01 29.08
C GLU A 70 -13.07 32.95 28.47
N TYR A 71 -12.97 32.91 27.14
CA TYR A 71 -11.66 32.82 26.49
C TYR A 71 -11.56 33.77 25.33
N ILE A 72 -10.37 34.36 25.15
CA ILE A 72 -10.02 35.02 23.91
C ILE A 72 -9.67 33.96 22.89
N ASP A 73 -10.45 33.86 21.83
CA ASP A 73 -10.20 32.82 20.80
C ASP A 73 -9.24 33.35 19.75
N ALA A 74 -7.96 33.17 20.00
CA ALA A 74 -6.94 33.63 19.07
C ALA A 74 -6.74 32.67 17.90
N PHE A 75 -7.64 31.70 17.73
CA PHE A 75 -7.64 30.81 16.55
C PHE A 75 -8.91 30.87 15.71
N ALA A 76 -9.82 31.77 16.07
CA ALA A 76 -11.05 31.99 15.30
C ALA A 76 -11.75 30.67 14.92
N GLY A 77 -11.95 29.80 15.90
CA GLY A 77 -12.53 28.49 15.64
C GLY A 77 -11.40 27.63 15.10
N LEU A 78 -11.42 27.44 13.79
CA LEU A 78 -10.32 26.84 13.04
C LEU A 78 -10.06 27.73 11.83
N TYR A 79 -9.35 28.84 12.07
CA TYR A 79 -9.03 29.82 11.07
C TYR A 79 -10.28 30.30 10.31
N CYS A 80 -11.45 30.33 10.94
CA CYS A 80 -12.66 30.52 10.17
C CYS A 80 -13.67 31.55 10.67
N VAL A 81 -13.73 31.84 11.98
CA VAL A 81 -14.72 32.80 12.48
C VAL A 81 -14.18 34.23 12.27
N ASN A 82 -14.08 34.62 10.99
CA ASN A 82 -13.26 35.77 10.60
C ASN A 82 -13.86 37.12 10.95
N ILE A 83 -15.19 37.21 10.86
CA ILE A 83 -15.90 38.43 11.24
C ILE A 83 -16.20 38.52 12.72
N GLY A 84 -15.78 37.50 13.48
CA GLY A 84 -16.03 37.41 14.90
C GLY A 84 -17.33 36.69 15.23
N TYR A 85 -17.48 36.34 16.50
CA TYR A 85 -18.65 35.65 17.03
C TYR A 85 -19.88 36.55 17.27
N GLY A 86 -21.07 35.96 17.24
CA GLY A 86 -22.28 36.63 17.67
C GLY A 86 -22.82 37.68 16.71
N ARG A 87 -22.58 37.53 15.43
CA ARG A 87 -23.13 38.42 14.42
C ARG A 87 -24.59 38.14 14.17
N THR A 88 -25.47 38.82 14.89
N THR A 88 -25.47 38.82 14.89
CA THR A 88 -26.91 38.64 14.70
CA THR A 88 -26.91 38.66 14.72
C THR A 88 -27.32 39.07 13.28
C THR A 88 -27.32 39.07 13.28
N GLU A 89 -26.54 39.94 12.64
CA GLU A 89 -26.81 40.28 11.25
C GLU A 89 -26.79 39.03 10.33
N VAL A 90 -25.85 38.12 10.57
CA VAL A 90 -25.74 36.90 9.79
C VAL A 90 -26.84 35.91 10.17
N ALA A 91 -27.12 35.80 11.47
CA ALA A 91 -28.22 35.00 11.96
C ALA A 91 -29.52 35.42 11.32
N ASP A 92 -29.75 36.74 11.24
CA ASP A 92 -30.96 37.29 10.60
C ASP A 92 -31.06 36.89 9.13
N ALA A 93 -29.94 37.00 8.42
CA ALA A 93 -29.92 36.61 7.02
C ALA A 93 -30.22 35.12 6.80
N ILE A 94 -29.66 34.29 7.63
CA ILE A 94 -29.91 32.84 7.61
C ILE A 94 -31.41 32.59 7.84
N TYR A 95 -31.94 33.23 8.88
CA TYR A 95 -33.35 33.14 9.21
C TYR A 95 -34.29 33.54 8.07
N GLU A 96 -34.02 34.69 7.46
CA GLU A 96 -34.85 35.17 6.37
C GLU A 96 -34.89 34.14 5.23
N GLN A 97 -33.73 33.62 4.84
CA GLN A 97 -33.71 32.62 3.76
C GLN A 97 -34.42 31.33 4.21
N ALA A 98 -34.15 30.90 5.43
CA ALA A 98 -34.79 29.71 5.95
C ALA A 98 -36.32 29.80 5.95
N LYS A 99 -36.87 30.97 6.23
CA LYS A 99 -38.31 31.20 6.20
C LYS A 99 -38.85 31.18 4.80
N GLU A 100 -38.17 31.84 3.87
CA GLU A 100 -38.65 31.95 2.52
C GLU A 100 -38.52 30.60 1.77
N LEU A 101 -37.31 30.02 1.82
CA LEU A 101 -37.00 28.76 1.16
C LEU A 101 -35.67 28.22 1.70
N ALA A 102 -35.75 27.32 2.67
CA ALA A 102 -34.55 26.77 3.27
C ALA A 102 -33.76 25.92 2.26
N TYR A 103 -34.48 25.18 1.41
CA TYR A 103 -33.87 24.34 0.41
C TYR A 103 -34.71 24.05 -0.83
N TYR A 104 -34.01 24.11 -1.96
CA TYR A 104 -34.33 23.37 -3.15
C TYR A 104 -32.99 23.02 -3.75
N HIS A 105 -32.98 22.04 -4.65
CA HIS A 105 -31.75 21.64 -5.30
C HIS A 105 -31.39 22.68 -6.35
N THR A 106 -30.15 22.61 -6.83
CA THR A 106 -29.67 23.43 -7.95
C THR A 106 -29.30 22.59 -9.18
N TYR A 107 -29.84 21.39 -9.23
CA TYR A 107 -29.71 20.50 -10.39
C TYR A 107 -30.44 21.07 -11.59
N VAL A 108 -30.00 20.64 -12.78
CA VAL A 108 -30.66 20.99 -14.07
C VAL A 108 -31.01 22.48 -14.12
N GLY A 109 -30.05 23.34 -13.84
CA GLY A 109 -30.22 24.78 -13.96
C GLY A 109 -31.10 25.49 -12.94
N HIS A 110 -31.47 24.81 -11.85
CA HIS A 110 -32.26 25.45 -10.79
C HIS A 110 -31.37 26.26 -9.84
N SER A 111 -31.92 27.32 -9.27
CA SER A 111 -31.21 28.26 -8.42
C SER A 111 -32.12 28.96 -7.44
N THR A 112 -31.48 29.64 -6.47
CA THR A 112 -32.07 30.72 -5.73
C THR A 112 -31.36 32.00 -6.13
N GLU A 113 -31.99 33.12 -5.84
CA GLU A 113 -31.39 34.41 -6.08
C GLU A 113 -30.09 34.55 -5.27
N ALA A 114 -30.11 34.05 -4.02
CA ALA A 114 -28.95 34.13 -3.17
C ALA A 114 -27.69 33.46 -3.77
N ILE A 115 -27.82 32.26 -4.31
CA ILE A 115 -26.65 31.54 -4.81
C ILE A 115 -26.10 32.18 -6.10
N ILE A 116 -26.99 32.81 -6.87
CA ILE A 116 -26.58 33.54 -8.07
C ILE A 116 -25.80 34.80 -7.68
N GLU A 117 -26.34 35.57 -6.73
CA GLU A 117 -25.70 36.81 -6.28
C GLU A 117 -24.32 36.49 -5.71
N LEU A 118 -24.25 35.42 -4.91
CA LEU A 118 -22.98 35.02 -4.32
C LEU A 118 -21.93 34.68 -5.37
N SER A 119 -22.33 33.92 -6.40
CA SER A 119 -21.41 33.51 -7.44
C SER A 119 -20.82 34.74 -8.15
N SER A 120 -21.69 35.68 -8.52
CA SER A 120 -21.22 36.89 -9.18
C SER A 120 -20.32 37.72 -8.26
N ARG A 121 -20.70 37.82 -7.00
CA ARG A 121 -19.88 38.63 -6.06
C ARG A 121 -18.47 38.04 -5.79
N ILE A 122 -18.39 36.72 -5.63
CA ILE A 122 -17.11 36.06 -5.50
C ILE A 122 -16.21 36.31 -6.71
N ILE A 123 -16.76 36.11 -7.89
CA ILE A 123 -15.98 36.32 -9.11
C ILE A 123 -15.59 37.79 -9.33
N ARG A 124 -16.53 38.71 -9.17
CA ARG A 124 -16.29 40.13 -9.42
C ARG A 124 -15.42 40.78 -8.34
N ASP A 125 -15.64 40.45 -7.06
CA ASP A 125 -15.05 41.24 -5.99
C ASP A 125 -13.90 40.59 -5.23
N TRP A 126 -13.81 39.25 -5.22
CA TRP A 126 -12.85 38.58 -4.38
C TRP A 126 -11.80 37.73 -5.12
N ALA A 127 -12.22 37.04 -6.18
CA ALA A 127 -11.35 36.12 -6.87
C ALA A 127 -10.38 36.86 -7.80
N PRO A 128 -9.20 36.27 -8.05
CA PRO A 128 -8.29 36.92 -9.00
C PRO A 128 -8.78 36.89 -10.42
N ALA A 129 -8.15 37.73 -11.24
CA ALA A 129 -8.60 37.95 -12.61
C ALA A 129 -8.52 36.64 -13.38
N GLY A 130 -9.45 36.39 -14.30
CA GLY A 130 -9.39 35.13 -15.03
C GLY A 130 -10.25 34.00 -14.49
N MET A 131 -10.81 34.20 -13.31
CA MET A 131 -11.74 33.23 -12.71
C MET A 131 -13.11 33.46 -13.31
N LYS A 132 -13.88 32.41 -13.47
CA LYS A 132 -15.18 32.51 -14.13
C LYS A 132 -16.35 31.92 -13.36
N LYS A 133 -16.25 30.66 -12.91
CA LYS A 133 -17.41 29.96 -12.32
C LYS A 133 -17.17 29.48 -10.88
N VAL A 134 -18.27 29.33 -10.13
CA VAL A 134 -18.20 28.74 -8.80
C VAL A 134 -19.10 27.52 -8.70
N TYR A 135 -18.52 26.41 -8.24
CA TYR A 135 -19.28 25.21 -7.87
C TYR A 135 -19.26 25.06 -6.36
N TYR A 136 -20.41 24.74 -5.78
CA TYR A 136 -20.55 24.77 -4.31
C TYR A 136 -20.67 23.38 -3.66
N GLY A 137 -20.00 23.26 -2.50
CA GLY A 137 -20.16 22.14 -1.58
C GLY A 137 -20.33 22.67 -0.18
N MET A 138 -19.95 21.87 0.81
CA MET A 138 -20.09 22.22 2.21
C MET A 138 -18.78 22.24 3.00
N SER A 139 -17.70 21.71 2.48
CA SER A 139 -16.44 21.63 3.24
C SER A 139 -15.28 21.87 2.31
N GLY A 140 -14.16 22.28 2.88
CA GLY A 140 -12.91 22.40 2.17
C GLY A 140 -12.55 21.05 1.53
N SER A 141 -12.79 19.97 2.26
CA SER A 141 -12.51 18.64 1.79
C SER A 141 -13.35 18.29 0.55
N ASP A 142 -14.65 18.56 0.56
CA ASP A 142 -15.43 18.18 -0.60
C ASP A 142 -15.08 19.08 -1.83
N ALA A 143 -14.64 20.31 -1.57
CA ALA A 143 -14.20 21.20 -2.63
C ALA A 143 -12.94 20.66 -3.30
N ASN A 144 -11.96 20.24 -2.52
CA ASN A 144 -10.77 19.64 -3.11
C ASN A 144 -11.06 18.30 -3.83
N GLU A 145 -12.09 17.58 -3.37
CA GLU A 145 -12.54 16.39 -4.06
C GLU A 145 -13.05 16.74 -5.46
N THR A 146 -13.90 17.75 -5.52
CA THR A 146 -14.36 18.29 -6.77
C THR A 146 -13.19 18.71 -7.67
N GLN A 147 -12.21 19.39 -7.10
CA GLN A 147 -11.02 19.79 -7.86
C GLN A 147 -10.38 18.64 -8.63
N ILE A 148 -10.16 17.52 -7.95
CA ILE A 148 -9.47 16.39 -8.59
C ILE A 148 -10.36 15.82 -9.68
N LYS A 149 -11.68 15.70 -9.43
CA LYS A 149 -12.61 15.29 -10.48
C LYS A 149 -12.47 16.18 -11.72
N LEU A 150 -12.40 17.48 -11.52
CA LEU A 150 -12.34 18.41 -12.66
C LEU A 150 -11.01 18.26 -13.39
N VAL A 151 -9.92 18.08 -12.65
CA VAL A 151 -8.62 17.92 -13.27
C VAL A 151 -8.60 16.64 -14.15
N TRP A 152 -9.14 15.53 -13.61
CA TRP A 152 -9.19 14.31 -14.37
C TRP A 152 -10.11 14.42 -15.59
N TYR A 153 -11.29 15.06 -15.42
CA TYR A 153 -12.26 15.26 -16.51
C TYR A 153 -11.62 16.13 -17.63
N TYR A 154 -10.99 17.21 -17.20
CA TYR A 154 -10.28 18.13 -18.10
C TYR A 154 -9.31 17.37 -19.03
N ASN A 155 -8.47 16.54 -18.44
CA ASN A 155 -7.50 15.80 -19.23
C ASN A 155 -8.11 14.69 -20.10
N ASN A 156 -9.15 14.02 -19.60
CA ASN A 156 -9.82 13.00 -20.40
C ASN A 156 -10.51 13.62 -21.62
N VAL A 157 -11.19 14.75 -21.44
CA VAL A 157 -11.86 15.35 -22.58
C VAL A 157 -10.86 15.91 -23.57
N LEU A 158 -9.70 16.32 -23.12
CA LEU A 158 -8.65 16.75 -24.04
C LEU A 158 -7.91 15.56 -24.70
N GLY A 159 -8.24 14.32 -24.39
CA GLY A 159 -7.53 13.19 -24.96
C GLY A 159 -6.15 12.97 -24.35
N ARG A 160 -5.98 13.28 -23.06
CA ARG A 160 -4.72 13.03 -22.38
C ARG A 160 -4.96 12.12 -21.19
N PRO A 161 -5.32 10.85 -21.46
CA PRO A 161 -5.73 9.95 -20.36
C PRO A 161 -4.63 9.65 -19.36
N GLN A 162 -3.37 9.82 -19.72
CA GLN A 162 -2.28 9.58 -18.78
C GLN A 162 -2.04 10.76 -17.84
N LYS A 163 -2.52 11.96 -18.19
CA LYS A 163 -2.11 13.16 -17.50
C LYS A 163 -3.06 13.37 -16.27
N LYS A 164 -2.69 12.75 -15.17
CA LYS A 164 -3.59 12.58 -14.03
C LYS A 164 -2.98 12.73 -12.61
N LYS A 165 -1.67 12.70 -12.51
CA LYS A 165 -1.04 12.76 -11.22
C LYS A 165 -1.16 14.17 -10.65
N ILE A 166 -1.27 14.23 -9.32
CA ILE A 166 -1.36 15.46 -8.60
C ILE A 166 -0.15 15.56 -7.69
N ILE A 167 0.56 16.67 -7.78
CA ILE A 167 1.65 16.91 -6.86
C ILE A 167 1.17 17.83 -5.74
N SER A 168 1.35 17.37 -4.51
CA SER A 168 1.10 18.17 -3.33
C SER A 168 2.42 18.37 -2.64
N ARG A 169 2.39 18.78 -1.37
CA ARG A 169 3.62 19.09 -0.65
C ARG A 169 3.60 18.50 0.74
N GLN A 170 4.78 18.14 1.22
CA GLN A 170 4.96 17.78 2.63
C GLN A 170 4.39 18.90 3.52
N ARG A 171 3.65 18.48 4.54
CA ARG A 171 2.94 19.36 5.50
C ARG A 171 1.76 20.15 4.93
N GLY A 172 1.42 19.98 3.68
CA GLY A 172 0.23 20.63 3.15
C GLY A 172 -1.01 20.05 3.85
N TYR A 173 -2.05 20.87 3.99
CA TYR A 173 -3.32 20.38 4.49
C TYR A 173 -4.42 20.74 3.51
N HIS A 174 -5.08 19.70 3.01
CA HIS A 174 -6.09 19.83 1.96
C HIS A 174 -7.36 19.06 2.24
N GLY A 175 -7.51 18.56 3.46
CA GLY A 175 -8.70 17.81 3.83
C GLY A 175 -8.40 16.44 4.38
N SER A 176 -9.48 15.73 4.65
CA SER A 176 -9.46 14.58 5.54
C SER A 176 -10.28 13.43 5.00
N GLY A 177 -10.41 13.34 3.67
CA GLY A 177 -11.02 12.19 3.02
C GLY A 177 -9.95 11.20 2.57
N ILE A 178 -10.28 10.35 1.62
CA ILE A 178 -9.38 9.41 1.05
C ILE A 178 -8.50 10.12 0.00
N MET A 179 -9.11 10.63 -1.05
CA MET A 179 -8.35 11.47 -1.98
C MET A 179 -7.77 12.74 -1.34
N THR A 180 -8.59 13.47 -0.60
CA THR A 180 -8.15 14.73 -0.05
C THR A 180 -7.12 14.52 1.08
N GLY A 181 -7.27 13.46 1.86
CA GLY A 181 -6.28 13.12 2.85
C GLY A 181 -4.97 12.68 2.21
N SER A 182 -5.04 12.13 1.01
CA SER A 182 -3.85 11.81 0.25
C SER A 182 -3.12 13.07 -0.20
N LEU A 183 -3.89 14.10 -0.61
CA LEU A 183 -3.29 15.41 -0.95
C LEU A 183 -2.60 16.00 0.27
N THR A 184 -3.27 15.88 1.41
CA THR A 184 -2.70 16.32 2.67
C THR A 184 -1.34 15.66 2.92
N GLY A 185 -0.37 16.42 3.42
CA GLY A 185 1.01 15.95 3.60
C GLY A 185 1.41 15.80 5.05
N LEU A 186 0.48 15.45 5.92
CA LEU A 186 0.71 15.30 7.36
C LEU A 186 0.32 13.87 7.71
N PRO A 187 1.22 13.13 8.37
CA PRO A 187 1.04 11.67 8.44
C PRO A 187 -0.16 11.20 9.24
N SER A 188 -0.64 12.00 10.17
CA SER A 188 -1.81 11.60 10.98
C SER A 188 -3.06 11.37 10.14
N PHE A 189 -3.16 12.07 9.01
CA PHE A 189 -4.26 11.91 8.09
C PHE A 189 -4.10 10.72 7.14
N HIS A 190 -2.95 10.09 7.16
CA HIS A 190 -2.64 8.90 6.38
C HIS A 190 -2.60 7.59 7.18
N GLN A 191 -2.12 7.68 8.42
N GLN A 191 -2.12 7.68 8.42
CA GLN A 191 -1.81 6.47 9.18
CA GLN A 191 -1.85 6.50 9.23
C GLN A 191 -3.09 5.63 9.44
C GLN A 191 -3.09 5.63 9.44
N HIS A 192 -2.95 4.38 9.02
CA HIS A 192 -4.01 3.37 9.13
C HIS A 192 -5.16 3.60 8.18
N PHE A 193 -5.01 4.52 7.24
CA PHE A 193 -5.97 4.70 6.15
C PHE A 193 -5.43 4.36 4.78
N ASP A 194 -4.20 3.83 4.72
CA ASP A 194 -3.56 3.37 3.49
C ASP A 194 -3.33 4.49 2.49
N LEU A 195 -3.13 5.69 2.98
CA LEU A 195 -2.92 6.87 2.15
C LEU A 195 -1.43 7.25 2.11
N PRO A 196 -0.94 7.93 1.09
CA PRO A 196 -1.73 8.42 -0.03
C PRO A 196 -2.01 7.38 -1.06
N ILE A 197 -3.16 7.47 -1.71
CA ILE A 197 -3.49 6.57 -2.81
C ILE A 197 -2.64 6.89 -4.02
N GLU A 198 -2.68 6.03 -5.00
CA GLU A 198 -1.81 6.19 -6.17
C GLU A 198 -2.25 7.45 -6.96
N ARG A 199 -1.28 8.03 -7.63
CA ARG A 199 -1.44 9.25 -8.42
C ARG A 199 -1.10 10.48 -7.64
N ILE A 200 -1.02 10.40 -6.31
CA ILE A 200 -0.72 11.57 -5.49
C ILE A 200 0.73 11.55 -5.03
N LYS A 201 1.48 12.61 -5.34
CA LYS A 201 2.91 12.73 -4.97
C LYS A 201 3.09 13.93 -4.10
N HIS A 202 4.15 13.96 -3.33
CA HIS A 202 4.44 15.11 -2.45
C HIS A 202 5.83 15.63 -2.70
N THR A 203 5.96 16.92 -2.94
CA THR A 203 7.29 17.53 -3.06
C THR A 203 7.65 18.22 -1.71
N VAL A 204 8.68 19.03 -1.72
CA VAL A 204 9.23 19.59 -0.49
C VAL A 204 8.34 20.66 0.15
N CYS A 205 8.45 20.71 1.49
CA CYS A 205 7.81 21.72 2.27
C CYS A 205 8.65 23.01 2.13
N PRO A 206 8.05 24.12 1.69
CA PRO A 206 8.81 25.34 1.49
C PRO A 206 8.97 26.14 2.79
N HIS A 207 9.78 25.63 3.68
CA HIS A 207 10.03 26.18 4.98
C HIS A 207 11.52 26.45 5.07
N TRP A 208 11.90 27.70 4.77
CA TRP A 208 13.32 28.03 4.69
C TRP A 208 14.09 27.68 5.98
N TYR A 209 13.46 27.93 7.12
CA TYR A 209 14.09 27.63 8.40
C TYR A 209 14.59 26.18 8.48
N LYS A 210 13.93 25.25 7.82
CA LYS A 210 14.35 23.86 7.81
C LYS A 210 15.04 23.42 6.55
N ALA A 211 15.62 24.37 5.81
CA ALA A 211 16.29 24.08 4.56
C ALA A 211 17.54 23.23 4.74
N PRO A 212 17.94 22.50 3.67
CA PRO A 212 19.29 21.91 3.65
C PRO A 212 20.32 22.95 4.11
N ALA A 213 21.18 22.50 5.00
CA ALA A 213 22.04 23.39 5.79
C ALA A 213 22.82 24.38 4.94
N GLY A 214 22.95 25.59 5.45
CA GLY A 214 23.69 26.63 4.77
C GLY A 214 22.97 27.38 3.67
N MET A 215 21.86 26.84 3.14
CA MET A 215 21.22 27.46 1.97
C MET A 215 20.70 28.85 2.29
N SER A 216 21.00 29.80 1.42
CA SER A 216 20.36 31.11 1.50
C SER A 216 18.88 30.95 1.09
N GLU A 217 18.12 32.02 1.25
CA GLU A 217 16.73 32.01 0.88
C GLU A 217 16.57 31.75 -0.63
N ALA A 218 17.38 32.40 -1.46
CA ALA A 218 17.29 32.24 -2.90
C ALA A 218 17.73 30.84 -3.35
N GLN A 219 18.73 30.28 -2.69
CA GLN A 219 19.20 28.94 -2.99
C GLN A 219 18.13 27.94 -2.61
N PHE A 220 17.44 28.17 -1.51
CA PHE A 220 16.35 27.29 -1.09
C PHE A 220 15.19 27.32 -2.08
N VAL A 221 14.88 28.50 -2.61
CA VAL A 221 13.84 28.59 -3.60
C VAL A 221 14.23 27.75 -4.83
N ARG A 222 15.48 27.88 -5.27
CA ARG A 222 15.98 27.09 -6.39
C ARG A 222 15.97 25.60 -6.11
N TYR A 223 16.28 25.22 -4.90
CA TYR A 223 16.18 23.84 -4.46
C TYR A 223 14.72 23.34 -4.57
N CYS A 224 13.75 24.12 -4.10
CA CYS A 224 12.35 23.73 -4.24
C CYS A 224 11.92 23.57 -5.67
N ALA A 225 12.32 24.52 -6.52
CA ALA A 225 11.98 24.47 -7.94
C ALA A 225 12.65 23.27 -8.61
N ASP A 226 13.93 23.06 -8.34
CA ASP A 226 14.67 21.96 -8.95
C ASP A 226 14.09 20.62 -8.50
N GLU A 227 13.74 20.47 -7.22
CA GLU A 227 13.20 19.20 -6.75
C GLU A 227 11.85 18.93 -7.35
N LEU A 228 11.02 19.96 -7.52
CA LEU A 228 9.75 19.81 -8.22
C LEU A 228 10.00 19.33 -9.63
N GLU A 229 10.94 19.96 -10.33
CA GLU A 229 11.21 19.59 -11.70
C GLU A 229 11.75 18.15 -11.79
N LYS A 230 12.60 17.76 -10.85
CA LYS A 230 13.12 16.39 -10.81
C LYS A 230 12.00 15.37 -10.63
N LEU A 231 11.05 15.70 -9.79
CA LEU A 231 9.92 14.82 -9.54
C LEU A 231 9.06 14.73 -10.80
N ILE A 232 8.79 15.87 -11.44
CA ILE A 232 8.01 15.88 -12.67
C ILE A 232 8.68 15.01 -13.75
N LEU A 233 9.98 15.19 -13.93
CA LEU A 233 10.74 14.39 -14.90
C LEU A 233 10.86 12.92 -14.52
N ALA A 234 10.95 12.61 -13.24
CA ALA A 234 10.97 11.20 -12.84
C ALA A 234 9.63 10.53 -13.10
N GLU A 235 8.53 11.25 -12.89
CA GLU A 235 7.20 10.70 -13.10
C GLU A 235 6.80 10.68 -14.57
N GLY A 236 7.42 11.56 -15.37
CA GLY A 236 7.00 11.77 -16.75
C GLY A 236 6.06 12.97 -16.78
N PRO A 237 6.47 14.06 -17.43
CA PRO A 237 5.65 15.27 -17.44
C PRO A 237 4.26 15.09 -18.03
N ASP A 238 4.17 14.22 -19.02
CA ASP A 238 2.95 13.87 -19.68
C ASP A 238 1.93 13.15 -18.73
N THR A 239 2.38 12.70 -17.57
CA THR A 239 1.55 12.06 -16.59
C THR A 239 1.12 12.97 -15.43
N VAL A 240 1.66 14.16 -15.36
CA VAL A 240 1.41 15.07 -14.26
C VAL A 240 0.38 16.13 -14.65
N ALA A 241 -0.76 16.16 -13.95
CA ALA A 241 -1.89 17.03 -14.30
C ALA A 241 -1.97 18.34 -13.54
N ALA A 242 -1.64 18.30 -12.24
CA ALA A 242 -1.79 19.44 -11.38
C ALA A 242 -0.85 19.44 -10.18
N PHE A 243 -0.75 20.63 -9.61
CA PHE A 243 0.01 20.93 -8.42
C PHE A 243 -0.95 21.69 -7.52
N ILE A 244 -1.03 21.28 -6.25
CA ILE A 244 -1.92 21.91 -5.29
C ILE A 244 -1.09 22.48 -4.17
N GLY A 245 -1.39 23.71 -3.79
CA GLY A 245 -0.68 24.39 -2.71
C GLY A 245 -1.52 25.45 -2.02
N GLU A 246 -1.45 25.48 -0.69
CA GLU A 246 -1.87 26.65 0.07
C GLU A 246 -0.87 27.79 -0.12
N PRO A 247 -1.34 29.03 -0.33
CA PRO A 247 -0.39 30.13 -0.48
C PRO A 247 0.56 30.23 0.72
N VAL A 248 -0.03 30.16 1.90
CA VAL A 248 0.65 29.99 3.17
C VAL A 248 0.09 28.70 3.78
N MET A 249 0.95 27.81 4.23
CA MET A 249 0.53 26.56 4.85
C MET A 249 -0.07 26.78 6.19
N GLY A 250 -1.31 26.31 6.39
CA GLY A 250 -2.03 26.51 7.62
C GLY A 250 -1.74 25.47 8.66
N THR A 251 -2.50 24.38 8.62
CA THR A 251 -2.41 23.31 9.61
C THR A 251 -1.03 22.63 9.69
N GLY A 252 -0.23 22.69 8.63
CA GLY A 252 1.14 22.19 8.63
C GLY A 252 2.13 23.10 9.33
N GLY A 253 1.63 24.20 9.90
CA GLY A 253 2.40 24.99 10.81
C GLY A 253 2.53 26.47 10.59
N ILE A 254 1.63 27.13 9.85
CA ILE A 254 1.71 28.56 9.61
C ILE A 254 3.07 28.85 8.99
N ILE A 255 3.21 28.45 7.72
CA ILE A 255 4.48 28.55 7.02
C ILE A 255 4.31 29.41 5.76
N PRO A 256 4.69 30.69 5.89
CA PRO A 256 4.73 31.51 4.66
C PRO A 256 5.83 31.02 3.74
N PRO A 257 5.61 31.12 2.42
CA PRO A 257 6.60 30.67 1.47
C PRO A 257 7.80 31.61 1.45
N PRO A 258 8.97 31.10 1.05
CA PRO A 258 10.11 32.01 0.87
C PRO A 258 9.85 33.04 -0.22
N GLN A 259 10.54 34.16 -0.09
CA GLN A 259 10.51 35.22 -1.10
C GLN A 259 10.86 34.65 -2.50
N GLY A 260 10.00 34.87 -3.47
CA GLY A 260 10.18 34.37 -4.83
C GLY A 260 9.78 32.89 -5.13
N TYR A 261 9.33 32.17 -4.10
CA TYR A 261 8.94 30.78 -4.23
C TYR A 261 7.86 30.61 -5.28
N TRP A 262 6.75 31.36 -5.19
CA TRP A 262 5.65 31.13 -6.08
C TRP A 262 5.97 31.42 -7.55
N GLU A 263 6.78 32.42 -7.82
CA GLU A 263 7.20 32.68 -9.19
C GLU A 263 8.05 31.50 -9.73
N ALA A 264 8.96 31.00 -8.92
CA ALA A 264 9.82 29.91 -9.33
C ALA A 264 9.03 28.61 -9.60
N ILE A 265 8.06 28.34 -8.72
CA ILE A 265 7.22 27.17 -8.87
C ILE A 265 6.36 27.29 -10.13
N GLN A 266 5.72 28.43 -10.31
CA GLN A 266 4.90 28.68 -11.50
C GLN A 266 5.64 28.54 -12.80
N ALA A 267 6.91 28.95 -12.85
CA ALA A 267 7.69 28.77 -14.08
C ALA A 267 7.85 27.30 -14.39
N VAL A 268 8.09 26.47 -13.37
CA VAL A 268 8.18 25.02 -13.61
C VAL A 268 6.82 24.46 -14.07
N LEU A 269 5.73 24.89 -13.44
CA LEU A 269 4.41 24.38 -13.83
C LEU A 269 4.08 24.75 -15.28
N ASN A 270 4.40 25.98 -15.66
CA ASN A 270 4.15 26.45 -17.04
C ASN A 270 4.96 25.67 -18.05
N LYS A 271 6.20 25.37 -17.72
CA LYS A 271 7.07 24.62 -18.59
C LYS A 271 6.49 23.27 -18.94
N TYR A 272 5.87 22.58 -17.98
CA TYR A 272 5.34 21.23 -18.24
C TYR A 272 3.83 21.19 -18.40
N ASP A 273 3.21 22.35 -18.53
CA ASP A 273 1.76 22.45 -18.76
C ASP A 273 0.97 21.74 -17.64
N ILE A 274 1.25 22.15 -16.41
CA ILE A 274 0.62 21.59 -15.22
C ILE A 274 -0.27 22.66 -14.57
N LEU A 275 -1.50 22.29 -14.21
CA LEU A 275 -2.45 23.22 -13.62
C LEU A 275 -2.05 23.52 -12.19
N LEU A 276 -2.32 24.76 -11.78
CA LEU A 276 -2.11 25.19 -10.38
C LEU A 276 -3.49 25.28 -9.69
N ILE A 277 -3.63 24.51 -8.61
CA ILE A 277 -4.76 24.62 -7.72
C ILE A 277 -4.29 25.41 -6.50
N ALA A 278 -4.85 26.61 -6.30
CA ALA A 278 -4.56 27.39 -5.11
C ALA A 278 -5.60 27.01 -4.05
N ASP A 279 -5.14 26.41 -2.96
CA ASP A 279 -6.03 26.05 -1.88
C ASP A 279 -6.11 27.26 -0.95
N GLU A 280 -7.22 27.98 -1.04
CA GLU A 280 -7.45 29.20 -0.28
C GLU A 280 -8.43 29.03 0.87
N VAL A 281 -8.57 27.82 1.35
CA VAL A 281 -9.51 27.55 2.42
C VAL A 281 -9.22 28.43 3.66
N VAL A 282 -7.95 28.52 4.05
CA VAL A 282 -7.54 29.42 5.12
C VAL A 282 -7.28 30.86 4.62
N CYS A 283 -6.51 30.99 3.56
CA CYS A 283 -6.01 32.32 3.13
C CYS A 283 -7.07 33.22 2.51
N GLY A 284 -8.17 32.63 2.05
CA GLY A 284 -9.20 33.36 1.39
C GLY A 284 -9.99 34.34 2.24
N PHE A 285 -10.49 35.38 1.58
CA PHE A 285 -11.42 36.33 2.17
C PHE A 285 -10.81 37.17 3.31
N GLY A 286 -9.61 37.71 3.06
CA GLY A 286 -9.02 38.76 3.85
C GLY A 286 -7.96 38.34 4.86
N ARG A 287 -7.81 37.05 5.08
CA ARG A 287 -7.00 36.51 6.17
C ARG A 287 -5.54 37.02 6.15
N LEU A 288 -4.94 37.19 4.97
CA LEU A 288 -3.54 37.69 4.88
C LEU A 288 -3.41 39.20 4.72
N GLY A 289 -4.52 39.90 4.73
CA GLY A 289 -4.55 41.32 4.39
C GLY A 289 -4.73 41.58 2.92
N SER A 290 -5.11 40.54 2.18
CA SER A 290 -5.43 40.66 0.76
C SER A 290 -6.72 39.90 0.53
N LYS A 291 -7.31 40.10 -0.64
CA LYS A 291 -8.55 39.37 -0.98
C LYS A 291 -8.41 37.88 -0.74
N MET A 292 -7.33 37.33 -1.33
CA MET A 292 -6.93 35.95 -1.17
C MET A 292 -5.41 35.87 -1.18
N GLY A 293 -4.88 34.70 -0.81
CA GLY A 293 -3.45 34.45 -0.85
C GLY A 293 -2.86 34.58 -2.23
N SER A 294 -3.64 34.18 -3.24
CA SER A 294 -3.22 34.28 -4.63
C SER A 294 -2.80 35.71 -5.03
N GLN A 295 -3.64 36.68 -4.74
CA GLN A 295 -3.30 38.09 -5.01
C GLN A 295 -2.11 38.52 -4.17
N HIS A 296 -2.05 38.04 -2.95
CA HIS A 296 -0.98 38.43 -2.04
C HIS A 296 0.37 38.08 -2.59
N TYR A 297 0.50 36.90 -3.18
CA TYR A 297 1.80 36.40 -3.65
C TYR A 297 1.94 36.42 -5.17
N GLY A 298 0.98 37.00 -5.91
CA GLY A 298 1.05 37.02 -7.35
C GLY A 298 0.90 35.64 -7.99
N MET A 299 0.14 34.75 -7.36
CA MET A 299 -0.08 33.44 -7.93
C MET A 299 -1.11 33.54 -9.05
N LYS A 300 -1.02 32.65 -10.02
CA LYS A 300 -1.96 32.63 -11.16
C LYS A 300 -2.59 31.25 -11.28
N PRO A 301 -3.58 30.98 -10.43
CA PRO A 301 -4.10 29.63 -10.42
C PRO A 301 -5.10 29.39 -11.53
N ASP A 302 -5.25 28.13 -11.90
CA ASP A 302 -6.30 27.68 -12.81
C ASP A 302 -7.59 27.32 -12.11
N LEU A 303 -7.45 26.98 -10.82
CA LEU A 303 -8.53 26.46 -9.99
C LEU A 303 -8.25 26.93 -8.56
N ILE A 304 -9.31 27.31 -7.83
CA ILE A 304 -9.17 27.80 -6.46
C ILE A 304 -10.19 27.12 -5.53
N THR A 305 -9.70 26.71 -4.37
CA THR A 305 -10.54 26.11 -3.34
C THR A 305 -10.83 27.12 -2.21
N VAL A 306 -12.10 27.29 -1.86
CA VAL A 306 -12.46 28.15 -0.72
C VAL A 306 -13.47 27.48 0.19
N ALA A 307 -13.49 27.93 1.44
CA ALA A 307 -14.48 27.57 2.46
C ALA A 307 -14.21 28.52 3.65
N LYS A 308 -14.37 28.05 4.91
CA LYS A 308 -14.06 28.85 6.11
C LYS A 308 -14.51 30.32 6.07
N GLY A 309 -13.58 31.23 5.73
CA GLY A 309 -13.87 32.66 5.69
C GLY A 309 -14.89 33.09 4.65
N LEU A 310 -15.25 32.16 3.76
CA LEU A 310 -16.39 32.36 2.84
C LEU A 310 -17.71 32.68 3.56
N THR A 311 -17.95 32.00 4.67
CA THR A 311 -19.11 32.28 5.52
C THR A 311 -18.74 32.71 6.95
N SER A 312 -17.45 32.84 7.24
CA SER A 312 -16.96 32.90 8.64
C SER A 312 -17.50 31.79 9.52
N ALA A 313 -17.71 30.64 8.91
CA ALA A 313 -18.26 29.44 9.53
C ALA A 313 -19.69 29.58 10.06
N TYR A 314 -20.39 30.65 9.72
CA TYR A 314 -21.78 30.81 10.18
C TYR A 314 -22.69 29.71 9.61
N ALA A 315 -22.34 29.22 8.41
CA ALA A 315 -22.95 28.07 7.82
C ALA A 315 -21.91 27.33 6.98
N PRO A 316 -22.09 26.00 6.82
CA PRO A 316 -21.09 25.24 6.05
C PRO A 316 -21.27 25.44 4.54
N LEU A 317 -20.24 25.96 3.90
CA LEU A 317 -20.22 26.21 2.49
C LEU A 317 -18.79 26.16 1.98
N SER A 318 -18.61 25.50 0.85
CA SER A 318 -17.34 25.50 0.12
C SER A 318 -17.57 25.89 -1.32
N GLY A 319 -16.46 26.25 -1.95
CA GLY A 319 -16.46 26.69 -3.31
C GLY A 319 -15.26 26.18 -4.07
N VAL A 320 -15.52 25.80 -5.31
CA VAL A 320 -14.48 25.57 -6.30
C VAL A 320 -14.65 26.70 -7.31
N ILE A 321 -13.62 27.54 -7.40
CA ILE A 321 -13.60 28.65 -8.35
C ILE A 321 -12.84 28.17 -9.58
N VAL A 322 -13.52 28.15 -10.72
CA VAL A 322 -13.00 27.57 -11.93
C VAL A 322 -12.54 28.69 -12.88
N GLY A 323 -11.28 28.68 -13.27
CA GLY A 323 -10.76 29.60 -14.26
C GLY A 323 -11.34 29.39 -15.66
N GLU A 324 -11.16 30.42 -16.50
CA GLU A 324 -11.62 30.41 -17.90
C GLU A 324 -11.12 29.21 -18.69
N LYS A 325 -9.84 28.88 -18.54
CA LYS A 325 -9.24 27.82 -19.34
C LYS A 325 -9.96 26.48 -19.02
N VAL A 326 -10.06 26.14 -17.73
CA VAL A 326 -10.70 24.87 -17.38
C VAL A 326 -12.20 24.88 -17.74
N TRP A 327 -12.85 26.02 -17.51
CA TRP A 327 -14.27 26.14 -17.74
C TRP A 327 -14.61 25.90 -19.24
N ASP A 328 -13.79 26.45 -20.11
CA ASP A 328 -13.99 26.30 -21.52
C ASP A 328 -13.99 24.82 -21.95
N VAL A 329 -13.07 24.05 -21.36
CA VAL A 329 -12.98 22.63 -21.64
C VAL A 329 -14.19 21.89 -21.02
N ILE A 330 -14.62 22.31 -19.84
CA ILE A 330 -15.83 21.78 -19.25
C ILE A 330 -17.04 21.97 -20.20
N GLU A 331 -17.20 23.17 -20.76
CA GLU A 331 -18.25 23.40 -21.76
C GLU A 331 -18.16 22.47 -22.95
N LYS A 332 -16.97 22.38 -23.52
CA LYS A 332 -16.71 21.47 -24.66
C LYS A 332 -17.00 20.01 -24.33
N GLY A 333 -16.58 19.59 -23.15
CA GLY A 333 -16.88 18.23 -22.66
C GLY A 333 -18.39 17.99 -22.70
N SER A 334 -19.17 18.95 -22.23
CA SER A 334 -20.63 18.77 -22.17
C SER A 334 -21.22 18.65 -23.58
N GLN A 335 -20.70 19.45 -24.51
CA GLN A 335 -21.16 19.37 -25.91
C GLN A 335 -20.90 18.01 -26.51
N GLU A 336 -19.73 17.44 -26.25
CA GLU A 336 -19.39 16.13 -26.81
C GLU A 336 -20.02 14.99 -26.03
N HIS A 337 -20.15 15.11 -24.70
CA HIS A 337 -20.44 13.93 -23.87
C HIS A 337 -21.70 14.05 -23.05
N GLY A 338 -22.40 15.17 -23.10
CA GLY A 338 -23.56 15.37 -22.25
C GLY A 338 -23.17 15.94 -20.87
N PRO A 339 -24.17 16.06 -19.98
CA PRO A 339 -23.92 16.70 -18.69
C PRO A 339 -22.88 15.91 -17.88
N MET A 340 -21.99 16.64 -17.23
CA MET A 340 -21.03 16.03 -16.31
C MET A 340 -21.78 15.31 -15.15
N GLY A 341 -21.34 14.11 -14.80
CA GLY A 341 -21.84 13.39 -13.65
C GLY A 341 -21.20 13.83 -12.36
N HIS A 342 -21.60 15.01 -11.89
CA HIS A 342 -21.13 15.54 -10.61
C HIS A 342 -22.19 16.41 -9.96
N GLY A 343 -22.58 16.03 -8.76
CA GLY A 343 -23.47 16.82 -7.93
C GLY A 343 -23.56 16.30 -6.50
N TRP A 344 -23.67 17.23 -5.57
CA TRP A 344 -24.04 16.93 -4.20
C TRP A 344 -25.50 17.43 -4.02
N THR A 345 -26.30 16.68 -3.26
CA THR A 345 -27.66 17.04 -2.95
C THR A 345 -27.80 18.52 -2.47
N TYR A 346 -26.92 18.89 -1.56
CA TYR A 346 -26.92 20.17 -0.96
C TYR A 346 -26.05 21.22 -1.67
N SER A 347 -25.61 20.93 -2.89
CA SER A 347 -24.82 21.91 -3.63
C SER A 347 -25.63 23.20 -3.83
N GLY A 348 -25.06 24.30 -3.35
CA GLY A 348 -25.69 25.65 -3.42
C GLY A 348 -26.80 25.89 -2.39
N HIS A 349 -26.69 25.20 -1.25
CA HIS A 349 -27.72 25.30 -0.20
C HIS A 349 -28.11 26.74 0.15
N PRO A 350 -29.39 27.10 -0.01
CA PRO A 350 -29.86 28.48 0.15
C PRO A 350 -29.47 29.15 1.46
N ILE A 351 -29.62 28.49 2.59
CA ILE A 351 -29.29 29.18 3.87
C ILE A 351 -27.80 29.44 3.97
N CYS A 352 -26.99 28.52 3.41
CA CYS A 352 -25.56 28.68 3.40
C CYS A 352 -25.14 29.86 2.48
N ALA A 353 -25.78 29.97 1.31
CA ALA A 353 -25.54 31.10 0.43
C ALA A 353 -25.92 32.44 1.12
N ALA A 354 -27.03 32.46 1.85
CA ALA A 354 -27.48 33.68 2.52
C ALA A 354 -26.47 34.10 3.60
N ALA A 355 -25.95 33.11 4.32
CA ALA A 355 -24.92 33.35 5.32
C ALA A 355 -23.66 33.97 4.70
N ALA A 356 -23.24 33.43 3.56
CA ALA A 356 -22.06 33.94 2.87
C ALA A 356 -22.27 35.38 2.45
N LEU A 357 -23.43 35.69 1.89
CA LEU A 357 -23.71 37.07 1.44
C LEU A 357 -23.60 38.08 2.59
N ALA A 358 -24.18 37.73 3.74
CA ALA A 358 -24.13 38.60 4.89
C ALA A 358 -22.69 38.72 5.40
N ASN A 359 -21.98 37.60 5.36
CA ASN A 359 -20.58 37.57 5.74
C ASN A 359 -19.74 38.50 4.83
N LEU A 360 -19.92 38.38 3.53
CA LEU A 360 -19.22 39.28 2.61
C LEU A 360 -19.57 40.76 2.83
N ASP A 361 -20.86 41.04 3.03
CA ASP A 361 -21.29 42.41 3.35
C ASP A 361 -20.48 42.99 4.49
N ILE A 362 -20.33 42.19 5.55
CA ILE A 362 -19.59 42.65 6.73
C ILE A 362 -18.09 42.79 6.49
N LEU A 363 -17.47 41.81 5.82
CA LEU A 363 -16.05 41.92 5.46
C LEU A 363 -15.77 43.22 4.67
N GLU A 364 -16.65 43.52 3.75
CA GLU A 364 -16.54 44.69 2.89
C GLU A 364 -16.85 45.99 3.66
N ARG A 365 -18.00 46.06 4.29
CA ARG A 365 -18.43 47.26 5.00
C ARG A 365 -17.39 47.70 6.06
N GLU A 366 -16.86 46.75 6.83
CA GLU A 366 -15.91 47.08 7.89
C GLU A 366 -14.45 47.06 7.43
N ASN A 367 -14.22 46.86 6.13
CA ASN A 367 -12.88 46.73 5.59
C ASN A 367 -11.96 45.83 6.40
N LEU A 368 -12.39 44.60 6.60
CA LEU A 368 -11.65 43.67 7.45
C LEU A 368 -10.38 43.15 6.78
N THR A 369 -10.35 43.16 5.44
CA THR A 369 -9.12 42.91 4.70
C THR A 369 -8.04 43.94 5.09
N GLY A 370 -8.44 45.22 5.17
CA GLY A 370 -7.53 46.30 5.58
C GLY A 370 -7.13 46.18 7.05
N ASN A 371 -8.08 45.80 7.90
CA ASN A 371 -7.76 45.59 9.31
C ASN A 371 -6.77 44.43 9.46
N ALA A 372 -6.98 43.36 8.69
CA ALA A 372 -6.09 42.22 8.73
C ALA A 372 -4.68 42.60 8.28
N ALA A 373 -4.56 43.42 7.26
CA ALA A 373 -3.24 43.92 6.84
C ALA A 373 -2.56 44.74 7.93
N ASP A 374 -3.30 45.68 8.50
CA ASP A 374 -2.74 46.68 9.47
C ASP A 374 -2.46 46.07 10.83
N VAL A 375 -3.48 45.51 11.46
CA VAL A 375 -3.33 44.90 12.76
C VAL A 375 -2.50 43.60 12.66
N GLY A 376 -2.62 42.90 11.52
CA GLY A 376 -1.82 41.74 11.28
C GLY A 376 -0.31 42.05 11.25
N ALA A 377 0.07 43.13 10.56
CA ALA A 377 1.49 43.59 10.58
C ALA A 377 1.95 43.94 11.99
N TYR A 378 1.07 44.55 12.78
CA TYR A 378 1.34 44.83 14.17
C TYR A 378 1.59 43.54 14.94
N LEU A 379 0.71 42.55 14.75
CA LEU A 379 0.89 41.22 15.34
C LEU A 379 2.24 40.62 14.97
N GLN A 380 2.58 40.66 13.68
CA GLN A 380 3.87 40.10 13.23
C GLN A 380 5.04 40.72 13.96
N GLN A 381 5.00 42.06 14.01
CA GLN A 381 6.07 42.85 14.61
C GLN A 381 6.18 42.60 16.12
N ARG A 382 5.03 42.60 16.80
CA ARG A 382 5.01 42.38 18.23
C ARG A 382 5.52 40.99 18.63
N LEU A 383 5.15 39.96 17.86
CA LEU A 383 5.65 38.61 18.14
C LEU A 383 7.16 38.47 17.92
N ARG A 384 7.68 39.09 16.86
CA ARG A 384 9.15 39.07 16.62
C ARG A 384 9.94 39.81 17.71
N GLU A 385 9.45 40.98 18.12
CA GLU A 385 10.10 41.76 19.20
C GLU A 385 10.07 40.97 20.49
N THR A 386 8.93 40.36 20.80
CA THR A 386 8.76 39.64 22.05
C THR A 386 9.51 38.31 22.10
N PHE A 387 9.52 37.55 21.00
CA PHE A 387 10.04 36.17 21.01
C PHE A 387 11.29 35.93 20.16
N GLY A 388 11.73 36.90 19.36
CA GLY A 388 12.92 36.76 18.52
C GLY A 388 14.15 36.16 19.21
N GLY A 389 14.47 36.61 20.43
CA GLY A 389 15.59 36.05 21.15
C GLY A 389 15.24 35.12 22.30
N HIS A 390 14.00 34.62 22.36
CA HIS A 390 13.60 33.78 23.46
C HIS A 390 14.29 32.41 23.37
N PRO A 391 14.87 31.90 24.45
CA PRO A 391 15.66 30.63 24.37
C PRO A 391 14.87 29.38 23.95
N LEU A 392 13.57 29.34 24.21
CA LEU A 392 12.68 28.25 23.75
C LEU A 392 12.27 28.32 22.28
N VAL A 393 12.36 29.50 21.66
CA VAL A 393 11.77 29.76 20.36
C VAL A 393 12.84 29.68 19.28
N GLY A 394 12.69 28.70 18.38
CA GLY A 394 13.54 28.57 17.21
C GLY A 394 13.18 29.50 16.08
N GLU A 395 11.88 29.73 15.87
CA GLU A 395 11.42 30.65 14.82
C GLU A 395 10.09 31.31 15.14
N VAL A 396 10.01 32.59 14.76
CA VAL A 396 8.80 33.36 14.78
C VAL A 396 8.48 33.60 13.32
N ARG A 397 7.28 33.25 12.91
CA ARG A 397 6.90 33.43 11.50
C ARG A 397 5.44 33.79 11.38
N GLY A 398 5.08 34.28 10.21
CA GLY A 398 3.72 34.63 9.90
C GLY A 398 3.61 35.73 8.89
N VAL A 399 2.37 35.99 8.49
CA VAL A 399 2.03 37.06 7.55
C VAL A 399 0.57 37.38 7.78
N GLY A 400 0.22 38.65 7.66
CA GLY A 400 -1.15 39.10 7.90
C GLY A 400 -1.67 38.62 9.25
N MET A 401 -2.84 37.97 9.24
CA MET A 401 -3.45 37.52 10.47
C MET A 401 -3.20 36.03 10.77
N LEU A 402 -2.07 35.51 10.30
CA LEU A 402 -1.59 34.20 10.67
C LEU A 402 -0.18 34.35 11.28
N ALA A 403 0.06 33.69 12.41
CA ALA A 403 1.38 33.67 12.97
C ALA A 403 1.64 32.43 13.78
N ALA A 404 2.92 32.16 14.00
CA ALA A 404 3.33 31.02 14.80
C ALA A 404 4.69 31.16 15.46
N LEU A 405 4.85 30.43 16.57
CA LEU A 405 6.10 30.28 17.24
C LEU A 405 6.44 28.79 17.18
N GLU A 406 7.63 28.47 16.70
CA GLU A 406 8.11 27.11 16.75
C GLU A 406 9.19 26.93 17.77
N PHE A 407 8.99 25.97 18.66
CA PHE A 407 9.86 25.71 19.80
C PHE A 407 10.88 24.66 19.46
N MET A 408 12.14 24.93 19.81
CA MET A 408 13.25 24.04 19.48
C MET A 408 14.16 23.81 20.70
N ALA A 409 14.72 22.61 20.78
CA ALA A 409 15.59 22.23 21.89
C ALA A 409 16.97 22.85 21.72
N ASP A 410 17.44 22.91 20.48
CA ASP A 410 18.73 23.54 20.18
C ASP A 410 18.55 24.47 18.99
N LYS A 411 18.57 25.77 19.29
CA LYS A 411 18.27 26.79 18.28
C LYS A 411 19.23 26.81 17.10
N ASP A 412 20.52 26.88 17.38
CA ASP A 412 21.49 26.97 16.25
C ASP A 412 21.53 25.70 15.40
N ALA A 413 21.43 24.53 16.04
CA ALA A 413 21.41 23.27 15.27
C ALA A 413 20.06 22.91 14.68
N ARG A 414 19.00 23.60 15.11
N ARG A 414 19.00 23.60 15.11
CA ARG A 414 17.63 23.30 14.68
CA ARG A 414 17.63 23.29 14.70
C ARG A 414 17.24 21.89 15.09
C ARG A 414 17.24 21.89 15.09
N THR A 415 17.50 21.57 16.35
CA THR A 415 17.15 20.29 16.89
C THR A 415 15.84 20.43 17.64
N PRO A 416 14.80 19.71 17.20
CA PRO A 416 13.55 19.81 17.90
C PRO A 416 13.61 19.07 19.23
N PHE A 417 12.63 19.34 20.09
CA PHE A 417 12.45 18.60 21.30
C PHE A 417 11.99 17.20 20.99
N ASP A 418 12.25 16.29 21.92
CA ASP A 418 11.64 14.99 21.91
C ASP A 418 10.12 15.22 21.92
N PRO A 419 9.40 14.66 20.96
CA PRO A 419 7.93 14.81 20.92
C PRO A 419 7.23 14.43 22.22
N ALA A 420 7.77 13.43 22.93
CA ALA A 420 7.18 12.94 24.19
C ALA A 420 7.13 14.03 25.28
N LEU A 421 8.00 15.01 25.18
CA LEU A 421 8.00 16.17 26.06
C LEU A 421 6.78 17.09 25.92
N LYS A 422 6.11 17.04 24.77
CA LYS A 422 4.87 17.79 24.52
C LYS A 422 4.99 19.31 24.78
N VAL A 423 6.07 19.91 24.31
CA VAL A 423 6.31 21.33 24.54
C VAL A 423 5.18 22.22 23.96
N GLY A 424 4.84 21.98 22.72
CA GLY A 424 3.77 22.71 22.06
C GLY A 424 2.47 22.62 22.79
N PRO A 425 1.97 21.40 23.03
CA PRO A 425 0.70 21.23 23.79
C PRO A 425 0.73 21.87 25.17
N LYS A 426 1.88 21.81 25.84
CA LYS A 426 2.03 22.44 27.15
C LYS A 426 1.93 23.98 27.09
N VAL A 427 2.54 24.58 26.08
CA VAL A 427 2.41 26.02 25.90
C VAL A 427 0.95 26.41 25.65
N SER A 428 0.29 25.65 24.78
CA SER A 428 -1.11 25.89 24.48
C SER A 428 -2.00 25.77 25.70
N ALA A 429 -1.78 24.72 26.47
CA ALA A 429 -2.53 24.51 27.73
C ALA A 429 -2.30 25.64 28.75
N ALA A 430 -1.07 26.15 28.82
CA ALA A 430 -0.78 27.27 29.71
C ALA A 430 -1.50 28.57 29.27
N CYS A 431 -1.53 28.84 27.96
CA CYS A 431 -2.33 29.91 27.40
C CYS A 431 -3.78 29.77 27.82
N LEU A 432 -4.28 28.56 27.74
CA LEU A 432 -5.68 28.25 27.99
C LEU A 432 -6.06 28.50 29.44
N GLU A 433 -5.21 28.06 30.35
CA GLU A 433 -5.34 28.38 31.76
C GLU A 433 -5.46 29.88 31.99
N ASP A 434 -4.73 30.70 31.24
CA ASP A 434 -4.84 32.16 31.31
C ASP A 434 -5.91 32.75 30.43
N GLY A 435 -6.84 31.92 29.96
CA GLY A 435 -7.99 32.42 29.18
C GLY A 435 -7.77 32.79 27.73
N MET A 436 -6.80 32.16 27.07
CA MET A 436 -6.57 32.41 25.65
C MET A 436 -6.44 31.08 24.91
N ILE A 437 -7.13 30.98 23.78
CA ILE A 437 -7.05 29.81 22.90
C ILE A 437 -6.09 30.07 21.76
N ALA A 438 -4.99 29.34 21.77
CA ALA A 438 -4.03 29.35 20.68
C ALA A 438 -3.65 27.90 20.49
N ARG A 439 -3.50 27.47 19.26
CA ARG A 439 -3.42 26.04 18.95
C ARG A 439 -2.02 25.44 19.02
N ALA A 440 -1.90 24.27 19.64
CA ALA A 440 -0.68 23.49 19.51
C ALA A 440 -0.80 22.76 18.16
N MET A 441 -0.05 23.21 17.17
CA MET A 441 -0.18 22.68 15.81
C MET A 441 0.32 21.22 15.76
N PRO A 442 -0.18 20.41 14.82
CA PRO A 442 0.27 19.00 14.79
C PRO A 442 1.67 18.78 14.21
N HIS A 443 2.23 17.62 14.54
CA HIS A 443 3.54 17.18 14.05
C HIS A 443 4.65 18.19 14.24
N GLY A 444 4.81 18.62 15.49
CA GLY A 444 5.94 19.49 15.88
C GLY A 444 5.53 20.22 17.15
N ASP A 445 6.37 21.14 17.59
CA ASP A 445 6.11 21.98 18.75
C ASP A 445 5.89 23.40 18.32
N ILE A 446 4.63 23.73 18.07
CA ILE A 446 4.30 24.98 17.39
C ILE A 446 3.05 25.59 17.98
N LEU A 447 3.14 26.87 18.34
CA LEU A 447 1.98 27.57 18.84
C LEU A 447 1.46 28.44 17.71
N GLY A 448 0.21 28.24 17.35
CA GLY A 448 -0.39 28.93 16.22
C GLY A 448 -1.43 29.97 16.59
N PHE A 449 -1.44 31.07 15.82
CA PHE A 449 -2.41 32.16 15.98
C PHE A 449 -3.13 32.44 14.68
N ALA A 450 -4.45 32.49 14.72
CA ALA A 450 -5.29 32.85 13.60
C ALA A 450 -6.56 33.56 14.14
N PRO A 451 -6.38 34.75 14.73
CA PRO A 451 -7.49 35.43 15.39
C PRO A 451 -8.52 35.96 14.41
N PRO A 452 -9.71 36.25 14.90
CA PRO A 452 -10.68 36.90 14.04
C PRO A 452 -10.14 38.22 13.45
N LEU A 453 -10.60 38.55 12.25
CA LEU A 453 -10.04 39.69 11.52
C LEU A 453 -10.43 41.04 12.11
N VAL A 454 -11.43 41.05 12.96
CA VAL A 454 -11.86 42.27 13.72
C VAL A 454 -10.95 42.62 14.90
N ILE A 455 -9.95 41.80 15.20
CA ILE A 455 -9.11 42.06 16.34
C ILE A 455 -8.43 43.44 16.27
N THR A 456 -8.29 44.09 17.43
CA THR A 456 -7.58 45.39 17.56
C THR A 456 -6.15 45.24 17.99
N ARG A 457 -5.41 46.33 17.89
CA ARG A 457 -4.01 46.34 18.37
C ARG A 457 -3.93 46.07 19.87
N ALA A 458 -4.86 46.66 20.62
CA ALA A 458 -4.91 46.45 22.05
C ALA A 458 -5.16 44.97 22.37
N GLU A 459 -6.05 44.34 21.62
CA GLU A 459 -6.28 42.88 21.78
C GLU A 459 -5.05 42.02 21.39
N VAL A 460 -4.33 42.44 20.36
CA VAL A 460 -3.05 41.81 20.00
C VAL A 460 -2.07 41.83 21.16
N ASP A 461 -1.91 43.00 21.80
CA ASP A 461 -0.99 43.13 22.95
C ASP A 461 -1.36 42.14 24.05
N GLU A 462 -2.65 41.99 24.29
CA GLU A 462 -3.11 41.08 25.33
C GLU A 462 -2.78 39.60 24.96
N ILE A 463 -3.03 39.23 23.70
CA ILE A 463 -2.69 37.87 23.23
C ILE A 463 -1.17 37.57 23.38
N VAL A 464 -0.35 38.54 22.94
CA VAL A 464 1.09 38.39 22.99
C VAL A 464 1.59 38.29 24.45
N GLY A 465 1.01 39.08 25.35
CA GLY A 465 1.38 39.02 26.75
C GLY A 465 1.05 37.70 27.40
N ILE A 466 -0.12 37.14 27.09
CA ILE A 466 -0.48 35.83 27.63
C ILE A 466 0.44 34.74 27.06
N ALA A 467 0.69 34.80 25.76
CA ALA A 467 1.61 33.85 25.13
C ALA A 467 3.01 33.93 25.78
N LYS A 468 3.45 35.15 26.05
CA LYS A 468 4.76 35.38 26.66
C LYS A 468 4.89 34.65 28.03
N GLN A 469 3.89 34.83 28.86
CA GLN A 469 3.82 34.14 30.15
C GLN A 469 3.83 32.63 30.03
N ALA A 470 3.01 32.11 29.10
CA ALA A 470 2.91 30.67 28.85
C ALA A 470 4.22 30.10 28.33
N VAL A 471 4.87 30.81 27.43
CA VAL A 471 6.16 30.36 26.90
C VAL A 471 7.24 30.39 27.98
N ASP A 472 7.29 31.44 28.79
CA ASP A 472 8.21 31.51 29.95
C ASP A 472 7.99 30.35 30.92
N GLU A 473 6.72 30.08 31.24
CA GLU A 473 6.37 29.03 32.19
C GLU A 473 6.90 27.68 31.71
N VAL A 474 6.72 27.35 30.43
CA VAL A 474 7.13 26.05 29.90
C VAL A 474 8.64 25.99 29.75
N ALA A 475 9.24 27.09 29.33
CA ALA A 475 10.70 27.20 29.28
C ALA A 475 11.36 26.84 30.64
N ASP A 476 10.78 27.32 31.73
CA ASP A 476 11.26 26.94 33.09
C ASP A 476 11.19 25.47 33.34
N GLU A 477 10.10 24.84 32.95
CA GLU A 477 9.95 23.39 33.13
C GLU A 477 10.96 22.58 32.32
N VAL A 478 11.27 22.97 31.09
CA VAL A 478 12.02 22.07 30.18
C VAL A 478 13.44 22.50 29.90
N LEU A 479 13.75 23.79 30.02
CA LEU A 479 15.13 24.26 29.87
C LEU A 479 15.82 24.21 31.21
N THR B 22 -32.88 43.76 -17.12
CA THR B 22 -33.58 44.15 -15.83
C THR B 22 -33.62 42.95 -14.87
N ASP B 23 -33.86 43.25 -13.59
CA ASP B 23 -33.70 42.29 -12.44
C ASP B 23 -33.63 40.77 -12.70
N LEU B 24 -34.73 40.14 -13.02
N LEU B 24 -34.74 40.12 -13.00
CA LEU B 24 -34.69 38.70 -13.29
CA LEU B 24 -34.71 38.69 -13.29
C LEU B 24 -33.76 38.35 -14.44
C LEU B 24 -33.76 38.36 -14.44
N ASP B 25 -33.80 39.14 -15.51
CA ASP B 25 -32.92 38.92 -16.66
C ASP B 25 -31.45 39.07 -16.27
N GLN B 26 -31.17 40.02 -15.41
CA GLN B 26 -29.79 40.18 -14.97
C GLN B 26 -29.34 39.01 -14.08
N LEU B 27 -30.23 38.52 -13.23
CA LEU B 27 -29.96 37.32 -12.42
C LEU B 27 -29.66 36.10 -13.29
N PHE B 28 -30.44 35.86 -14.32
CA PHE B 28 -30.17 34.74 -15.21
C PHE B 28 -28.87 34.90 -15.98
N GLU B 29 -28.52 36.14 -16.29
CA GLU B 29 -27.26 36.41 -16.96
C GLU B 29 -26.08 36.08 -16.02
N MET B 30 -26.19 36.51 -14.77
CA MET B 30 -25.20 36.19 -13.73
C MET B 30 -25.07 34.67 -13.52
N ASP B 31 -26.21 33.99 -13.48
CA ASP B 31 -26.28 32.55 -13.33
C ASP B 31 -25.50 31.86 -14.45
N ARG B 32 -25.88 32.16 -15.68
CA ARG B 32 -25.18 31.63 -16.86
C ARG B 32 -23.68 31.93 -16.87
N ALA B 33 -23.32 33.13 -16.47
CA ALA B 33 -21.92 33.55 -16.51
C ALA B 33 -21.07 32.93 -15.36
N HIS B 34 -21.62 32.79 -14.16
CA HIS B 34 -20.83 32.51 -12.96
C HIS B 34 -21.19 31.33 -12.05
N PHE B 35 -22.36 30.73 -12.21
CA PHE B 35 -22.80 29.64 -11.35
C PHE B 35 -22.63 28.28 -12.09
N MET B 36 -21.73 27.44 -11.57
CA MET B 36 -21.60 26.06 -12.02
C MET B 36 -22.51 25.18 -11.16
N HIS B 37 -23.57 24.71 -11.79
CA HIS B 37 -24.58 23.91 -11.12
C HIS B 37 -24.12 22.46 -10.99
N PRO B 38 -24.62 21.75 -9.96
CA PRO B 38 -24.57 20.32 -10.05
C PRO B 38 -25.45 19.79 -11.20
N SER B 39 -25.05 18.64 -11.75
CA SER B 39 -25.85 17.87 -12.66
C SER B 39 -26.61 18.73 -13.68
N THR B 40 -25.85 19.48 -14.46
CA THR B 40 -26.39 20.45 -15.42
C THR B 40 -25.43 20.51 -16.63
N HIS B 41 -25.97 20.31 -17.83
CA HIS B 41 -25.26 20.47 -19.07
C HIS B 41 -24.54 21.83 -19.09
N ALA B 42 -23.22 21.82 -18.97
CA ALA B 42 -22.48 23.04 -18.72
C ALA B 42 -22.68 24.07 -19.85
N HIS B 43 -22.52 23.63 -21.10
CA HIS B 43 -22.61 24.56 -22.25
C HIS B 43 -24.07 25.05 -22.51
N ASP B 44 -25.03 24.14 -22.54
CA ASP B 44 -26.44 24.47 -22.79
C ASP B 44 -26.98 25.43 -21.73
N HIS B 45 -26.58 25.21 -20.48
CA HIS B 45 -26.98 26.13 -19.42
C HIS B 45 -26.31 27.49 -19.60
N ALA B 46 -25.02 27.48 -19.87
CA ALA B 46 -24.28 28.74 -20.10
C ALA B 46 -24.79 29.52 -21.31
N SER B 47 -25.18 28.83 -22.36
CA SER B 47 -25.69 29.45 -23.61
C SER B 47 -27.14 29.89 -23.50
N GLY B 48 -27.90 29.33 -22.57
CA GLY B 48 -29.32 29.65 -22.42
C GLY B 48 -30.25 28.64 -23.08
N ALA B 49 -29.69 27.67 -23.79
CA ALA B 49 -30.45 26.59 -24.38
C ALA B 49 -31.15 25.71 -23.37
N LEU B 50 -30.55 25.53 -22.20
CA LEU B 50 -31.20 24.89 -21.04
C LEU B 50 -31.59 26.07 -20.15
N PRO B 51 -32.86 26.42 -20.12
CA PRO B 51 -33.21 27.67 -19.37
C PRO B 51 -33.14 27.45 -17.86
N GLY B 52 -32.70 28.46 -17.15
CA GLY B 52 -32.64 28.48 -15.72
C GLY B 52 -34.04 28.57 -15.10
N ARG B 53 -34.15 28.13 -13.85
CA ARG B 53 -35.36 28.32 -13.08
C ARG B 53 -34.96 28.69 -11.64
N ILE B 54 -35.51 29.80 -11.14
CA ILE B 54 -35.32 30.23 -9.77
C ILE B 54 -36.54 29.87 -8.95
N ILE B 55 -36.32 29.26 -7.81
CA ILE B 55 -37.37 28.87 -6.88
C ILE B 55 -37.45 29.95 -5.81
N THR B 56 -38.63 30.47 -5.59
CA THR B 56 -38.84 31.66 -4.71
C THR B 56 -39.49 31.34 -3.36
N GLY B 57 -40.11 30.16 -3.24
CA GLY B 57 -40.80 29.82 -2.04
C GLY B 57 -41.45 28.46 -2.12
N GLY B 58 -42.04 28.04 -1.01
CA GLY B 58 -42.85 26.89 -0.98
C GLY B 58 -43.48 26.63 0.36
N LYS B 59 -44.54 25.83 0.33
CA LYS B 59 -45.31 25.48 1.49
C LYS B 59 -45.92 24.10 1.32
N GLY B 60 -45.78 23.25 2.33
CA GLY B 60 -46.33 21.90 2.27
C GLY B 60 -45.62 21.07 1.19
N ILE B 61 -46.34 20.65 0.18
CA ILE B 61 -45.76 19.88 -0.94
C ILE B 61 -45.64 20.71 -2.20
N ARG B 62 -45.79 22.02 -2.10
CA ARG B 62 -45.82 22.88 -3.26
C ARG B 62 -44.70 23.89 -3.24
N ILE B 63 -44.10 24.10 -4.41
CA ILE B 63 -43.07 25.15 -4.56
C ILE B 63 -43.50 26.13 -5.65
N GLN B 64 -42.85 27.29 -5.63
CA GLN B 64 -43.16 28.37 -6.55
C GLN B 64 -41.90 28.86 -7.24
N ASP B 65 -41.99 29.18 -8.53
CA ASP B 65 -40.85 29.69 -9.30
C ASP B 65 -40.91 31.19 -9.58
N HIS B 66 -39.89 31.69 -10.24
CA HIS B 66 -39.72 33.11 -10.57
C HIS B 66 -40.81 33.72 -11.45
N GLU B 67 -41.53 32.90 -12.21
CA GLU B 67 -42.69 33.35 -12.98
C GLU B 67 -43.97 33.32 -12.17
N GLY B 68 -43.89 32.98 -10.87
CA GLY B 68 -45.08 32.73 -10.06
C GLY B 68 -45.81 31.43 -10.38
N ARG B 69 -45.28 30.57 -11.25
CA ARG B 69 -45.89 29.27 -11.46
C ARG B 69 -45.74 28.42 -10.16
N GLU B 70 -46.74 27.59 -9.86
CA GLU B 70 -46.74 26.71 -8.70
C GLU B 70 -46.63 25.24 -9.13
N TYR B 71 -45.88 24.43 -8.36
CA TYR B 71 -45.74 23.01 -8.68
C TYR B 71 -45.94 22.15 -7.48
N ILE B 72 -46.60 21.02 -7.70
CA ILE B 72 -46.59 19.92 -6.72
C ILE B 72 -45.23 19.24 -6.82
N ASP B 73 -44.44 19.30 -5.76
CA ASP B 73 -43.12 18.65 -5.80
C ASP B 73 -43.24 17.21 -5.31
N ALA B 74 -43.51 16.31 -6.24
CA ALA B 74 -43.66 14.92 -5.89
C ALA B 74 -42.30 14.20 -5.77
N PHE B 75 -41.20 14.97 -5.71
CA PHE B 75 -39.88 14.42 -5.44
C PHE B 75 -39.20 14.99 -4.20
N ALA B 76 -39.92 15.82 -3.46
CA ALA B 76 -39.42 16.37 -2.18
C ALA B 76 -37.98 16.89 -2.29
N GLY B 77 -37.73 17.71 -3.30
CA GLY B 77 -36.40 18.20 -3.59
C GLY B 77 -35.65 17.07 -4.28
N LEU B 78 -34.82 16.38 -3.51
CA LEU B 78 -34.17 15.14 -3.94
C LEU B 78 -34.34 14.14 -2.78
N TYR B 79 -35.53 13.56 -2.70
CA TYR B 79 -35.91 12.62 -1.67
C TYR B 79 -35.61 13.17 -0.26
N CYS B 80 -35.71 14.47 -0.04
CA CYS B 80 -35.19 15.00 1.20
C CYS B 80 -36.08 15.99 1.97
N VAL B 81 -36.98 16.73 1.31
CA VAL B 81 -37.83 17.69 2.03
C VAL B 81 -39.02 16.95 2.67
N ASN B 82 -38.69 16.11 3.66
CA ASN B 82 -39.61 15.07 4.13
C ASN B 82 -40.77 15.59 4.97
N ILE B 83 -40.49 16.60 5.78
CA ILE B 83 -41.53 17.25 6.57
C ILE B 83 -42.30 18.31 5.81
N GLY B 84 -41.95 18.53 4.55
CA GLY B 84 -42.56 19.53 3.71
C GLY B 84 -41.86 20.88 3.77
N TYR B 85 -42.23 21.73 2.82
CA TYR B 85 -41.69 23.09 2.70
C TYR B 85 -42.31 24.10 3.69
N GLY B 86 -41.55 25.15 4.00
CA GLY B 86 -42.06 26.29 4.74
C GLY B 86 -42.30 26.08 6.22
N ARG B 87 -41.54 25.18 6.84
CA ARG B 87 -41.66 24.97 8.27
C ARG B 87 -40.95 26.08 9.04
N THR B 88 -41.71 27.10 9.42
CA THR B 88 -41.11 28.21 10.19
C THR B 88 -40.59 27.73 11.56
N GLU B 89 -41.16 26.62 12.06
CA GLU B 89 -40.66 26.02 13.28
C GLU B 89 -39.16 25.66 13.18
N VAL B 90 -38.76 25.13 12.02
CA VAL B 90 -37.36 24.71 11.80
C VAL B 90 -36.49 25.96 11.57
N ALA B 91 -37.01 26.92 10.80
CA ALA B 91 -36.35 28.19 10.59
C ALA B 91 -36.06 28.88 11.93
N ASP B 92 -37.04 28.86 12.83
CA ASP B 92 -36.88 29.43 14.18
C ASP B 92 -35.77 28.75 14.97
N ALA B 93 -35.74 27.44 14.93
CA ALA B 93 -34.71 26.68 15.63
C ALA B 93 -33.30 26.98 15.09
N ILE B 94 -33.18 27.07 13.79
CA ILE B 94 -31.91 27.44 13.13
C ILE B 94 -31.49 28.82 13.62
N TYR B 95 -32.43 29.76 13.55
CA TYR B 95 -32.21 31.12 14.02
C TYR B 95 -31.73 31.21 15.48
N GLU B 96 -32.42 30.52 16.38
CA GLU B 96 -32.04 30.53 17.80
C GLU B 96 -30.63 30.06 17.98
N GLN B 97 -30.26 28.94 17.34
CA GLN B 97 -28.88 28.45 17.47
C GLN B 97 -27.90 29.44 16.85
N ALA B 98 -28.23 29.96 15.68
CA ALA B 98 -27.37 30.92 15.01
C ALA B 98 -27.10 32.18 15.88
N LYS B 99 -28.10 32.65 16.62
CA LYS B 99 -27.94 33.77 17.55
C LYS B 99 -27.06 33.41 18.72
N GLU B 100 -27.29 32.27 19.31
CA GLU B 100 -26.56 31.86 20.51
C GLU B 100 -25.09 31.49 20.20
N LEU B 101 -24.91 30.64 19.20
CA LEU B 101 -23.61 30.18 18.75
C LEU B 101 -23.75 29.45 17.41
N ALA B 102 -23.48 30.18 16.34
CA ALA B 102 -23.61 29.60 15.00
C ALA B 102 -22.58 28.50 14.78
N TYR B 103 -21.35 28.71 15.30
CA TYR B 103 -20.27 27.76 15.16
C TYR B 103 -19.19 27.81 16.24
N TYR B 104 -18.81 26.61 16.64
CA TYR B 104 -17.47 26.34 17.17
C TYR B 104 -17.18 24.94 16.69
N HIS B 105 -15.91 24.57 16.71
CA HIS B 105 -15.51 23.24 16.27
C HIS B 105 -15.90 22.22 17.34
N THR B 106 -15.88 20.95 16.94
CA THR B 106 -16.06 19.82 17.86
C THR B 106 -14.83 18.95 18.00
N TYR B 107 -13.69 19.52 17.67
CA TYR B 107 -12.39 18.89 17.84
C TYR B 107 -12.04 18.73 19.31
N VAL B 108 -11.18 17.76 19.59
CA VAL B 108 -10.65 17.50 20.95
C VAL B 108 -11.76 17.58 22.01
N GLY B 109 -12.81 16.82 21.81
CA GLY B 109 -13.88 16.69 22.78
C GLY B 109 -14.84 17.87 22.95
N HIS B 110 -14.80 18.86 22.07
CA HIS B 110 -15.69 20.01 22.17
C HIS B 110 -17.04 19.71 21.54
N SER B 111 -18.10 20.35 22.08
CA SER B 111 -19.48 20.12 21.64
C SER B 111 -20.35 21.34 21.83
N THR B 112 -21.55 21.28 21.26
CA THR B 112 -22.69 22.04 21.70
C THR B 112 -23.70 21.09 22.31
N GLU B 113 -24.64 21.65 23.05
CA GLU B 113 -25.71 20.87 23.61
C GLU B 113 -26.52 20.21 22.48
N ALA B 114 -26.78 20.97 21.42
CA ALA B 114 -27.55 20.47 20.29
C ALA B 114 -26.98 19.19 19.66
N ILE B 115 -25.68 19.15 19.41
CA ILE B 115 -25.10 18.00 18.71
C ILE B 115 -25.08 16.77 19.63
N ILE B 116 -24.98 16.99 20.93
CA ILE B 116 -25.03 15.88 21.89
C ILE B 116 -26.45 15.32 21.94
N GLU B 117 -27.46 16.19 22.04
CA GLU B 117 -28.85 15.74 22.11
C GLU B 117 -29.20 14.98 20.83
N LEU B 118 -28.77 15.49 19.70
CA LEU B 118 -29.04 14.82 18.42
C LEU B 118 -28.44 13.42 18.36
N SER B 119 -27.20 13.29 18.82
CA SER B 119 -26.52 12.00 18.77
C SER B 119 -27.29 10.96 19.64
N SER B 120 -27.67 11.35 20.83
CA SER B 120 -28.43 10.47 21.71
C SER B 120 -29.78 10.12 21.11
N ARG B 121 -30.45 11.12 20.53
CA ARG B 121 -31.76 10.86 19.93
C ARG B 121 -31.73 9.91 18.71
N ILE B 122 -30.76 10.10 17.83
CA ILE B 122 -30.57 9.21 16.69
C ILE B 122 -30.35 7.77 17.17
N ILE B 123 -29.43 7.59 18.11
CA ILE B 123 -29.15 6.24 18.61
C ILE B 123 -30.33 5.62 19.35
N ARG B 124 -30.96 6.36 20.25
CA ARG B 124 -32.06 5.83 21.06
C ARG B 124 -33.35 5.66 20.29
N ASP B 125 -33.69 6.59 19.41
CA ASP B 125 -35.04 6.59 18.83
C ASP B 125 -35.17 6.17 17.40
N TRP B 126 -34.10 6.27 16.60
CA TRP B 126 -34.21 6.05 15.16
C TRP B 126 -33.36 4.91 14.62
N ALA B 127 -32.16 4.72 15.14
CA ALA B 127 -31.23 3.75 14.63
C ALA B 127 -31.56 2.35 15.11
N PRO B 128 -31.21 1.32 14.32
CA PRO B 128 -31.46 -0.05 14.81
C PRO B 128 -30.59 -0.45 15.98
N ALA B 129 -30.97 -1.56 16.57
CA ALA B 129 -30.29 -2.09 17.75
C ALA B 129 -28.83 -2.35 17.47
N GLY B 130 -27.99 -2.14 18.47
CA GLY B 130 -26.54 -2.37 18.37
C GLY B 130 -25.74 -1.15 17.90
N MET B 131 -26.41 -0.05 17.53
CA MET B 131 -25.72 1.14 17.10
C MET B 131 -25.26 1.92 18.31
N LYS B 132 -24.13 2.60 18.21
CA LYS B 132 -23.55 3.26 19.37
C LYS B 132 -23.21 4.74 19.17
N LYS B 133 -22.43 5.07 18.11
CA LYS B 133 -21.94 6.45 17.95
C LYS B 133 -22.34 7.08 16.62
N VAL B 134 -22.36 8.41 16.57
CA VAL B 134 -22.61 9.16 15.34
C VAL B 134 -21.48 10.14 15.11
N TYR B 135 -20.95 10.09 13.89
CA TYR B 135 -19.95 11.07 13.39
C TYR B 135 -20.62 11.90 12.32
N TYR B 136 -20.40 13.21 12.36
CA TYR B 136 -21.17 14.12 11.50
C TYR B 136 -20.33 14.75 10.35
N GLY B 137 -20.98 14.84 9.18
CA GLY B 137 -20.52 15.64 8.08
C GLY B 137 -21.66 16.50 7.54
N MET B 138 -21.61 16.84 6.26
CA MET B 138 -22.60 17.67 5.62
C MET B 138 -23.30 17.04 4.43
N SER B 139 -22.84 15.92 3.92
CA SER B 139 -23.46 15.32 2.72
C SER B 139 -23.42 13.82 2.84
N GLY B 140 -24.30 13.18 2.09
CA GLY B 140 -24.29 11.74 1.95
C GLY B 140 -22.95 11.26 1.44
N SER B 141 -22.39 12.01 0.51
CA SER B 141 -21.09 11.68 -0.05
C SER B 141 -19.98 11.70 0.99
N ASP B 142 -19.92 12.75 1.83
CA ASP B 142 -18.82 12.80 2.77
C ASP B 142 -19.01 11.73 3.88
N ALA B 143 -20.25 11.35 4.16
CA ALA B 143 -20.53 10.29 5.10
C ALA B 143 -20.02 8.95 4.59
N ASN B 144 -20.30 8.63 3.33
CA ASN B 144 -19.75 7.39 2.75
C ASN B 144 -18.22 7.41 2.65
N GLU B 145 -17.63 8.58 2.49
CA GLU B 145 -16.19 8.73 2.49
C GLU B 145 -15.64 8.34 3.87
N THR B 146 -16.25 8.87 4.92
CA THR B 146 -15.91 8.49 6.26
C THR B 146 -16.04 6.98 6.46
N GLN B 147 -17.14 6.40 5.98
CA GLN B 147 -17.34 4.95 6.09
C GLN B 147 -16.14 4.13 5.58
N ILE B 148 -15.63 4.47 4.41
CA ILE B 148 -14.53 3.69 3.86
C ILE B 148 -13.27 3.88 4.72
N LYS B 149 -13.00 5.11 5.16
CA LYS B 149 -11.89 5.35 6.07
C LYS B 149 -12.01 4.44 7.33
N LEU B 150 -13.21 4.35 7.90
CA LEU B 150 -13.37 3.55 9.10
C LEU B 150 -13.18 2.07 8.82
N VAL B 151 -13.68 1.60 7.69
CA VAL B 151 -13.50 0.20 7.32
C VAL B 151 -12.01 -0.13 7.16
N TRP B 152 -11.26 0.74 6.48
CA TRP B 152 -9.83 0.51 6.33
C TRP B 152 -9.08 0.56 7.66
N TYR B 153 -9.43 1.55 8.51
CA TYR B 153 -8.81 1.71 9.84
C TYR B 153 -9.10 0.49 10.73
N TYR B 154 -10.37 0.07 10.70
CA TYR B 154 -10.83 -1.12 11.42
C TYR B 154 -9.95 -2.33 11.11
N ASN B 155 -9.75 -2.59 9.84
CA ASN B 155 -8.93 -3.74 9.46
C ASN B 155 -7.44 -3.61 9.74
N ASN B 156 -6.91 -2.40 9.60
CA ASN B 156 -5.49 -2.16 9.94
C ASN B 156 -5.25 -2.39 11.44
N VAL B 157 -6.12 -1.87 12.29
N VAL B 157 -6.12 -1.87 12.30
CA VAL B 157 -5.92 -2.03 13.70
CA VAL B 157 -5.97 -2.03 13.71
C VAL B 157 -6.13 -3.47 14.13
C VAL B 157 -6.13 -3.48 14.13
N LEU B 158 -6.96 -4.22 13.43
CA LEU B 158 -7.07 -5.65 13.69
C LEU B 158 -5.95 -6.49 13.11
N GLY B 159 -4.97 -5.89 12.43
CA GLY B 159 -3.87 -6.64 11.86
C GLY B 159 -4.27 -7.37 10.59
N ARG B 160 -5.21 -6.84 9.80
CA ARG B 160 -5.62 -7.45 8.56
C ARG B 160 -5.41 -6.43 7.43
N PRO B 161 -4.14 -6.10 7.13
CA PRO B 161 -3.88 -5.04 6.13
C PRO B 161 -4.40 -5.36 4.73
N GLN B 162 -4.60 -6.63 4.40
CA GLN B 162 -5.15 -6.99 3.08
C GLN B 162 -6.67 -6.86 2.99
N LYS B 163 -7.35 -6.82 4.12
CA LYS B 163 -8.82 -6.90 4.12
C LYS B 163 -9.40 -5.48 3.92
N LYS B 164 -9.58 -5.09 2.68
CA LYS B 164 -9.85 -3.69 2.31
C LYS B 164 -10.84 -3.42 1.18
N LYS B 165 -11.18 -4.45 0.42
CA LYS B 165 -12.03 -4.24 -0.75
C LYS B 165 -13.47 -4.00 -0.28
N ILE B 166 -14.18 -3.18 -1.05
CA ILE B 166 -15.54 -2.86 -0.79
C ILE B 166 -16.39 -3.33 -1.97
N ILE B 167 -17.45 -4.09 -1.67
CA ILE B 167 -18.36 -4.53 -2.69
C ILE B 167 -19.58 -3.65 -2.69
N SER B 168 -19.88 -3.06 -3.84
CA SER B 168 -21.10 -2.29 -4.05
C SER B 168 -21.93 -3.02 -5.06
N ARG B 169 -22.93 -2.36 -5.65
CA ARG B 169 -23.83 -3.00 -6.60
C ARG B 169 -24.05 -2.14 -7.81
N GLN B 170 -24.28 -2.80 -8.94
CA GLN B 170 -24.73 -2.13 -10.16
C GLN B 170 -26.01 -1.32 -9.85
N ARG B 171 -26.01 -0.09 -10.36
CA ARG B 171 -27.08 0.91 -10.13
C ARG B 171 -27.19 1.46 -8.71
N GLY B 172 -26.31 1.07 -7.80
CA GLY B 172 -26.33 1.68 -6.49
C GLY B 172 -25.92 3.14 -6.62
N TYR B 173 -26.45 3.98 -5.71
CA TYR B 173 -26.00 5.36 -5.64
C TYR B 173 -25.53 5.67 -4.24
N HIS B 174 -24.28 6.09 -4.14
CA HIS B 174 -23.61 6.32 -2.86
C HIS B 174 -22.84 7.61 -2.82
N GLY B 175 -23.02 8.48 -3.80
CA GLY B 175 -22.34 9.75 -3.84
C GLY B 175 -21.57 9.99 -5.10
N SER B 176 -20.89 11.13 -5.10
CA SER B 176 -20.43 11.76 -6.34
C SER B 176 -18.99 12.24 -6.23
N GLY B 177 -18.19 11.63 -5.34
CA GLY B 177 -16.79 11.92 -5.25
C GLY B 177 -15.95 10.93 -6.03
N ILE B 178 -14.69 10.79 -5.66
CA ILE B 178 -13.80 9.84 -6.31
C ILE B 178 -14.07 8.45 -5.71
N MET B 179 -13.81 8.28 -4.42
N MET B 179 -13.81 8.28 -4.42
CA MET B 179 -14.17 7.04 -3.74
CA MET B 179 -14.17 7.02 -3.75
C MET B 179 -15.69 6.76 -3.76
C MET B 179 -15.69 6.76 -3.76
N THR B 180 -16.50 7.77 -3.42
CA THR B 180 -17.92 7.56 -3.33
C THR B 180 -18.56 7.34 -4.70
N GLY B 181 -18.06 8.04 -5.72
CA GLY B 181 -18.50 7.82 -7.06
C GLY B 181 -18.11 6.43 -7.57
N SER B 182 -17.01 5.89 -7.06
CA SER B 182 -16.62 4.54 -7.36
C SER B 182 -17.58 3.53 -6.75
N LEU B 183 -18.05 3.79 -5.53
CA LEU B 183 -19.09 2.94 -4.90
C LEU B 183 -20.36 2.99 -5.72
N THR B 184 -20.70 4.18 -6.17
CA THR B 184 -21.86 4.36 -7.04
C THR B 184 -21.73 3.46 -8.30
N GLY B 185 -22.83 2.85 -8.71
CA GLY B 185 -22.85 1.86 -9.78
C GLY B 185 -23.56 2.36 -11.04
N LEU B 186 -23.48 3.65 -11.33
CA LEU B 186 -24.16 4.29 -12.45
C LEU B 186 -23.05 4.98 -13.26
N PRO B 187 -23.01 4.74 -14.58
CA PRO B 187 -21.84 5.13 -15.34
C PRO B 187 -21.59 6.63 -15.48
N SER B 188 -22.65 7.44 -15.36
CA SER B 188 -22.46 8.88 -15.54
C SER B 188 -21.56 9.47 -14.44
N PHE B 189 -21.52 8.82 -13.27
CA PHE B 189 -20.66 9.22 -12.18
C PHE B 189 -19.23 8.73 -12.31
N HIS B 190 -18.96 7.90 -13.30
CA HIS B 190 -17.63 7.35 -13.60
C HIS B 190 -16.97 7.97 -14.85
N GLN B 191 -17.79 8.28 -15.84
CA GLN B 191 -17.31 8.72 -17.12
C GLN B 191 -16.40 9.97 -17.07
N HIS B 192 -15.19 9.81 -17.58
CA HIS B 192 -14.14 10.81 -17.61
C HIS B 192 -13.57 11.14 -16.25
N PHE B 193 -13.91 10.33 -15.24
CA PHE B 193 -13.32 10.49 -13.92
C PHE B 193 -12.45 9.33 -13.50
N ASP B 194 -12.23 8.36 -14.39
CA ASP B 194 -11.35 7.22 -14.14
C ASP B 194 -11.80 6.34 -13.00
N LEU B 195 -13.11 6.27 -12.82
CA LEU B 195 -13.70 5.46 -11.74
C LEU B 195 -14.30 4.18 -12.34
N PRO B 196 -14.44 3.11 -11.58
CA PRO B 196 -14.14 3.07 -10.14
C PRO B 196 -12.67 2.86 -9.87
N ILE B 197 -12.17 3.42 -8.78
CA ILE B 197 -10.80 3.22 -8.41
C ILE B 197 -10.63 1.83 -7.86
N GLU B 198 -9.38 1.44 -7.67
CA GLU B 198 -9.13 0.03 -7.28
C GLU B 198 -9.62 -0.17 -5.83
N ARG B 199 -9.95 -1.41 -5.55
CA ARG B 199 -10.50 -1.88 -4.29
C ARG B 199 -12.01 -1.87 -4.27
N ILE B 200 -12.66 -1.21 -5.23
CA ILE B 200 -14.11 -1.15 -5.29
C ILE B 200 -14.63 -2.09 -6.35
N LYS B 201 -15.53 -3.02 -5.97
CA LYS B 201 -16.13 -3.97 -6.91
C LYS B 201 -17.62 -3.84 -6.88
N HIS B 202 -18.30 -4.33 -7.90
CA HIS B 202 -19.74 -4.22 -7.98
C HIS B 202 -20.35 -5.57 -8.27
N THR B 203 -21.36 -5.96 -7.50
CA THR B 203 -22.14 -7.16 -7.79
C THR B 203 -23.46 -6.77 -8.47
N VAL B 204 -24.38 -7.72 -8.57
CA VAL B 204 -25.59 -7.52 -9.36
C VAL B 204 -26.61 -6.59 -8.73
N CYS B 205 -27.35 -5.92 -9.62
CA CYS B 205 -28.52 -5.15 -9.27
C CYS B 205 -29.67 -6.09 -8.93
N PRO B 206 -30.21 -6.01 -7.72
CA PRO B 206 -31.27 -6.97 -7.33
C PRO B 206 -32.67 -6.47 -7.77
N HIS B 207 -32.90 -6.56 -9.07
CA HIS B 207 -34.12 -6.09 -9.68
C HIS B 207 -34.80 -7.30 -10.34
N TRP B 208 -35.73 -7.92 -9.64
CA TRP B 208 -36.34 -9.18 -10.11
C TRP B 208 -36.97 -9.04 -11.50
N TYR B 209 -37.61 -7.92 -11.77
CA TYR B 209 -38.20 -7.67 -13.10
C TYR B 209 -37.19 -7.89 -14.22
N LYS B 210 -35.92 -7.62 -13.98
CA LYS B 210 -34.90 -7.82 -15.01
C LYS B 210 -34.07 -9.05 -14.82
N ALA B 211 -34.58 -10.02 -14.06
CA ALA B 211 -33.87 -11.28 -13.82
C ALA B 211 -33.79 -12.11 -15.11
N PRO B 212 -32.81 -13.02 -15.20
CA PRO B 212 -32.86 -14.08 -16.20
C PRO B 212 -34.29 -14.62 -16.35
N ALA B 213 -34.78 -14.66 -17.57
CA ALA B 213 -36.20 -14.91 -17.84
C ALA B 213 -36.69 -16.19 -17.19
N GLY B 214 -37.93 -16.17 -16.68
CA GLY B 214 -38.50 -17.33 -16.04
C GLY B 214 -38.09 -17.59 -14.59
N MET B 215 -37.00 -16.98 -14.10
CA MET B 215 -36.62 -17.16 -12.69
C MET B 215 -37.71 -16.72 -11.73
N SER B 216 -38.00 -17.56 -10.76
CA SER B 216 -38.90 -17.16 -9.70
C SER B 216 -38.15 -16.16 -8.80
N GLU B 217 -38.91 -15.57 -7.89
CA GLU B 217 -38.33 -14.62 -6.96
C GLU B 217 -37.27 -15.29 -6.08
N ALA B 218 -37.54 -16.49 -5.60
CA ALA B 218 -36.58 -17.21 -4.75
C ALA B 218 -35.33 -17.65 -5.50
N GLN B 219 -35.50 -18.04 -6.76
CA GLN B 219 -34.37 -18.41 -7.60
C GLN B 219 -33.49 -17.19 -7.85
N PHE B 220 -34.14 -16.04 -8.05
CA PHE B 220 -33.40 -14.81 -8.29
C PHE B 220 -32.59 -14.39 -7.05
N VAL B 221 -33.18 -14.57 -5.88
CA VAL B 221 -32.47 -14.27 -4.66
C VAL B 221 -31.23 -15.15 -4.56
N ARG B 222 -31.38 -16.45 -4.83
CA ARG B 222 -30.25 -17.39 -4.81
C ARG B 222 -29.18 -17.02 -5.84
N TYR B 223 -29.63 -16.57 -6.99
CA TYR B 223 -28.73 -16.07 -8.01
C TYR B 223 -27.90 -14.86 -7.47
N CYS B 224 -28.57 -13.89 -6.84
CA CYS B 224 -27.87 -12.74 -6.28
C CYS B 224 -26.85 -13.16 -5.20
N ALA B 225 -27.26 -14.07 -4.34
CA ALA B 225 -26.38 -14.58 -3.28
C ALA B 225 -25.19 -15.33 -3.87
N ASP B 226 -25.45 -16.20 -4.84
CA ASP B 226 -24.36 -16.97 -5.46
C ASP B 226 -23.39 -16.05 -6.20
N GLU B 227 -23.90 -15.05 -6.91
CA GLU B 227 -23.01 -14.13 -7.67
C GLU B 227 -22.13 -13.34 -6.68
N LEU B 228 -22.72 -12.92 -5.54
CA LEU B 228 -21.94 -12.27 -4.50
C LEU B 228 -20.83 -13.19 -4.02
N GLU B 229 -21.20 -14.44 -3.73
CA GLU B 229 -20.22 -15.40 -3.25
C GLU B 229 -19.09 -15.64 -4.27
N LYS B 230 -19.47 -15.74 -5.53
CA LYS B 230 -18.48 -15.93 -6.62
C LYS B 230 -17.50 -14.78 -6.69
N LEU B 231 -18.00 -13.57 -6.53
CA LEU B 231 -17.17 -12.40 -6.54
C LEU B 231 -16.22 -12.39 -5.32
N ILE B 232 -16.76 -12.70 -4.14
CA ILE B 232 -15.95 -12.77 -2.94
C ILE B 232 -14.82 -13.80 -3.08
N LEU B 233 -15.16 -14.97 -3.59
CA LEU B 233 -14.18 -16.02 -3.81
C LEU B 233 -13.19 -15.67 -4.92
N ALA B 234 -13.62 -14.98 -5.95
CA ALA B 234 -12.69 -14.56 -6.99
C ALA B 234 -11.68 -13.54 -6.48
N GLU B 235 -12.13 -12.66 -5.59
CA GLU B 235 -11.24 -11.65 -5.03
C GLU B 235 -10.36 -12.17 -3.92
N GLY B 236 -10.82 -13.23 -3.27
CA GLY B 236 -10.15 -13.74 -2.05
C GLY B 236 -10.86 -13.18 -0.83
N PRO B 237 -11.56 -14.03 -0.07
CA PRO B 237 -12.40 -13.52 1.02
C PRO B 237 -11.64 -12.72 2.06
N ASP B 238 -10.40 -13.08 2.31
CA ASP B 238 -9.56 -12.37 3.26
C ASP B 238 -9.19 -10.93 2.80
N THR B 239 -9.47 -10.60 1.54
CA THR B 239 -9.24 -9.27 1.00
C THR B 239 -10.50 -8.39 0.97
N VAL B 240 -11.65 -8.95 1.29
CA VAL B 240 -12.91 -8.23 1.20
C VAL B 240 -13.35 -7.75 2.57
N ALA B 241 -13.49 -6.43 2.74
CA ALA B 241 -13.79 -5.82 4.04
C ALA B 241 -15.23 -5.52 4.30
N ALA B 242 -15.94 -5.03 3.28
CA ALA B 242 -17.32 -4.57 3.43
C ALA B 242 -18.14 -4.63 2.17
N PHE B 243 -19.45 -4.53 2.40
CA PHE B 243 -20.48 -4.56 1.39
C PHE B 243 -21.37 -3.39 1.72
N ILE B 244 -21.68 -2.58 0.70
CA ILE B 244 -22.50 -1.40 0.89
C ILE B 244 -23.72 -1.51 0.03
N GLY B 245 -24.89 -1.22 0.62
CA GLY B 245 -26.14 -1.22 -0.15
C GLY B 245 -27.22 -0.36 0.47
N GLU B 246 -27.95 0.31 -0.41
CA GLU B 246 -29.21 0.96 -0.05
C GLU B 246 -30.26 -0.12 0.19
N PRO B 247 -31.08 0.03 1.26
CA PRO B 247 -32.16 -0.98 1.45
C PRO B 247 -33.03 -1.13 0.21
N VAL B 248 -33.45 0.03 -0.28
CA VAL B 248 -34.13 0.20 -1.56
C VAL B 248 -33.26 1.15 -2.38
N MET B 249 -33.00 0.80 -3.63
CA MET B 249 -32.14 1.65 -4.48
C MET B 249 -32.90 2.87 -4.90
N GLY B 250 -32.33 4.04 -4.64
CA GLY B 250 -32.98 5.31 -4.94
C GLY B 250 -32.70 5.78 -6.34
N THR B 251 -31.62 6.50 -6.51
CA THR B 251 -31.26 7.12 -7.80
C THR B 251 -31.06 6.09 -8.95
N GLY B 252 -30.73 4.84 -8.65
CA GLY B 252 -30.65 3.78 -9.63
C GLY B 252 -31.98 3.25 -10.11
N GLY B 253 -33.07 3.83 -9.62
CA GLY B 253 -34.37 3.63 -10.18
C GLY B 253 -35.54 3.24 -9.28
N ILE B 254 -35.46 3.48 -7.96
CA ILE B 254 -36.54 3.06 -7.05
C ILE B 254 -36.78 1.58 -7.19
N ILE B 255 -35.83 0.81 -6.68
CA ILE B 255 -35.82 -0.64 -6.86
C ILE B 255 -35.84 -1.32 -5.51
N PRO B 256 -37.04 -1.74 -5.08
CA PRO B 256 -37.10 -2.56 -3.87
C PRO B 256 -36.45 -3.91 -4.12
N PRO B 257 -35.81 -4.47 -3.09
CA PRO B 257 -35.16 -5.76 -3.20
C PRO B 257 -36.21 -6.87 -3.29
N PRO B 258 -35.86 -8.00 -3.89
CA PRO B 258 -36.77 -9.16 -3.81
C PRO B 258 -36.97 -9.64 -2.38
N GLN B 259 -38.09 -10.28 -2.16
CA GLN B 259 -38.43 -10.91 -0.87
C GLN B 259 -37.34 -11.91 -0.50
N GLY B 260 -36.78 -11.75 0.70
CA GLY B 260 -35.71 -12.66 1.19
C GLY B 260 -34.28 -12.25 0.79
N TYR B 261 -34.14 -11.18 -0.03
CA TYR B 261 -32.83 -10.77 -0.50
C TYR B 261 -31.86 -10.47 0.63
N TRP B 262 -32.26 -9.63 1.55
CA TRP B 262 -31.36 -9.17 2.57
C TRP B 262 -30.92 -10.28 3.54
N GLU B 263 -31.80 -11.23 3.84
CA GLU B 263 -31.40 -12.36 4.68
C GLU B 263 -30.34 -13.20 3.95
N ALA B 264 -30.56 -13.44 2.65
CA ALA B 264 -29.63 -14.26 1.88
C ALA B 264 -28.27 -13.60 1.74
N ILE B 265 -28.27 -12.28 1.51
CA ILE B 265 -27.02 -11.52 1.40
C ILE B 265 -26.28 -11.55 2.73
N GLN B 266 -26.98 -11.26 3.82
CA GLN B 266 -26.35 -11.26 5.14
C GLN B 266 -25.73 -12.61 5.51
N ALA B 267 -26.35 -13.73 5.12
CA ALA B 267 -25.73 -15.04 5.40
C ALA B 267 -24.40 -15.18 4.66
N VAL B 268 -24.32 -14.68 3.43
CA VAL B 268 -23.03 -14.69 2.71
C VAL B 268 -21.99 -13.77 3.42
N LEU B 269 -22.42 -12.58 3.82
CA LEU B 269 -21.49 -11.66 4.48
C LEU B 269 -20.97 -12.25 5.80
N ASN B 270 -21.85 -12.89 6.56
CA ASN B 270 -21.45 -13.55 7.83
C ASN B 270 -20.46 -14.66 7.59
N LYS B 271 -20.68 -15.45 6.56
CA LYS B 271 -19.80 -16.54 6.25
C LYS B 271 -18.36 -16.08 6.01
N TYR B 272 -18.20 -14.94 5.34
CA TYR B 272 -16.85 -14.46 5.01
C TYR B 272 -16.38 -13.30 5.88
N ASP B 273 -17.10 -13.03 6.97
CA ASP B 273 -16.71 -11.99 7.92
C ASP B 273 -16.55 -10.60 7.22
N ILE B 274 -17.60 -10.20 6.52
CA ILE B 274 -17.64 -8.96 5.80
C ILE B 274 -18.67 -8.01 6.44
N LEU B 275 -18.28 -6.75 6.65
CA LEU B 275 -19.15 -5.77 7.27
C LEU B 275 -20.24 -5.35 6.31
N LEU B 276 -21.41 -5.06 6.86
CA LEU B 276 -22.53 -4.49 6.10
C LEU B 276 -22.64 -2.98 6.42
N ILE B 277 -22.53 -2.17 5.37
CA ILE B 277 -22.84 -0.76 5.44
C ILE B 277 -24.21 -0.56 4.84
N ALA B 278 -25.19 -0.15 5.65
CA ALA B 278 -26.51 0.22 5.14
C ALA B 278 -26.50 1.70 4.76
N ASP B 279 -26.65 1.99 3.47
CA ASP B 279 -26.74 3.35 3.03
C ASP B 279 -28.21 3.80 3.14
N GLU B 280 -28.49 4.58 4.19
CA GLU B 280 -29.84 5.03 4.50
C GLU B 280 -30.08 6.50 4.14
N VAL B 281 -29.30 7.02 3.23
CA VAL B 281 -29.43 8.42 2.86
C VAL B 281 -30.85 8.77 2.44
N VAL B 282 -31.43 7.95 1.56
CA VAL B 282 -32.83 8.10 1.13
C VAL B 282 -33.81 7.45 2.09
N CYS B 283 -33.54 6.21 2.47
CA CYS B 283 -34.54 5.42 3.25
C CYS B 283 -34.70 5.84 4.70
N GLY B 284 -33.71 6.55 5.23
CA GLY B 284 -33.72 6.94 6.63
C GLY B 284 -34.82 7.94 7.04
N PHE B 285 -35.21 7.83 8.30
CA PHE B 285 -36.10 8.80 8.94
C PHE B 285 -37.51 8.83 8.36
N GLY B 286 -38.09 7.64 8.19
CA GLY B 286 -39.51 7.47 7.90
C GLY B 286 -39.94 7.24 6.49
N ARG B 287 -39.02 7.39 5.55
CA ARG B 287 -39.34 7.41 4.12
C ARG B 287 -40.09 6.13 3.66
N LEU B 288 -39.73 4.96 4.20
CA LEU B 288 -40.37 3.69 3.82
C LEU B 288 -41.56 3.29 4.71
N GLY B 289 -41.90 4.12 5.69
CA GLY B 289 -42.92 3.81 6.66
C GLY B 289 -42.32 3.08 7.88
N SER B 290 -41.00 3.08 7.99
CA SER B 290 -40.31 2.60 9.17
C SER B 290 -39.27 3.62 9.56
N LYS B 291 -38.67 3.44 10.74
CA LYS B 291 -37.61 4.33 11.18
C LYS B 291 -36.54 4.55 10.13
N MET B 292 -36.03 3.44 9.64
CA MET B 292 -35.06 3.37 8.53
C MET B 292 -35.36 2.12 7.71
N GLY B 293 -34.72 2.03 6.55
CA GLY B 293 -34.84 0.86 5.69
C GLY B 293 -34.37 -0.43 6.34
N SER B 294 -33.33 -0.32 7.18
CA SER B 294 -32.80 -1.46 7.90
C SER B 294 -33.86 -2.18 8.73
N GLN B 295 -34.60 -1.43 9.54
CA GLN B 295 -35.69 -2.03 10.33
C GLN B 295 -36.77 -2.60 9.40
N HIS B 296 -37.05 -1.90 8.32
CA HIS B 296 -38.07 -2.29 7.41
C HIS B 296 -37.84 -3.67 6.81
N TYR B 297 -36.59 -3.97 6.48
CA TYR B 297 -36.22 -5.23 5.82
C TYR B 297 -35.51 -6.24 6.76
N GLY B 298 -35.39 -5.93 8.04
CA GLY B 298 -34.67 -6.80 8.97
C GLY B 298 -33.15 -6.85 8.74
N MET B 299 -32.57 -5.80 8.20
CA MET B 299 -31.13 -5.76 8.01
C MET B 299 -30.42 -5.54 9.34
N LYS B 300 -29.22 -6.06 9.48
CA LYS B 300 -28.40 -5.90 10.66
C LYS B 300 -27.05 -5.30 10.28
N PRO B 301 -27.01 -3.99 10.06
CA PRO B 301 -25.77 -3.41 9.59
C PRO B 301 -24.77 -3.19 10.69
N ASP B 302 -23.50 -3.10 10.31
CA ASP B 302 -22.43 -2.70 11.21
C ASP B 302 -22.18 -1.20 11.22
N LEU B 303 -22.60 -0.56 10.15
CA LEU B 303 -22.33 0.85 9.85
C LEU B 303 -23.50 1.39 9.05
N ILE B 304 -23.93 2.63 9.32
CA ILE B 304 -25.07 3.21 8.62
C ILE B 304 -24.77 4.63 8.19
N THR B 305 -25.17 4.94 6.96
CA THR B 305 -25.01 6.27 6.41
C THR B 305 -26.36 7.00 6.39
N VAL B 306 -26.41 8.21 6.91
CA VAL B 306 -27.63 9.02 6.87
C VAL B 306 -27.34 10.45 6.42
N ALA B 307 -28.37 11.08 5.85
CA ALA B 307 -28.38 12.49 5.51
C ALA B 307 -29.83 12.87 5.14
N LYS B 308 -30.05 13.73 4.14
CA LYS B 308 -31.40 14.05 3.61
C LYS B 308 -32.52 14.21 4.69
N GLY B 309 -33.28 13.15 4.92
CA GLY B 309 -34.37 13.18 5.88
C GLY B 309 -33.98 13.42 7.33
N LEU B 310 -32.69 13.33 7.61
CA LEU B 310 -32.09 13.73 8.90
C LEU B 310 -32.43 15.18 9.27
N THR B 311 -32.37 16.09 8.31
CA THR B 311 -32.81 17.48 8.53
C THR B 311 -33.97 17.92 7.64
N SER B 312 -34.51 17.00 6.85
CA SER B 312 -35.42 17.39 5.75
C SER B 312 -34.84 18.48 4.84
N ALA B 313 -33.53 18.46 4.69
CA ALA B 313 -32.76 19.41 3.92
C ALA B 313 -32.83 20.87 4.42
N TYR B 314 -33.37 21.11 5.62
CA TYR B 314 -33.41 22.47 6.15
C TYR B 314 -32.00 23.04 6.39
N ALA B 315 -31.06 22.15 6.68
CA ALA B 315 -29.65 22.46 6.70
C ALA B 315 -28.86 21.22 6.31
N PRO B 316 -27.63 21.39 5.76
CA PRO B 316 -26.84 20.24 5.34
C PRO B 316 -26.21 19.50 6.49
N LEU B 317 -26.56 18.23 6.62
CA LEU B 317 -25.99 17.41 7.70
C LEU B 317 -26.00 15.96 7.26
N SER B 318 -24.92 15.27 7.55
CA SER B 318 -24.82 13.84 7.36
C SER B 318 -24.33 13.19 8.63
N GLY B 319 -24.57 11.90 8.68
CA GLY B 319 -24.18 11.08 9.81
C GLY B 319 -23.62 9.73 9.37
N VAL B 320 -22.60 9.30 10.12
CA VAL B 320 -22.13 7.93 10.08
C VAL B 320 -22.47 7.34 11.43
N ILE B 321 -23.35 6.35 11.43
CA ILE B 321 -23.77 5.68 12.66
C ILE B 321 -22.92 4.41 12.78
N VAL B 322 -22.18 4.32 13.86
CA VAL B 322 -21.16 3.29 14.06
C VAL B 322 -21.69 2.25 15.07
N GLY B 323 -21.76 1.00 14.64
CA GLY B 323 -22.14 -0.09 15.55
C GLY B 323 -21.09 -0.35 16.65
N GLU B 324 -21.52 -1.12 17.65
CA GLU B 324 -20.68 -1.49 18.80
C GLU B 324 -19.40 -2.18 18.40
N LYS B 325 -19.51 -3.12 17.46
CA LYS B 325 -18.35 -3.89 17.07
C LYS B 325 -17.27 -2.98 16.47
N VAL B 326 -17.63 -2.14 15.52
CA VAL B 326 -16.65 -1.26 14.90
C VAL B 326 -16.13 -0.23 15.90
N TRP B 327 -17.03 0.30 16.73
CA TRP B 327 -16.67 1.33 17.70
C TRP B 327 -15.62 0.83 18.68
N ASP B 328 -15.79 -0.41 19.13
CA ASP B 328 -14.86 -1.00 20.07
C ASP B 328 -13.43 -1.04 19.48
N VAL B 329 -13.34 -1.36 18.20
CA VAL B 329 -12.05 -1.42 17.54
C VAL B 329 -11.48 0.00 17.31
N ILE B 330 -12.37 0.95 17.02
CA ILE B 330 -11.95 2.35 16.99
C ILE B 330 -11.34 2.78 18.31
N GLU B 331 -11.97 2.45 19.42
CA GLU B 331 -11.39 2.73 20.75
C GLU B 331 -10.01 2.12 20.94
N LYS B 332 -9.90 0.82 20.63
CA LYS B 332 -8.62 0.10 20.70
C LYS B 332 -7.54 0.74 19.84
N GLY B 333 -7.91 1.12 18.62
CA GLY B 333 -6.97 1.82 17.76
C GLY B 333 -6.41 3.06 18.44
N SER B 334 -7.30 3.83 19.09
CA SER B 334 -6.86 5.08 19.73
C SER B 334 -5.90 4.80 20.89
N GLN B 335 -6.17 3.74 21.63
CA GLN B 335 -5.29 3.33 22.73
C GLN B 335 -3.91 2.97 22.23
N GLU B 336 -3.81 2.26 21.13
CA GLU B 336 -2.52 1.86 20.58
C GLU B 336 -1.84 3.02 19.81
N HIS B 337 -2.59 3.85 19.11
CA HIS B 337 -2.00 4.77 18.14
C HIS B 337 -2.26 6.23 18.37
N GLY B 338 -3.05 6.58 19.38
CA GLY B 338 -3.43 7.97 19.58
C GLY B 338 -4.68 8.33 18.74
N PRO B 339 -5.02 9.63 18.71
CA PRO B 339 -6.26 10.05 18.05
C PRO B 339 -6.24 9.72 16.57
N MET B 340 -7.35 9.23 16.05
CA MET B 340 -7.50 9.04 14.61
C MET B 340 -7.40 10.39 13.88
N GLY B 341 -6.68 10.40 12.75
CA GLY B 341 -6.61 11.58 11.89
C GLY B 341 -7.80 11.70 10.98
N HIS B 342 -8.92 12.10 11.54
CA HIS B 342 -10.15 12.33 10.78
C HIS B 342 -10.97 13.45 11.37
N GLY B 343 -11.21 14.48 10.57
CA GLY B 343 -12.07 15.56 10.93
C GLY B 343 -12.38 16.49 9.79
N TRP B 344 -13.62 16.98 9.77
CA TRP B 344 -14.01 18.09 8.90
C TRP B 344 -14.18 19.31 9.82
N THR B 345 -13.79 20.48 9.33
CA THR B 345 -13.97 21.75 10.07
C THR B 345 -15.37 21.92 10.65
N TYR B 346 -16.35 21.66 9.82
CA TYR B 346 -17.74 21.82 10.11
C TYR B 346 -18.40 20.56 10.65
N SER B 347 -17.62 19.56 11.07
CA SER B 347 -18.22 18.39 11.68
C SER B 347 -18.99 18.79 12.95
N GLY B 348 -20.27 18.44 12.97
CA GLY B 348 -21.18 18.74 14.07
C GLY B 348 -21.67 20.19 14.12
N HIS B 349 -21.74 20.83 12.95
CA HIS B 349 -22.14 22.23 12.86
C HIS B 349 -23.43 22.56 13.66
N PRO B 350 -23.34 23.49 14.64
CA PRO B 350 -24.45 23.78 15.54
C PRO B 350 -25.78 24.10 14.85
N ILE B 351 -25.79 24.95 13.83
CA ILE B 351 -27.08 25.30 13.22
C ILE B 351 -27.70 24.09 12.50
N CYS B 352 -26.84 23.24 11.94
CA CYS B 352 -27.29 22.04 11.28
C CYS B 352 -27.88 21.05 12.31
N ALA B 353 -27.22 20.88 13.46
CA ALA B 353 -27.76 20.06 14.52
C ALA B 353 -29.13 20.59 15.01
N ALA B 354 -29.27 21.92 15.14
CA ALA B 354 -30.51 22.52 15.61
C ALA B 354 -31.66 22.22 14.63
N ALA B 355 -31.34 22.31 13.34
CA ALA B 355 -32.29 22.00 12.30
C ALA B 355 -32.75 20.55 12.39
N ALA B 356 -31.81 19.63 12.60
CA ALA B 356 -32.13 18.20 12.73
C ALA B 356 -33.05 17.97 13.90
N LEU B 357 -32.77 18.58 15.04
CA LEU B 357 -33.58 18.40 16.24
C LEU B 357 -35.03 18.82 16.01
N ALA B 358 -35.22 19.97 15.38
CA ALA B 358 -36.56 20.46 15.07
C ALA B 358 -37.24 19.55 14.07
N ASN B 359 -36.45 19.09 13.10
CA ASN B 359 -36.95 18.15 12.10
C ASN B 359 -37.44 16.85 12.77
N LEU B 360 -36.63 16.28 13.65
CA LEU B 360 -37.05 15.07 14.38
C LEU B 360 -38.30 15.31 15.23
N ASP B 361 -38.35 16.46 15.93
CA ASP B 361 -39.52 16.82 16.71
C ASP B 361 -40.79 16.73 15.87
N ILE B 362 -40.72 17.27 14.66
CA ILE B 362 -41.85 17.27 13.76
C ILE B 362 -42.20 15.89 13.22
N LEU B 363 -41.18 15.12 12.79
CA LEU B 363 -41.42 13.75 12.33
C LEU B 363 -42.15 12.92 13.42
N GLU B 364 -41.72 13.10 14.65
CA GLU B 364 -42.29 12.39 15.79
C GLU B 364 -43.68 12.89 16.16
N ARG B 365 -43.82 14.20 16.38
CA ARG B 365 -45.07 14.78 16.80
C ARG B 365 -46.22 14.46 15.82
N GLU B 366 -45.95 14.55 14.51
CA GLU B 366 -46.97 14.31 13.50
C GLU B 366 -47.05 12.85 13.04
N ASN B 367 -46.28 11.98 13.65
CA ASN B 367 -46.16 10.58 13.22
C ASN B 367 -46.04 10.41 11.70
N LEU B 368 -45.03 11.06 11.13
CA LEU B 368 -44.87 11.05 9.68
C LEU B 368 -44.35 9.73 9.15
N THR B 369 -43.66 8.95 9.99
CA THR B 369 -43.34 7.55 9.67
C THR B 369 -44.64 6.76 9.39
N GLY B 370 -45.64 6.94 10.25
CA GLY B 370 -46.96 6.30 10.07
C GLY B 370 -47.70 6.84 8.84
N ASN B 371 -47.62 8.15 8.60
CA ASN B 371 -48.23 8.71 7.43
C ASN B 371 -47.57 8.17 6.15
N ALA B 372 -46.25 8.04 6.18
CA ALA B 372 -45.52 7.47 5.06
C ALA B 372 -45.96 6.03 4.79
N ALA B 373 -46.15 5.23 5.83
CA ALA B 373 -46.63 3.87 5.65
C ALA B 373 -48.07 3.84 5.04
N ASP B 374 -48.96 4.66 5.59
CA ASP B 374 -50.40 4.67 5.22
C ASP B 374 -50.64 5.25 3.85
N VAL B 375 -50.27 6.52 3.69
CA VAL B 375 -50.46 7.20 2.42
C VAL B 375 -49.53 6.64 1.34
N GLY B 376 -48.34 6.17 1.75
CA GLY B 376 -47.42 5.52 0.84
C GLY B 376 -48.02 4.28 0.21
N ALA B 377 -48.62 3.43 1.04
CA ALA B 377 -49.34 2.25 0.52
C ALA B 377 -50.47 2.64 -0.44
N TYR B 378 -51.17 3.73 -0.13
CA TYR B 378 -52.19 4.27 -1.02
C TYR B 378 -51.58 4.68 -2.36
N LEU B 379 -50.47 5.38 -2.32
CA LEU B 379 -49.71 5.72 -3.51
C LEU B 379 -49.33 4.47 -4.34
N GLN B 380 -48.78 3.48 -3.68
CA GLN B 380 -48.41 2.21 -4.36
C GLN B 380 -49.64 1.60 -5.09
N GLN B 381 -50.75 1.53 -4.36
CA GLN B 381 -51.99 0.93 -4.83
C GLN B 381 -52.58 1.72 -6.00
N ARG B 382 -52.61 3.05 -5.87
CA ARG B 382 -53.18 3.90 -6.92
C ARG B 382 -52.36 3.85 -8.20
N LEU B 383 -51.02 3.80 -8.08
CA LEU B 383 -50.17 3.66 -9.27
C LEU B 383 -50.35 2.30 -9.95
N ARG B 384 -50.45 1.23 -9.17
CA ARG B 384 -50.71 -0.12 -9.76
C ARG B 384 -52.08 -0.19 -10.48
N GLU B 385 -53.12 0.34 -9.86
CA GLU B 385 -54.47 0.36 -10.47
C GLU B 385 -54.46 1.17 -11.75
N THR B 386 -53.81 2.34 -11.70
CA THR B 386 -53.81 3.25 -12.83
C THR B 386 -52.90 2.80 -13.97
N PHE B 387 -51.73 2.22 -13.66
CA PHE B 387 -50.71 1.93 -14.69
C PHE B 387 -50.38 0.46 -14.90
N GLY B 388 -50.91 -0.43 -14.07
CA GLY B 388 -50.69 -1.88 -14.21
C GLY B 388 -50.92 -2.44 -15.61
N GLY B 389 -51.96 -2.01 -16.29
CA GLY B 389 -52.19 -2.45 -17.68
C GLY B 389 -51.89 -1.43 -18.75
N HIS B 390 -51.20 -0.35 -18.42
CA HIS B 390 -50.94 0.70 -19.39
C HIS B 390 -49.88 0.21 -20.40
N PRO B 391 -50.14 0.39 -21.71
CA PRO B 391 -49.23 -0.16 -22.74
C PRO B 391 -47.78 0.36 -22.73
N LEU B 392 -47.56 1.57 -22.25
CA LEU B 392 -46.22 2.18 -22.08
C LEU B 392 -45.43 1.67 -20.88
N VAL B 393 -46.10 1.12 -19.88
CA VAL B 393 -45.51 0.82 -18.59
C VAL B 393 -45.17 -0.66 -18.48
N GLY B 394 -43.87 -0.95 -18.38
CA GLY B 394 -43.40 -2.31 -18.15
C GLY B 394 -43.47 -2.75 -16.69
N GLU B 395 -43.25 -1.84 -15.75
CA GLU B 395 -43.29 -2.15 -14.33
C GLU B 395 -43.72 -0.94 -13.48
N VAL B 396 -44.57 -1.21 -12.51
CA VAL B 396 -44.93 -0.29 -11.46
C VAL B 396 -44.30 -0.87 -10.21
N ARG B 397 -43.50 -0.07 -9.52
CA ARG B 397 -42.82 -0.60 -8.34
C ARG B 397 -42.68 0.47 -7.28
N GLY B 398 -42.38 0.03 -6.06
CA GLY B 398 -42.13 0.95 -4.97
C GLY B 398 -42.50 0.32 -3.65
N VAL B 399 -42.24 1.08 -2.60
CA VAL B 399 -42.47 0.69 -1.23
C VAL B 399 -42.53 1.98 -0.43
N GLY B 400 -43.41 2.01 0.56
CA GLY B 400 -43.63 3.23 1.36
C GLY B 400 -43.84 4.47 0.49
N MET B 401 -43.05 5.51 0.75
CA MET B 401 -43.18 6.77 0.03
C MET B 401 -42.16 6.92 -1.10
N LEU B 402 -41.78 5.81 -1.72
CA LEU B 402 -41.01 5.77 -2.93
C LEU B 402 -41.75 4.95 -3.97
N ALA B 403 -41.79 5.44 -5.20
CA ALA B 403 -42.43 4.70 -6.26
C ALA B 403 -41.90 5.09 -7.60
N ALA B 404 -42.09 4.18 -8.58
CA ALA B 404 -41.64 4.45 -9.93
C ALA B 404 -42.48 3.70 -10.98
N LEU B 405 -42.49 4.27 -12.18
CA LEU B 405 -42.99 3.64 -13.37
C LEU B 405 -41.84 3.50 -14.32
N GLU B 406 -41.57 2.28 -14.77
CA GLU B 406 -40.56 2.07 -15.79
C GLU B 406 -41.25 1.78 -17.14
N PHE B 407 -40.85 2.54 -18.14
CA PHE B 407 -41.43 2.51 -19.46
C PHE B 407 -40.65 1.59 -20.37
N MET B 408 -41.35 0.73 -21.08
N MET B 408 -41.36 0.74 -21.09
CA MET B 408 -40.75 -0.27 -21.94
CA MET B 408 -40.75 -0.28 -21.93
C MET B 408 -41.41 -0.29 -23.32
C MET B 408 -41.41 -0.29 -23.32
N ALA B 409 -40.60 -0.58 -24.33
CA ALA B 409 -41.09 -0.62 -25.72
C ALA B 409 -41.87 -1.90 -25.96
N ASP B 410 -41.42 -3.00 -25.37
CA ASP B 410 -42.11 -4.26 -25.44
C ASP B 410 -42.19 -4.91 -24.11
N LYS B 411 -43.37 -4.85 -23.50
CA LYS B 411 -43.61 -5.30 -22.13
C LYS B 411 -43.27 -6.76 -21.87
N ASP B 412 -43.81 -7.65 -22.70
CA ASP B 412 -43.63 -9.09 -22.51
C ASP B 412 -42.16 -9.51 -22.63
N ALA B 413 -41.45 -8.96 -23.62
CA ALA B 413 -40.03 -9.28 -23.80
C ALA B 413 -39.07 -8.46 -22.95
N ARG B 414 -39.59 -7.41 -22.32
CA ARG B 414 -38.76 -6.48 -21.52
C ARG B 414 -37.72 -5.80 -22.38
N THR B 415 -38.19 -5.28 -23.51
CA THR B 415 -37.35 -4.55 -24.41
C THR B 415 -37.51 -3.07 -24.13
N PRO B 416 -36.43 -2.40 -23.75
CA PRO B 416 -36.53 -0.99 -23.49
C PRO B 416 -36.63 -0.21 -24.78
N PHE B 417 -37.05 1.05 -24.66
CA PHE B 417 -37.01 1.98 -25.78
C PHE B 417 -35.58 2.33 -26.11
N ASP B 418 -35.35 2.74 -27.35
CA ASP B 418 -34.11 3.36 -27.73
C ASP B 418 -33.94 4.60 -26.81
N PRO B 419 -32.81 4.67 -26.11
CA PRO B 419 -32.54 5.84 -25.24
C PRO B 419 -32.71 7.21 -25.91
N ALA B 420 -32.38 7.28 -27.20
CA ALA B 420 -32.46 8.52 -27.97
C ALA B 420 -33.88 9.07 -28.07
N LEU B 421 -34.87 8.18 -27.92
CA LEU B 421 -36.27 8.58 -27.87
C LEU B 421 -36.66 9.40 -26.63
N LYS B 422 -35.88 9.30 -25.55
CA LYS B 422 -36.09 10.08 -24.33
C LYS B 422 -37.50 9.97 -23.74
N VAL B 423 -38.00 8.76 -23.65
CA VAL B 423 -39.36 8.54 -23.16
C VAL B 423 -39.54 9.04 -21.70
N GLY B 424 -38.62 8.63 -20.84
CA GLY B 424 -38.64 9.06 -19.44
C GLY B 424 -38.65 10.55 -19.29
N PRO B 425 -37.62 11.23 -19.86
CA PRO B 425 -37.57 12.71 -19.80
C PRO B 425 -38.79 13.40 -20.37
N LYS B 426 -39.36 12.84 -21.42
CA LYS B 426 -40.58 13.39 -22.01
C LYS B 426 -41.79 13.28 -21.09
N VAL B 427 -41.93 12.15 -20.41
CA VAL B 427 -43.00 12.02 -19.43
C VAL B 427 -42.82 13.04 -18.30
N SER B 428 -41.60 13.16 -17.81
CA SER B 428 -41.31 14.10 -16.74
C SER B 428 -41.62 15.54 -17.15
N ALA B 429 -41.19 15.91 -18.35
CA ALA B 429 -41.45 17.25 -18.90
C ALA B 429 -42.95 17.53 -19.06
N ALA B 430 -43.71 16.51 -19.45
CA ALA B 430 -45.16 16.65 -19.58
C ALA B 430 -45.83 16.86 -18.23
N CYS B 431 -45.41 16.09 -17.20
CA CYS B 431 -45.85 16.33 -15.83
C CYS B 431 -45.59 17.75 -15.42
N LEU B 432 -44.40 18.26 -15.77
CA LEU B 432 -43.97 19.58 -15.33
C LEU B 432 -44.82 20.69 -15.96
N GLU B 433 -45.10 20.55 -17.24
CA GLU B 433 -46.06 21.43 -17.92
C GLU B 433 -47.40 21.46 -17.21
N ASP B 434 -47.87 20.34 -16.66
CA ASP B 434 -49.11 20.29 -15.87
C ASP B 434 -48.91 20.60 -14.40
N GLY B 435 -47.78 21.18 -14.02
CA GLY B 435 -47.56 21.62 -12.65
C GLY B 435 -47.17 20.55 -11.61
N MET B 436 -46.50 19.50 -12.05
CA MET B 436 -46.04 18.47 -11.11
C MET B 436 -44.62 18.05 -11.40
N ILE B 437 -43.81 17.97 -10.35
CA ILE B 437 -42.41 17.58 -10.45
C ILE B 437 -42.28 16.14 -10.06
N ALA B 438 -41.90 15.32 -11.04
CA ALA B 438 -41.55 13.94 -10.81
C ALA B 438 -40.33 13.70 -11.69
N ARG B 439 -39.39 12.93 -11.20
CA ARG B 439 -38.07 12.87 -11.83
C ARG B 439 -37.95 11.80 -12.95
N ALA B 440 -37.33 12.18 -14.05
CA ALA B 440 -36.87 11.21 -15.02
C ALA B 440 -35.57 10.64 -14.47
N MET B 441 -35.62 9.41 -13.98
CA MET B 441 -34.46 8.78 -13.34
C MET B 441 -33.36 8.52 -14.38
N PRO B 442 -32.09 8.51 -13.97
CA PRO B 442 -31.02 8.32 -14.95
C PRO B 442 -30.86 6.89 -15.46
N HIS B 443 -30.20 6.78 -16.60
CA HIS B 443 -29.86 5.49 -17.23
C HIS B 443 -31.04 4.54 -17.38
N GLY B 444 -32.07 5.05 -18.07
CA GLY B 444 -33.25 4.29 -18.37
C GLY B 444 -34.45 5.21 -18.54
N ASP B 445 -35.64 4.63 -18.78
CA ASP B 445 -36.87 5.39 -18.93
C ASP B 445 -37.77 5.13 -17.74
N ILE B 446 -37.63 5.97 -16.74
CA ILE B 446 -38.25 5.71 -15.43
C ILE B 446 -38.74 7.03 -14.84
N LEU B 447 -39.98 7.05 -14.43
CA LEU B 447 -40.54 8.20 -13.74
C LEU B 447 -40.57 7.90 -12.27
N GLY B 448 -39.90 8.73 -11.48
CA GLY B 448 -39.76 8.50 -10.06
C GLY B 448 -40.57 9.44 -9.18
N PHE B 449 -41.10 8.90 -8.07
CA PHE B 449 -41.86 9.66 -7.08
C PHE B 449 -41.27 9.48 -5.69
N ALA B 450 -41.02 10.59 -4.99
CA ALA B 450 -40.54 10.59 -3.63
C ALA B 450 -41.11 11.85 -2.92
N PRO B 451 -42.45 11.88 -2.73
CA PRO B 451 -43.09 13.07 -2.20
C PRO B 451 -42.79 13.30 -0.75
N PRO B 452 -43.02 14.51 -0.27
CA PRO B 452 -42.88 14.74 1.17
C PRO B 452 -43.78 13.82 1.99
N LEU B 453 -43.35 13.47 3.18
CA LEU B 453 -44.03 12.46 3.99
C LEU B 453 -45.36 12.97 4.57
N VAL B 454 -45.58 14.28 4.54
CA VAL B 454 -46.86 14.91 4.88
C VAL B 454 -47.95 14.79 3.83
N ILE B 455 -47.66 14.23 2.69
CA ILE B 455 -48.65 14.16 1.63
C ILE B 455 -49.93 13.43 2.08
N THR B 456 -51.08 13.90 1.61
CA THR B 456 -52.39 13.26 1.87
C THR B 456 -52.83 12.36 0.73
N ARG B 457 -53.88 11.56 0.99
CA ARG B 457 -54.47 10.74 -0.07
C ARG B 457 -55.02 11.57 -1.22
N ALA B 458 -55.66 12.68 -0.89
CA ALA B 458 -56.19 13.60 -1.89
C ALA B 458 -55.06 14.13 -2.76
N GLU B 459 -53.94 14.49 -2.16
CA GLU B 459 -52.78 14.94 -2.95
C GLU B 459 -52.17 13.81 -3.82
N VAL B 460 -52.17 12.58 -3.32
CA VAL B 460 -51.77 11.44 -4.13
C VAL B 460 -52.64 11.30 -5.38
N ASP B 461 -53.95 11.38 -5.22
CA ASP B 461 -54.87 11.29 -6.37
C ASP B 461 -54.56 12.33 -7.43
N GLU B 462 -54.25 13.54 -6.98
CA GLU B 462 -53.92 14.62 -7.90
C GLU B 462 -52.60 14.33 -8.66
N ILE B 463 -51.59 13.88 -7.93
CA ILE B 463 -50.31 13.48 -8.58
C ILE B 463 -50.51 12.36 -9.62
N VAL B 464 -51.27 11.33 -9.24
CA VAL B 464 -51.53 10.19 -10.11
C VAL B 464 -52.29 10.61 -11.37
N GLY B 465 -53.26 11.51 -11.22
CA GLY B 465 -54.01 12.01 -12.37
C GLY B 465 -53.14 12.78 -13.34
N ILE B 466 -52.26 13.63 -12.83
CA ILE B 466 -51.34 14.36 -13.70
C ILE B 466 -50.36 13.40 -14.40
N ALA B 467 -49.82 12.43 -13.63
CA ALA B 467 -48.94 11.43 -14.22
C ALA B 467 -49.64 10.65 -15.34
N LYS B 468 -50.90 10.31 -15.08
CA LYS B 468 -51.70 9.57 -16.06
C LYS B 468 -51.82 10.30 -17.39
N GLN B 469 -52.15 11.58 -17.32
CA GLN B 469 -52.25 12.43 -18.50
C GLN B 469 -50.92 12.52 -19.26
N ALA B 470 -49.84 12.72 -18.52
CA ALA B 470 -48.49 12.82 -19.11
C ALA B 470 -48.08 11.51 -19.77
N VAL B 471 -48.35 10.40 -19.12
CA VAL B 471 -48.02 9.09 -19.68
C VAL B 471 -48.86 8.80 -20.94
N ASP B 472 -50.15 9.12 -20.91
CA ASP B 472 -51.01 8.99 -22.10
C ASP B 472 -50.49 9.84 -23.27
N GLU B 473 -50.13 11.09 -22.97
CA GLU B 473 -49.63 12.00 -23.99
C GLU B 473 -48.40 11.43 -24.70
N VAL B 474 -47.44 10.89 -23.93
CA VAL B 474 -46.19 10.39 -24.49
C VAL B 474 -46.42 9.06 -25.22
N ALA B 475 -47.28 8.23 -24.65
CA ALA B 475 -47.69 6.99 -25.31
C ALA B 475 -48.23 7.24 -26.76
N ASP B 476 -49.03 8.29 -26.92
CA ASP B 476 -49.52 8.69 -28.25
C ASP B 476 -48.40 9.03 -29.19
N GLU B 477 -47.40 9.77 -28.70
CA GLU B 477 -46.26 10.14 -29.54
C GLU B 477 -45.42 8.95 -29.97
N VAL B 478 -45.22 7.96 -29.11
CA VAL B 478 -44.19 6.94 -29.39
C VAL B 478 -44.73 5.57 -29.68
N LEU B 479 -45.91 5.23 -29.19
CA LEU B 479 -46.52 3.95 -29.57
C LEU B 479 -47.39 4.11 -30.81
N ASP C 23 35.64 -36.92 -24.50
CA ASP C 23 35.10 -36.71 -23.10
C ASP C 23 34.97 -35.21 -22.76
N LEU C 24 36.08 -34.49 -22.75
N LEU C 24 36.09 -34.50 -22.76
CA LEU C 24 36.06 -33.06 -22.60
CA LEU C 24 36.03 -33.06 -22.58
C LEU C 24 35.19 -32.38 -23.65
C LEU C 24 35.19 -32.38 -23.65
N ASP C 25 35.30 -32.81 -24.91
CA ASP C 25 34.48 -32.22 -25.97
C ASP C 25 33.00 -32.44 -25.73
N GLN C 26 32.65 -33.62 -25.23
CA GLN C 26 31.28 -33.90 -24.94
C GLN C 26 30.75 -33.04 -23.78
N LEU C 27 31.58 -32.84 -22.76
CA LEU C 27 31.25 -31.98 -21.64
C LEU C 27 31.00 -30.55 -22.10
N PHE C 28 31.86 -30.00 -22.94
CA PHE C 28 31.64 -28.65 -23.43
C PHE C 28 30.40 -28.52 -24.30
N GLU C 29 30.07 -29.59 -25.01
CA GLU C 29 28.87 -29.61 -25.81
C GLU C 29 27.62 -29.57 -24.90
N MET C 30 27.64 -30.38 -23.85
CA MET C 30 26.57 -30.37 -22.83
C MET C 30 26.44 -29.01 -22.15
N ASP C 31 27.57 -28.40 -21.81
CA ASP C 31 27.63 -27.09 -21.20
C ASP C 31 26.92 -26.06 -22.11
N ARG C 32 27.39 -25.96 -23.34
CA ARG C 32 26.78 -25.07 -24.33
C ARG C 32 25.29 -25.33 -24.56
N ALA C 33 24.90 -26.59 -24.60
CA ALA C 33 23.52 -26.96 -24.86
C ALA C 33 22.56 -26.72 -23.68
N HIS C 34 23.03 -26.97 -22.44
CA HIS C 34 22.15 -27.06 -21.28
C HIS C 34 22.43 -26.20 -20.03
N PHE C 35 23.61 -25.62 -19.91
CA PHE C 35 23.97 -24.85 -18.71
C PHE C 35 23.87 -23.33 -18.97
N MET C 36 22.93 -22.68 -18.29
CA MET C 36 22.83 -21.22 -18.29
C MET C 36 23.64 -20.67 -17.13
N HIS C 37 24.75 -20.03 -17.50
CA HIS C 37 25.69 -19.53 -16.50
C HIS C 37 25.20 -18.17 -15.95
N PRO C 38 25.59 -17.84 -14.72
CA PRO C 38 25.52 -16.45 -14.35
C PRO C 38 26.49 -15.60 -15.17
N SER C 39 26.15 -14.33 -15.36
CA SER C 39 27.05 -13.33 -15.89
C SER C 39 27.91 -13.85 -17.06
N THR C 40 27.22 -14.28 -18.10
CA THR C 40 27.84 -14.91 -19.26
C THR C 40 26.94 -14.60 -20.47
N HIS C 41 27.57 -14.05 -21.50
CA HIS C 41 26.92 -13.75 -22.76
C HIS C 41 26.22 -15.04 -23.27
N ALA C 42 24.89 -15.02 -23.25
CA ALA C 42 24.13 -16.25 -23.48
C ALA C 42 24.44 -16.87 -24.86
N HIS C 43 24.37 -16.07 -25.91
CA HIS C 43 24.55 -16.56 -27.28
C HIS C 43 26.02 -16.96 -27.58
N ASP C 44 26.97 -16.10 -27.24
CA ASP C 44 28.39 -16.37 -27.49
C ASP C 44 28.84 -17.63 -26.76
N HIS C 45 28.36 -17.84 -25.55
CA HIS C 45 28.69 -19.04 -24.82
C HIS C 45 28.05 -20.25 -25.47
N ALA C 46 26.77 -20.14 -25.82
CA ALA C 46 26.06 -21.25 -26.50
C ALA C 46 26.68 -21.62 -27.86
N SER C 47 27.15 -20.61 -28.60
CA SER C 47 27.73 -20.79 -29.94
C SER C 47 29.19 -21.27 -29.89
N GLY C 48 29.87 -21.06 -28.77
CA GLY C 48 31.26 -21.44 -28.63
C GLY C 48 32.23 -20.29 -28.80
N ALA C 49 31.73 -19.14 -29.22
CA ALA C 49 32.53 -17.93 -29.38
C ALA C 49 33.14 -17.44 -28.08
N LEU C 50 32.44 -17.62 -26.96
CA LEU C 50 32.98 -17.38 -25.63
C LEU C 50 33.35 -18.77 -25.13
N PRO C 51 34.65 -19.10 -25.10
CA PRO C 51 35.00 -20.49 -24.79
C PRO C 51 34.77 -20.85 -23.32
N GLY C 52 34.29 -22.06 -23.09
CA GLY C 52 34.10 -22.57 -21.75
C GLY C 52 35.41 -22.87 -21.05
N ARG C 53 35.39 -22.86 -19.72
CA ARG C 53 36.57 -23.29 -18.96
C ARG C 53 36.09 -24.12 -17.76
N ILE C 54 36.63 -25.33 -17.63
CA ILE C 54 36.36 -26.20 -16.51
C ILE C 54 37.49 -26.14 -15.50
N ILE C 55 37.14 -25.94 -14.24
CA ILE C 55 38.13 -25.87 -13.17
C ILE C 55 38.15 -27.24 -12.50
N THR C 56 39.34 -27.82 -12.38
CA THR C 56 39.50 -29.22 -11.94
C THR C 56 40.07 -29.36 -10.53
N GLY C 57 40.65 -28.30 -9.98
CA GLY C 57 41.15 -28.36 -8.61
C GLY C 57 41.86 -27.09 -8.23
N GLY C 58 42.36 -27.07 -7.01
CA GLY C 58 43.10 -25.92 -6.53
C GLY C 58 43.66 -26.13 -5.15
N LYS C 59 44.69 -25.37 -4.85
CA LYS C 59 45.39 -25.48 -3.57
C LYS C 59 46.02 -24.13 -3.23
N GLY C 60 45.81 -23.67 -2.01
CA GLY C 60 46.37 -22.40 -1.57
C GLY C 60 45.76 -21.23 -2.36
N ILE C 61 46.57 -20.51 -3.13
CA ILE C 61 46.06 -19.42 -3.94
C ILE C 61 46.00 -19.74 -5.43
N ARG C 62 46.12 -21.02 -5.76
CA ARG C 62 46.24 -21.43 -7.15
C ARG C 62 45.11 -22.37 -7.55
N ILE C 63 44.61 -22.19 -8.77
CA ILE C 63 43.63 -23.13 -9.32
C ILE C 63 44.12 -23.70 -10.64
N GLN C 64 43.49 -24.80 -11.04
CA GLN C 64 43.89 -25.51 -12.25
C GLN C 64 42.67 -25.73 -13.16
N ASP C 65 42.87 -25.61 -14.47
CA ASP C 65 41.80 -25.83 -15.46
C ASP C 65 41.92 -27.16 -16.22
N HIS C 66 40.95 -27.40 -17.11
CA HIS C 66 40.84 -28.64 -17.89
C HIS C 66 42.02 -28.91 -18.85
N GLU C 67 42.77 -27.89 -19.22
CA GLU C 67 43.98 -28.05 -20.02
C GLU C 67 45.20 -28.29 -19.13
N GLY C 68 45.03 -28.41 -17.82
CA GLY C 68 46.14 -28.46 -16.88
C GLY C 68 46.85 -27.14 -16.67
N ARG C 69 46.37 -26.03 -17.23
CA ARG C 69 46.97 -24.72 -16.97
C ARG C 69 46.70 -24.37 -15.50
N GLU C 70 47.66 -23.70 -14.86
CA GLU C 70 47.57 -23.30 -13.46
C GLU C 70 47.49 -21.76 -13.38
N TYR C 71 46.70 -21.24 -12.44
CA TYR C 71 46.57 -19.78 -12.30
C TYR C 71 46.66 -19.36 -10.86
N ILE C 72 47.34 -18.24 -10.64
CA ILE C 72 47.27 -17.55 -9.35
C ILE C 72 45.93 -16.81 -9.30
N ASP C 73 45.06 -17.19 -8.38
CA ASP C 73 43.74 -16.54 -8.30
C ASP C 73 43.80 -15.35 -7.38
N ALA C 74 44.12 -14.20 -7.95
CA ALA C 74 44.24 -12.96 -7.16
C ALA C 74 42.87 -12.32 -6.93
N PHE C 75 41.78 -13.05 -7.21
CA PHE C 75 40.44 -12.58 -6.86
C PHE C 75 39.67 -13.51 -5.93
N ALA C 76 40.34 -14.56 -5.45
CA ALA C 76 39.75 -15.49 -4.48
C ALA C 76 38.32 -15.91 -4.86
N GLY C 77 38.15 -16.35 -6.11
CA GLY C 77 36.85 -16.70 -6.64
C GLY C 77 36.15 -15.39 -6.97
N LEU C 78 35.24 -14.98 -6.08
CA LEU C 78 34.63 -13.65 -6.10
C LEU C 78 34.71 -13.08 -4.69
N TYR C 79 35.89 -12.58 -4.34
CA TYR C 79 36.17 -12.03 -3.03
C TYR C 79 35.80 -13.02 -1.90
N CYS C 80 35.89 -14.32 -2.12
CA CYS C 80 35.28 -15.23 -1.17
C CYS C 80 36.11 -16.44 -0.71
N VAL C 81 37.08 -16.93 -1.50
CA VAL C 81 37.88 -18.09 -1.07
C VAL C 81 38.99 -17.63 -0.13
N ASN C 82 38.60 -17.14 1.04
CA ASN C 82 39.47 -16.32 1.87
C ASN C 82 40.58 -17.12 2.60
N ILE C 83 40.26 -18.33 3.02
CA ILE C 83 41.26 -19.20 3.65
C ILE C 83 42.06 -20.01 2.62
N GLY C 84 41.81 -19.80 1.35
CA GLY C 84 42.48 -20.50 0.27
C GLY C 84 41.80 -21.78 -0.14
N TYR C 85 42.24 -22.29 -1.29
CA TYR C 85 41.69 -23.52 -1.91
C TYR C 85 42.21 -24.82 -1.28
N GLY C 86 41.44 -25.88 -1.39
CA GLY C 86 41.89 -27.23 -1.03
C GLY C 86 42.06 -27.49 0.45
N ARG C 87 41.27 -26.83 1.30
CA ARG C 87 41.29 -27.10 2.73
C ARG C 87 40.53 -28.39 3.03
N THR C 88 41.26 -29.49 3.10
CA THR C 88 40.64 -30.77 3.45
C THR C 88 40.05 -30.73 4.87
N GLU C 89 40.56 -29.86 5.73
CA GLU C 89 39.96 -29.65 7.04
C GLU C 89 38.47 -29.27 6.95
N VAL C 90 38.15 -28.40 6.00
CA VAL C 90 36.77 -27.93 5.81
C VAL C 90 35.94 -29.04 5.14
N ALA C 91 36.51 -29.69 4.16
CA ALA C 91 35.89 -30.86 3.52
C ALA C 91 35.53 -31.91 4.54
N ASP C 92 36.44 -32.19 5.48
CA ASP C 92 36.19 -33.15 6.56
C ASP C 92 35.01 -32.74 7.43
N ALA C 93 34.97 -31.45 7.80
CA ALA C 93 33.88 -30.93 8.62
C ALA C 93 32.52 -31.04 7.91
N ILE C 94 32.50 -30.73 6.62
CA ILE C 94 31.29 -30.85 5.81
C ILE C 94 30.84 -32.30 5.79
N TYR C 95 31.79 -33.20 5.51
CA TYR C 95 31.54 -34.64 5.50
C TYR C 95 30.96 -35.15 6.83
N GLU C 96 31.56 -34.79 7.95
CA GLU C 96 31.11 -35.26 9.24
C GLU C 96 29.66 -34.83 9.47
N GLN C 97 29.33 -33.58 9.19
CA GLN C 97 27.94 -33.14 9.37
C GLN C 97 27.01 -33.85 8.40
N ALA C 98 27.43 -33.97 7.15
CA ALA C 98 26.65 -34.66 6.14
C ALA C 98 26.32 -36.11 6.53
N LYS C 99 27.27 -36.82 7.15
CA LYS C 99 27.05 -38.17 7.66
C LYS C 99 26.10 -38.20 8.80
N GLU C 100 26.26 -37.31 9.76
CA GLU C 100 25.43 -37.31 10.95
C GLU C 100 24.00 -36.84 10.66
N LEU C 101 23.89 -35.69 9.98
CA LEU C 101 22.61 -35.10 9.61
C LEU C 101 22.85 -33.98 8.58
N ALA C 102 22.68 -34.31 7.31
CA ALA C 102 22.89 -33.33 6.26
C ALA C 102 21.84 -32.20 6.34
N TYR C 103 20.60 -32.56 6.66
CA TYR C 103 19.52 -31.62 6.77
C TYR C 103 18.35 -32.00 7.69
N TYR C 104 17.93 -30.99 8.45
CA TYR C 104 16.57 -30.87 8.93
C TYR C 104 16.30 -29.37 8.91
N HIS C 105 15.04 -29.00 8.96
CA HIS C 105 14.67 -27.59 8.95
C HIS C 105 14.97 -26.98 10.30
N THR C 106 14.98 -25.65 10.36
CA THR C 106 15.10 -24.89 11.60
C THR C 106 13.85 -24.09 11.92
N TYR C 107 12.73 -24.48 11.32
CA TYR C 107 11.41 -23.91 11.62
C TYR C 107 10.97 -24.26 13.02
N VAL C 108 10.08 -23.44 13.55
CA VAL C 108 9.43 -23.63 14.88
C VAL C 108 10.47 -24.07 15.93
N GLY C 109 11.54 -23.30 16.06
CA GLY C 109 12.56 -23.52 17.07
C GLY C 109 13.48 -24.72 16.93
N HIS C 110 13.49 -25.37 15.77
CA HIS C 110 14.39 -26.50 15.53
C HIS C 110 15.80 -26.04 15.17
N SER C 111 16.80 -26.84 15.54
CA SER C 111 18.22 -26.51 15.35
C SER C 111 19.09 -27.75 15.21
N THR C 112 20.31 -27.52 14.78
CA THR C 112 21.44 -28.41 15.02
C THR C 112 22.39 -27.69 15.97
N GLU C 113 23.28 -28.47 16.56
CA GLU C 113 24.32 -27.92 17.40
C GLU C 113 25.19 -26.93 16.60
N ALA C 114 25.52 -27.31 15.37
CA ALA C 114 26.36 -26.47 14.53
C ALA C 114 25.80 -25.05 14.32
N ILE C 115 24.52 -24.94 14.00
CA ILE C 115 23.96 -23.61 13.69
C ILE C 115 23.88 -22.72 14.94
N ILE C 116 23.70 -23.36 16.09
CA ILE C 116 23.69 -22.63 17.37
C ILE C 116 25.09 -22.13 17.68
N GLU C 117 26.09 -23.00 17.58
CA GLU C 117 27.47 -22.62 17.87
C GLU C 117 27.90 -21.47 16.94
N LEU C 118 27.55 -21.58 15.65
CA LEU C 118 27.89 -20.55 14.70
C LEU C 118 27.29 -19.19 15.05
N SER C 119 26.02 -19.19 15.43
CA SER C 119 25.34 -17.95 15.78
C SER C 119 26.03 -17.25 16.97
N SER C 120 26.33 -18.03 18.00
CA SER C 120 26.99 -17.48 19.17
C SER C 120 28.39 -16.99 18.82
N ARG C 121 29.11 -17.75 18.00
CA ARG C 121 30.47 -17.33 17.62
C ARG C 121 30.52 -16.04 16.79
N ILE C 122 29.62 -15.91 15.81
CA ILE C 122 29.52 -14.69 15.03
C ILE C 122 29.24 -13.49 15.94
N ILE C 123 28.26 -13.60 16.83
CA ILE C 123 27.93 -12.50 17.71
C ILE C 123 29.04 -12.17 18.71
N ARG C 124 29.60 -13.18 19.38
CA ARG C 124 30.62 -12.96 20.39
C ARG C 124 31.98 -12.55 19.80
N ASP C 125 32.40 -13.15 18.69
CA ASP C 125 33.78 -12.98 18.25
C ASP C 125 34.02 -12.11 17.03
N TRP C 126 33.01 -11.93 16.17
CA TRP C 126 33.21 -11.25 14.90
C TRP C 126 32.39 -9.99 14.70
N ALA C 127 31.15 -9.97 15.16
CA ALA C 127 30.24 -8.86 14.94
C ALA C 127 30.54 -7.71 15.88
N PRO C 128 30.23 -6.46 15.44
CA PRO C 128 30.43 -5.34 16.36
C PRO C 128 29.49 -5.33 17.53
N ALA C 129 29.82 -4.49 18.50
CA ALA C 129 29.06 -4.36 19.74
C ALA C 129 27.61 -3.99 19.42
N GLY C 130 26.68 -4.51 20.21
CA GLY C 130 25.26 -4.19 20.02
C GLY C 130 24.50 -5.17 19.14
N MET C 131 25.20 -6.11 18.49
CA MET C 131 24.56 -7.08 17.64
C MET C 131 24.04 -8.22 18.50
N LYS C 132 22.93 -8.83 18.10
CA LYS C 132 22.28 -9.82 18.95
C LYS C 132 21.96 -11.13 18.25
N LYS C 133 21.27 -11.10 17.10
CA LYS C 133 20.76 -12.33 16.45
C LYS C 133 21.25 -12.54 15.02
N VAL C 134 21.27 -13.78 14.57
CA VAL C 134 21.63 -14.10 13.18
C VAL C 134 20.54 -14.92 12.53
N TYR C 135 20.11 -14.45 11.37
CA TYR C 135 19.18 -15.18 10.49
C TYR C 135 19.95 -15.64 9.26
N TYR C 136 19.75 -16.87 8.86
CA TYR C 136 20.59 -17.50 7.80
C TYR C 136 19.85 -17.71 6.47
N GLY C 137 20.57 -17.41 5.38
CA GLY C 137 20.20 -17.78 4.03
C GLY C 137 21.38 -18.44 3.34
N MET C 138 21.42 -18.35 2.02
CA MET C 138 22.46 -18.95 1.20
C MET C 138 23.26 -17.98 0.35
N SER C 139 22.82 -16.74 0.19
CA SER C 139 23.53 -15.80 -0.68
C SER C 139 23.47 -14.42 -0.08
N GLY C 140 24.40 -13.58 -0.51
CA GLY C 140 24.37 -12.19 -0.16
C GLY C 140 23.08 -11.52 -0.59
N SER C 141 22.60 -11.92 -1.76
CA SER C 141 21.35 -11.42 -2.30
C SER C 141 20.16 -11.77 -1.39
N ASP C 142 20.05 -13.03 -0.97
CA ASP C 142 18.88 -13.36 -0.17
C ASP C 142 18.97 -12.70 1.24
N ALA C 143 20.18 -12.46 1.71
CA ALA C 143 20.36 -11.77 2.99
C ALA C 143 19.87 -10.33 2.89
N ASN C 144 20.25 -9.62 1.83
CA ASN C 144 19.72 -8.26 1.66
C ASN C 144 18.20 -8.22 1.43
N GLU C 145 17.65 -9.28 0.85
CA GLU C 145 16.20 -9.39 0.69
C GLU C 145 15.54 -9.47 2.08
N THR C 146 16.09 -10.33 2.95
CA THR C 146 15.65 -10.39 4.31
C THR C 146 15.75 -9.03 5.00
N GLN C 147 16.86 -8.34 4.80
CA GLN C 147 17.03 -7.00 5.39
C GLN C 147 15.86 -6.05 5.11
N ILE C 148 15.44 -5.98 3.85
CA ILE C 148 14.38 -5.05 3.49
C ILE C 148 13.06 -5.49 4.14
N LYS C 149 12.78 -6.79 4.14
CA LYS C 149 11.61 -7.30 4.87
C LYS C 149 11.62 -6.84 6.34
N LEU C 150 12.78 -6.95 6.98
CA LEU C 150 12.86 -6.58 8.39
C LEU C 150 12.66 -5.08 8.60
N VAL C 151 13.23 -4.29 7.71
CA VAL C 151 13.07 -2.83 7.80
C VAL C 151 11.58 -2.45 7.65
N TRP C 152 10.88 -3.05 6.68
CA TRP C 152 9.48 -2.76 6.52
C TRP C 152 8.63 -3.26 7.68
N TYR C 153 8.91 -4.45 8.18
CA TYR C 153 8.22 -5.03 9.35
C TYR C 153 8.43 -4.16 10.60
N TYR C 154 9.69 -3.77 10.82
CA TYR C 154 10.10 -2.89 11.89
C TYR C 154 9.21 -1.62 11.95
N ASN C 155 9.10 -0.95 10.81
CA ASN C 155 8.30 0.26 10.77
C ASN C 155 6.80 0.04 10.87
N ASN C 156 6.30 -1.05 10.30
CA ASN C 156 4.87 -1.36 10.46
C ASN C 156 4.50 -1.64 11.90
N VAL C 157 5.33 -2.41 12.61
CA VAL C 157 5.04 -2.72 14.00
C VAL C 157 5.15 -1.48 14.87
N LEU C 158 6.00 -0.54 14.50
CA LEU C 158 6.07 0.72 15.23
C LEU C 158 4.97 1.71 14.86
N GLY C 159 4.07 1.36 13.95
CA GLY C 159 3.02 2.27 13.54
C GLY C 159 3.50 3.37 12.62
N ARG C 160 4.52 3.11 11.79
CA ARG C 160 5.02 4.09 10.84
C ARG C 160 4.91 3.51 9.43
N PRO C 161 3.67 3.32 8.95
CA PRO C 161 3.48 2.67 7.63
C PRO C 161 4.09 3.41 6.46
N GLN C 162 4.32 4.71 6.57
CA GLN C 162 4.96 5.47 5.48
C GLN C 162 6.47 5.37 5.48
N LYS C 163 7.07 4.95 6.60
CA LYS C 163 8.53 5.01 6.71
C LYS C 163 9.13 3.72 6.11
N LYS C 164 9.39 3.77 4.80
CA LYS C 164 9.72 2.53 4.04
C LYS C 164 10.81 2.65 2.95
N LYS C 165 11.19 3.87 2.60
CA LYS C 165 12.14 4.05 1.53
C LYS C 165 13.55 3.64 1.99
N ILE C 166 14.31 3.11 1.05
CA ILE C 166 15.67 2.68 1.27
C ILE C 166 16.59 3.51 0.38
N ILE C 167 17.59 4.12 0.99
CA ILE C 167 18.60 4.85 0.23
C ILE C 167 19.81 3.98 0.04
N SER C 168 20.21 3.79 -1.20
CA SER C 168 21.44 3.11 -1.55
C SER C 168 22.36 4.11 -2.19
N ARG C 169 23.41 3.65 -2.87
CA ARG C 169 24.37 4.56 -3.50
C ARG C 169 24.70 4.14 -4.91
N GLN C 170 24.96 5.11 -5.76
CA GLN C 170 25.55 4.88 -7.08
C GLN C 170 26.79 3.99 -6.96
N ARG C 171 26.85 2.99 -7.84
CA ARG C 171 27.93 1.97 -7.86
C ARG C 171 27.94 0.98 -6.68
N GLY C 172 26.96 1.07 -5.79
CA GLY C 172 26.88 0.05 -4.73
C GLY C 172 26.52 -1.27 -5.35
N TYR C 173 26.97 -2.36 -4.73
CA TYR C 173 26.55 -3.68 -5.16
C TYR C 173 25.99 -4.44 -3.98
N HIS C 174 24.73 -4.84 -4.11
CA HIS C 174 23.98 -5.48 -3.03
C HIS C 174 23.20 -6.71 -3.45
N GLY C 175 23.50 -7.20 -4.66
CA GLY C 175 22.84 -8.39 -5.15
C GLY C 175 22.15 -8.19 -6.48
N SER C 176 21.50 -9.26 -6.90
CA SER C 176 21.11 -9.44 -8.29
C SER C 176 19.69 -9.90 -8.48
N GLY C 177 18.83 -9.61 -7.49
CA GLY C 177 17.40 -9.91 -7.60
C GLY C 177 16.63 -8.69 -8.09
N ILE C 178 15.35 -8.66 -7.80
CA ILE C 178 14.50 -7.54 -8.16
C ILE C 178 14.70 -6.44 -7.11
N MET C 179 14.35 -6.71 -5.85
CA MET C 179 14.63 -5.76 -4.79
C MET C 179 16.14 -5.50 -4.61
N THR C 180 16.93 -6.57 -4.54
CA THR C 180 18.34 -6.41 -4.27
C THR C 180 19.08 -5.77 -5.46
N GLY C 181 18.67 -6.09 -6.68
CA GLY C 181 19.21 -5.45 -7.85
C GLY C 181 18.84 -3.98 -7.91
N SER C 182 17.69 -3.62 -7.34
CA SER C 182 17.31 -2.23 -7.21
C SER C 182 18.21 -1.49 -6.24
N LEU C 183 18.57 -2.14 -5.14
CA LEU C 183 19.55 -1.55 -4.19
C LEU C 183 20.90 -1.34 -4.89
N THR C 184 21.29 -2.33 -5.68
CA THR C 184 22.50 -2.23 -6.47
C THR C 184 22.46 -0.98 -7.36
N GLY C 185 23.59 -0.28 -7.45
CA GLY C 185 23.69 1.00 -8.15
C GLY C 185 24.50 0.92 -9.44
N LEU C 186 24.48 -0.23 -10.14
CA LEU C 186 25.23 -0.46 -11.37
C LEU C 186 24.24 -0.83 -12.44
N PRO C 187 24.29 -0.17 -13.61
CA PRO C 187 23.18 -0.27 -14.56
C PRO C 187 22.95 -1.62 -15.19
N SER C 188 24.00 -2.44 -15.28
CA SER C 188 23.85 -3.75 -15.93
C SER C 188 22.87 -4.65 -15.16
N PHE C 189 22.74 -4.42 -13.84
CA PHE C 189 21.81 -5.16 -13.03
C PHE C 189 20.39 -4.62 -13.08
N HIS C 190 20.19 -3.50 -13.75
CA HIS C 190 18.88 -2.87 -13.96
C HIS C 190 18.34 -3.03 -15.38
N GLN C 191 19.23 -2.99 -16.37
CA GLN C 191 18.85 -2.97 -17.77
C GLN C 191 17.95 -4.17 -18.20
N HIS C 192 16.79 -3.82 -18.69
CA HIS C 192 15.75 -4.76 -19.11
C HIS C 192 15.10 -5.52 -17.99
N PHE C 193 15.35 -5.10 -16.75
CA PHE C 193 14.66 -5.68 -15.59
C PHE C 193 13.72 -4.70 -14.90
N ASP C 194 13.59 -3.49 -15.43
CA ASP C 194 12.66 -2.47 -14.91
C ASP C 194 13.01 -2.02 -13.51
N LEU C 195 14.30 -2.03 -13.20
CA LEU C 195 14.80 -1.65 -11.89
C LEU C 195 15.43 -0.26 -11.96
N PRO C 196 15.47 0.51 -10.86
CA PRO C 196 15.02 0.08 -9.54
C PRO C 196 13.54 0.20 -9.34
N ILE C 197 12.97 -0.67 -8.54
CA ILE C 197 11.55 -0.59 -8.21
C ILE C 197 11.31 0.56 -7.25
N GLU C 198 10.06 0.85 -7.01
CA GLU C 198 9.67 1.97 -6.17
C GLU C 198 10.16 1.78 -4.75
N ARG C 199 10.45 2.92 -4.10
CA ARG C 199 10.89 2.98 -2.71
C ARG C 199 12.41 2.97 -2.60
N ILE C 200 13.12 2.63 -3.68
CA ILE C 200 14.58 2.56 -3.64
C ILE C 200 15.19 3.79 -4.28
N LYS C 201 16.05 4.51 -3.56
CA LYS C 201 16.71 5.72 -4.09
C LYS C 201 18.19 5.54 -4.00
N HIS C 202 18.95 6.33 -4.75
CA HIS C 202 20.40 6.22 -4.75
C HIS C 202 21.02 7.60 -4.52
N THR C 203 21.97 7.68 -3.60
CA THR C 203 22.73 8.91 -3.40
C THR C 203 24.12 8.74 -4.06
N VAL C 204 25.03 9.67 -3.78
CA VAL C 204 26.30 9.72 -4.48
C VAL C 204 27.29 8.62 -4.12
N CYS C 205 28.12 8.29 -5.11
CA CYS C 205 29.24 7.41 -4.97
C CYS C 205 30.36 8.14 -4.23
N PRO C 206 30.81 7.64 -3.09
CA PRO C 206 31.84 8.38 -2.32
C PRO C 206 33.26 8.01 -2.80
N HIS C 207 33.60 8.54 -3.96
CA HIS C 207 34.86 8.27 -4.60
C HIS C 207 35.58 9.62 -4.76
N TRP C 208 36.46 9.95 -3.83
CA TRP C 208 37.08 11.29 -3.82
C TRP C 208 37.82 11.59 -5.15
N TYR C 209 38.48 10.60 -5.72
CA TYR C 209 39.18 10.78 -6.99
C TYR C 209 38.26 11.37 -8.07
N LYS C 210 36.98 11.07 -8.03
CA LYS C 210 36.05 11.64 -9.00
C LYS C 210 35.24 12.82 -8.50
N ALA C 211 35.69 13.46 -7.42
CA ALA C 211 34.93 14.55 -6.79
C ALA C 211 34.90 15.79 -7.71
N PRO C 212 33.89 16.65 -7.54
CA PRO C 212 33.94 17.99 -8.11
C PRO C 212 35.33 18.58 -7.95
N ALA C 213 35.87 19.08 -9.06
CA ALA C 213 37.28 19.49 -9.13
C ALA C 213 37.63 20.49 -8.05
N GLY C 214 38.85 20.39 -7.53
CA GLY C 214 39.31 21.29 -6.48
C GLY C 214 38.90 20.88 -5.07
N MET C 215 37.84 20.08 -4.88
CA MET C 215 37.38 19.75 -3.52
C MET C 215 38.43 18.99 -2.74
N SER C 216 38.68 19.44 -1.50
CA SER C 216 39.49 18.65 -0.61
C SER C 216 38.71 17.42 -0.18
N GLU C 217 39.41 16.53 0.51
CA GLU C 217 38.79 15.32 1.01
C GLU C 217 37.66 15.66 2.00
N ALA C 218 37.91 16.60 2.91
CA ALA C 218 36.91 16.99 3.88
C ALA C 218 35.69 17.70 3.24
N GLN C 219 35.94 18.51 2.22
CA GLN C 219 34.86 19.18 1.49
C GLN C 219 34.03 18.16 0.75
N PHE C 220 34.68 17.14 0.20
CA PHE C 220 33.96 16.07 -0.50
C PHE C 220 33.06 15.28 0.46
N VAL C 221 33.55 15.03 1.67
CA VAL C 221 32.74 14.35 2.67
C VAL C 221 31.51 15.19 2.98
N ARG C 222 31.69 16.50 3.17
CA ARG C 222 30.56 17.41 3.43
C ARG C 222 29.57 17.43 2.26
N TYR C 223 30.11 17.38 1.04
CA TYR C 223 29.29 17.28 -0.14
C TYR C 223 28.43 15.99 -0.10
N CYS C 224 29.05 14.84 0.22
CA CYS C 224 28.32 13.59 0.32
C CYS C 224 27.21 13.66 1.39
N ALA C 225 27.54 14.23 2.55
CA ALA C 225 26.57 14.37 3.61
C ALA C 225 25.42 15.30 3.22
N ASP C 226 25.76 16.44 2.63
CA ASP C 226 24.74 17.41 2.21
C ASP C 226 23.83 16.81 1.12
N GLU C 227 24.40 16.07 0.17
CA GLU C 227 23.58 15.49 -0.90
C GLU C 227 22.63 14.45 -0.33
N LEU C 228 23.11 13.66 0.64
CA LEU C 228 22.25 12.71 1.34
C LEU C 228 21.10 13.45 2.02
N GLU C 229 21.43 14.52 2.72
CA GLU C 229 20.42 15.29 3.42
C GLU C 229 19.38 15.87 2.46
N LYS C 230 19.85 16.39 1.34
CA LYS C 230 18.96 16.95 0.33
C LYS C 230 17.98 15.89 -0.20
N LEU C 231 18.48 14.68 -0.39
CA LEU C 231 17.66 13.61 -0.87
C LEU C 231 16.61 13.22 0.21
N ILE C 232 17.05 13.12 1.46
CA ILE C 232 16.15 12.82 2.55
C ILE C 232 15.02 13.85 2.67
N LEU C 233 15.40 15.12 2.60
CA LEU C 233 14.42 16.20 2.66
C LEU C 233 13.53 16.25 1.44
N ALA C 234 14.05 15.93 0.26
CA ALA C 234 13.20 15.88 -0.92
C ALA C 234 12.16 14.77 -0.83
N GLU C 235 12.54 13.64 -0.25
CA GLU C 235 11.64 12.49 -0.12
C GLU C 235 10.68 12.64 1.04
N GLY C 236 11.05 13.43 2.02
CA GLY C 236 10.29 13.51 3.28
C GLY C 236 10.91 12.56 4.30
N PRO C 237 11.53 13.08 5.35
CA PRO C 237 12.29 12.24 6.27
C PRO C 237 11.47 11.14 6.94
N ASP C 238 10.20 11.43 7.20
CA ASP C 238 9.30 10.45 7.78
C ASP C 238 8.98 9.26 6.84
N THR C 239 9.37 9.35 5.57
CA THR C 239 9.18 8.27 4.60
C THR C 239 10.44 7.43 4.37
N VAL C 240 11.57 7.85 4.94
CA VAL C 240 12.84 7.18 4.71
C VAL C 240 13.18 6.25 5.88
N ALA C 241 13.29 4.95 5.60
CA ALA C 241 13.49 3.93 6.66
C ALA C 241 14.92 3.53 6.91
N ALA C 242 15.72 3.43 5.83
CA ALA C 242 17.07 2.91 5.94
C ALA C 242 18.00 3.36 4.82
N PHE C 243 19.27 3.20 5.13
CA PHE C 243 20.39 3.50 4.26
C PHE C 243 21.24 2.25 4.25
N ILE C 244 21.64 1.81 3.05
CA ILE C 244 22.47 0.60 2.91
C ILE C 244 23.76 0.98 2.23
N GLY C 245 24.87 0.49 2.75
CA GLY C 245 26.18 0.74 2.16
C GLY C 245 27.23 -0.31 2.53
N GLU C 246 28.02 -0.69 1.55
CA GLU C 246 29.25 -1.44 1.79
C GLU C 246 30.29 -0.53 2.44
N PRO C 247 31.02 -1.00 3.46
CA PRO C 247 32.05 -0.14 4.06
C PRO C 247 33.05 0.38 3.02
N VAL C 248 33.51 -0.57 2.20
CA VAL C 248 34.28 -0.34 1.00
C VAL C 248 33.49 -0.95 -0.14
N MET C 249 33.31 -0.19 -1.22
CA MET C 249 32.55 -0.68 -2.37
C MET C 249 33.36 -1.74 -3.10
N GLY C 250 32.76 -2.90 -3.30
CA GLY C 250 33.44 -4.03 -3.91
C GLY C 250 33.29 -3.99 -5.44
N THR C 251 32.23 -4.63 -5.93
CA THR C 251 31.98 -4.76 -7.33
C THR C 251 31.86 -3.42 -8.13
N GLY C 252 31.50 -2.33 -7.46
CA GLY C 252 31.48 -1.01 -8.05
C GLY C 252 32.84 -0.36 -8.22
N GLY C 253 33.89 -1.09 -7.87
CA GLY C 253 35.23 -0.72 -8.21
C GLY C 253 36.30 -0.67 -7.15
N ILE C 254 36.15 -1.34 -6.00
CA ILE C 254 37.15 -1.30 -4.93
C ILE C 254 37.39 0.14 -4.55
N ILE C 255 36.40 0.74 -3.90
CA ILE C 255 36.40 2.17 -3.57
C ILE C 255 36.33 2.35 -2.05
N PRO C 256 37.48 2.56 -1.41
CA PRO C 256 37.44 2.92 0.00
C PRO C 256 36.79 4.29 0.19
N PRO C 257 36.07 4.48 1.29
CA PRO C 257 35.43 5.75 1.54
C PRO C 257 36.46 6.82 1.91
N PRO C 258 36.14 8.08 1.67
CA PRO C 258 36.99 9.13 2.18
C PRO C 258 37.09 9.13 3.71
N GLN C 259 38.20 9.67 4.21
CA GLN C 259 38.42 9.88 5.63
C GLN C 259 37.27 10.72 6.22
N GLY C 260 36.67 10.20 7.27
CA GLY C 260 35.52 10.85 7.94
C GLY C 260 34.13 10.63 7.33
N TYR C 261 34.06 9.91 6.20
CA TYR C 261 32.80 9.71 5.48
C TYR C 261 31.73 9.09 6.36
N TRP C 262 32.06 7.97 6.97
CA TRP C 262 31.07 7.24 7.72
C TRP C 262 30.54 7.98 8.95
N GLU C 263 31.37 8.76 9.62
CA GLU C 263 30.89 9.58 10.75
C GLU C 263 29.91 10.64 10.23
N ALA C 264 30.25 11.28 9.12
CA ALA C 264 29.40 12.34 8.58
C ALA C 264 28.03 11.78 8.11
N ILE C 265 28.06 10.60 7.48
CA ILE C 265 26.84 9.96 7.02
C ILE C 265 25.98 9.56 8.20
N GLN C 266 26.59 8.88 9.17
CA GLN C 266 25.87 8.49 10.40
C GLN C 266 25.22 9.63 11.13
N ALA C 267 25.83 10.81 11.17
CA ALA C 267 25.20 11.97 11.83
C ALA C 267 23.93 12.36 11.10
N VAL C 268 23.95 12.32 9.77
CA VAL C 268 22.71 12.59 9.02
C VAL C 268 21.64 11.50 9.29
N LEU C 269 22.04 10.25 9.29
CA LEU C 269 21.09 9.16 9.55
C LEU C 269 20.46 9.28 10.95
N ASN C 270 21.28 9.61 11.94
CA ASN C 270 20.79 9.80 13.33
C ASN C 270 19.80 10.95 13.42
N LYS C 271 20.09 12.03 12.72
CA LYS C 271 19.22 13.19 12.73
C LYS C 271 17.83 12.86 12.25
N TYR C 272 17.71 12.02 11.22
CA TYR C 272 16.39 11.72 10.64
C TYR C 272 15.87 10.35 11.03
N ASP C 273 16.51 9.71 12.01
CA ASP C 273 16.04 8.42 12.53
C ASP C 273 15.95 7.36 11.42
N ILE C 274 17.06 7.17 10.71
CA ILE C 274 17.19 6.25 9.61
C ILE C 274 18.15 5.12 9.99
N LEU C 275 17.75 3.87 9.77
CA LEU C 275 18.58 2.72 10.10
C LEU C 275 19.73 2.59 9.14
N LEU C 276 20.84 2.09 9.66
CA LEU C 276 22.03 1.79 8.82
C LEU C 276 22.14 0.27 8.62
N ILE C 277 22.10 -0.16 7.37
CA ILE C 277 22.44 -1.53 7.00
C ILE C 277 23.88 -1.52 6.48
N ALA C 278 24.78 -2.18 7.18
CA ALA C 278 26.15 -2.39 6.70
C ALA C 278 26.21 -3.66 5.89
N ASP C 279 26.48 -3.51 4.59
CA ASP C 279 26.61 -4.66 3.73
C ASP C 279 28.06 -5.14 3.80
N GLU C 280 28.28 -6.21 4.56
CA GLU C 280 29.61 -6.76 4.79
C GLU C 280 29.90 -8.03 3.99
N VAL C 281 29.19 -8.22 2.89
CA VAL C 281 29.35 -9.44 2.13
C VAL C 281 30.81 -9.65 1.70
N VAL C 282 31.45 -8.59 1.19
CA VAL C 282 32.86 -8.60 0.85
C VAL C 282 33.77 -8.32 2.05
N CYS C 283 33.46 -7.28 2.79
CA CYS C 283 34.38 -6.80 3.85
C CYS C 283 34.44 -7.68 5.09
N GLY C 284 33.43 -8.51 5.29
CA GLY C 284 33.33 -9.32 6.49
C GLY C 284 34.41 -10.42 6.61
N PHE C 285 34.71 -10.74 7.86
CA PHE C 285 35.55 -11.86 8.23
C PHE C 285 37.01 -11.75 7.76
N GLY C 286 37.58 -10.58 8.04
CA GLY C 286 39.01 -10.35 7.94
C GLY C 286 39.53 -9.67 6.70
N ARG C 287 38.70 -9.50 5.70
CA ARG C 287 39.11 -9.05 4.37
C ARG C 287 39.90 -7.71 4.41
N LEU C 288 39.49 -6.76 5.28
CA LEU C 288 40.16 -5.46 5.38
C LEU C 288 41.27 -5.40 6.42
N GLY C 289 41.55 -6.51 7.08
CA GLY C 289 42.49 -6.55 8.19
C GLY C 289 41.80 -6.22 9.52
N SER C 290 40.47 -6.25 9.52
CA SER C 290 39.67 -6.10 10.72
C SER C 290 38.60 -7.19 10.69
N LYS C 291 37.91 -7.38 11.81
CA LYS C 291 36.86 -8.38 11.89
C LYS C 291 35.85 -8.22 10.75
N MET C 292 35.36 -7.00 10.61
CA MET C 292 34.48 -6.57 9.52
C MET C 292 34.82 -5.12 9.19
N GLY C 293 34.26 -4.64 8.07
CA GLY C 293 34.41 -3.26 7.68
C GLY C 293 33.86 -2.27 8.67
N SER C 294 32.78 -2.65 9.36
CA SER C 294 32.17 -1.80 10.38
C SER C 294 33.18 -1.38 11.48
N GLN C 295 33.89 -2.36 12.03
CA GLN C 295 34.93 -2.06 13.03
C GLN C 295 36.05 -1.21 12.42
N HIS C 296 36.39 -1.52 11.18
CA HIS C 296 37.47 -0.85 10.52
C HIS C 296 37.23 0.65 10.41
N TYR C 297 35.98 1.03 10.10
CA TYR C 297 35.64 2.44 9.86
C TYR C 297 34.83 3.06 10.97
N GLY C 298 34.63 2.38 12.09
CA GLY C 298 33.84 2.93 13.18
C GLY C 298 32.34 3.07 12.86
N MET C 299 31.82 2.21 11.99
CA MET C 299 30.40 2.28 11.67
C MET C 299 29.60 1.67 12.80
N LYS C 300 28.37 2.15 12.98
CA LYS C 300 27.45 1.64 14.00
C LYS C 300 26.16 1.21 13.34
N PRO C 301 26.15 0.02 12.75
CA PRO C 301 24.96 -0.37 12.02
C PRO C 301 23.90 -0.92 12.90
N ASP C 302 22.66 -0.87 12.42
CA ASP C 302 21.52 -1.55 13.05
C ASP C 302 21.33 -2.96 12.57
N LEU C 303 21.85 -3.21 11.37
CA LEU C 303 21.64 -4.47 10.63
C LEU C 303 22.89 -4.71 9.80
N ILE C 304 23.31 -5.97 9.69
CA ILE C 304 24.53 -6.31 8.95
C ILE C 304 24.29 -7.51 8.05
N THR C 305 24.75 -7.41 6.81
CA THR C 305 24.67 -8.48 5.84
C THR C 305 26.04 -9.17 5.68
N VAL C 306 26.06 -10.50 5.77
CA VAL C 306 27.29 -11.27 5.56
C VAL C 306 27.06 -12.46 4.67
N ALA C 307 28.13 -12.89 4.01
CA ALA C 307 28.18 -14.12 3.20
C ALA C 307 29.66 -14.37 2.87
N LYS C 308 29.96 -14.91 1.67
CA LYS C 308 31.35 -15.06 1.17
C LYS C 308 32.37 -15.56 2.21
N GLY C 309 33.11 -14.66 2.84
CA GLY C 309 34.13 -15.04 3.81
C GLY C 309 33.60 -15.70 5.07
N LEU C 310 32.28 -15.68 5.25
CA LEU C 310 31.63 -16.46 6.30
C LEU C 310 31.95 -17.97 6.22
N THR C 311 31.97 -18.51 5.01
CA THR C 311 32.39 -19.91 4.80
C THR C 311 33.62 -20.07 3.90
N SER C 312 34.22 -18.94 3.49
CA SER C 312 35.20 -18.95 2.39
C SER C 312 34.70 -19.69 1.14
N ALA C 313 33.40 -19.58 0.92
CA ALA C 313 32.70 -20.22 -0.18
C ALA C 313 32.73 -21.76 -0.19
N TYR C 314 33.18 -22.39 0.90
CA TYR C 314 33.20 -23.85 0.95
C TYR C 314 31.79 -24.44 0.90
N ALA C 315 30.83 -23.68 1.42
CA ALA C 315 29.42 -23.97 1.25
C ALA C 315 28.63 -22.65 1.21
N PRO C 316 27.46 -22.64 0.55
CA PRO C 316 26.69 -21.40 0.45
C PRO C 316 25.96 -21.06 1.73
N LEU C 317 26.29 -19.91 2.30
CA LEU C 317 25.68 -19.45 3.52
C LEU C 317 25.71 -17.95 3.58
N SER C 318 24.60 -17.38 4.00
CA SER C 318 24.51 -15.94 4.28
C SER C 318 23.93 -15.73 5.64
N GLY C 319 24.14 -14.52 6.13
CA GLY C 319 23.69 -14.10 7.43
C GLY C 319 23.15 -12.69 7.43
N VAL C 320 22.06 -12.48 8.18
CA VAL C 320 21.58 -11.19 8.56
C VAL C 320 21.83 -11.09 10.06
N ILE C 321 22.68 -10.15 10.45
CA ILE C 321 22.99 -9.90 11.86
C ILE C 321 22.11 -8.76 12.31
N VAL C 322 21.28 -9.02 13.31
CA VAL C 322 20.23 -8.10 13.78
C VAL C 322 20.69 -7.45 15.09
N GLY C 323 20.79 -6.12 15.11
CA GLY C 323 21.08 -5.39 16.33
C GLY C 323 19.95 -5.49 17.39
N GLU C 324 20.31 -5.10 18.62
CA GLU C 324 19.37 -5.10 19.77
C GLU C 324 18.09 -4.27 19.52
N LYS C 325 18.26 -3.10 18.91
CA LYS C 325 17.15 -2.22 18.69
C LYS C 325 16.11 -2.88 17.77
N VAL C 326 16.57 -3.38 16.62
CA VAL C 326 15.64 -4.00 15.68
C VAL C 326 15.06 -5.29 16.26
N TRP C 327 15.91 -6.06 16.94
CA TRP C 327 15.49 -7.36 17.49
C TRP C 327 14.34 -7.19 18.50
N ASP C 328 14.45 -6.16 19.34
CA ASP C 328 13.45 -5.90 20.32
C ASP C 328 12.07 -5.66 19.69
N VAL C 329 12.07 -4.94 18.58
CA VAL C 329 10.83 -4.66 17.84
C VAL C 329 10.32 -5.93 17.16
N ILE C 330 11.24 -6.74 16.64
CA ILE C 330 10.85 -8.03 16.11
C ILE C 330 10.13 -8.89 17.18
N GLU C 331 10.68 -8.94 18.38
CA GLU C 331 10.00 -9.63 19.51
C GLU C 331 8.61 -9.10 19.77
N LYS C 332 8.49 -7.77 19.88
CA LYS C 332 7.19 -7.11 20.11
C LYS C 332 6.20 -7.39 18.98
N GLY C 333 6.67 -7.38 17.75
CA GLY C 333 5.83 -7.75 16.62
C GLY C 333 5.24 -9.14 16.81
N SER C 334 6.07 -10.08 17.23
CA SER C 334 5.60 -11.46 17.42
C SER C 334 4.54 -11.54 18.52
N GLN C 335 4.75 -10.78 19.58
CA GLN C 335 3.76 -10.71 20.67
C GLN C 335 2.42 -10.20 20.22
N GLU C 336 2.41 -9.18 19.38
CA GLU C 336 1.16 -8.58 18.89
C GLU C 336 0.56 -9.41 17.75
N HIS C 337 1.39 -10.01 16.87
CA HIS C 337 0.86 -10.56 15.64
C HIS C 337 1.11 -12.03 15.42
N GLY C 338 1.82 -12.70 16.32
CA GLY C 338 2.20 -14.08 16.05
C GLY C 338 3.53 -14.18 15.28
N PRO C 339 3.90 -15.39 14.89
CA PRO C 339 5.19 -15.60 14.23
C PRO C 339 5.30 -14.83 12.92
N MET C 340 6.45 -14.22 12.70
CA MET C 340 6.74 -13.54 11.43
C MET C 340 6.71 -14.58 10.28
N GLY C 341 6.08 -14.21 9.15
CA GLY C 341 6.05 -15.07 7.98
C GLY C 341 7.29 -14.85 7.13
N HIS C 342 8.40 -15.41 7.61
CA HIS C 342 9.65 -15.39 6.89
C HIS C 342 10.45 -16.65 7.14
N GLY C 343 10.74 -17.35 6.06
CA GLY C 343 11.59 -18.52 6.14
C GLY C 343 11.99 -19.04 4.78
N TRP C 344 13.22 -19.52 4.69
CA TRP C 344 13.69 -20.30 3.58
C TRP C 344 13.79 -21.76 4.05
N THR C 345 13.42 -22.72 3.21
CA THR C 345 13.56 -24.15 3.52
C THR C 345 14.94 -24.52 4.07
N TYR C 346 15.97 -24.00 3.41
CA TYR C 346 17.34 -24.28 3.77
C TYR C 346 17.95 -23.29 4.75
N SER C 347 17.14 -22.47 5.41
CA SER C 347 17.68 -21.55 6.39
C SER C 347 18.34 -22.35 7.53
N GLY C 348 19.62 -22.04 7.75
CA GLY C 348 20.47 -22.71 8.75
C GLY C 348 20.95 -24.10 8.36
N HIS C 349 21.09 -24.34 7.07
CA HIS C 349 21.48 -25.66 6.54
C HIS C 349 22.71 -26.25 7.27
N PRO C 350 22.56 -27.44 7.88
CA PRO C 350 23.61 -28.02 8.71
C PRO C 350 24.99 -28.11 8.07
N ILE C 351 25.10 -28.59 6.84
CA ILE C 351 26.43 -28.73 6.25
C ILE C 351 27.07 -27.37 5.99
N CYS C 352 26.25 -26.38 5.68
CA CYS C 352 26.73 -25.02 5.50
C CYS C 352 27.23 -24.43 6.83
N ALA C 353 26.49 -24.64 7.90
CA ALA C 353 26.94 -24.21 9.23
C ALA C 353 28.26 -24.88 9.62
N ALA C 354 28.40 -26.19 9.32
CA ALA C 354 29.62 -26.93 9.66
C ALA C 354 30.82 -26.33 8.91
N ALA C 355 30.59 -26.00 7.65
CA ALA C 355 31.63 -25.38 6.82
C ALA C 355 32.06 -24.04 7.42
N ALA C 356 31.11 -23.22 7.86
CA ALA C 356 31.40 -21.94 8.45
C ALA C 356 32.23 -22.10 9.71
N LEU C 357 31.86 -23.05 10.56
CA LEU C 357 32.61 -23.28 11.81
C LEU C 357 34.07 -23.65 11.57
N ALA C 358 34.30 -24.53 10.60
CA ALA C 358 35.66 -24.92 10.25
C ALA C 358 36.41 -23.74 9.67
N ASN C 359 35.71 -22.97 8.85
CA ASN C 359 36.26 -21.75 8.25
C ASN C 359 36.69 -20.76 9.33
N LEU C 360 35.82 -20.49 10.27
CA LEU C 360 36.18 -19.58 11.39
C LEU C 360 37.36 -20.10 12.21
N ASP C 361 37.35 -21.40 12.51
CA ASP C 361 38.48 -22.03 13.21
C ASP C 361 39.79 -21.69 12.52
N ILE C 362 39.81 -21.81 11.20
CA ILE C 362 41.02 -21.55 10.43
C ILE C 362 41.40 -20.06 10.41
N LEU C 363 40.42 -19.19 10.17
CA LEU C 363 40.67 -17.75 10.21
C LEU C 363 41.31 -17.33 11.55
N GLU C 364 40.79 -17.88 12.63
CA GLU C 364 41.26 -17.58 13.99
C GLU C 364 42.62 -18.22 14.27
N ARG C 365 42.73 -19.53 14.08
CA ARG C 365 43.96 -20.25 14.36
C ARG C 365 45.18 -19.65 13.62
N GLU C 366 45.02 -19.32 12.35
CA GLU C 366 46.14 -18.79 11.55
C GLU C 366 46.24 -17.27 11.59
N ASN C 367 45.41 -16.61 12.40
CA ASN C 367 45.33 -15.16 12.44
C ASN C 367 45.32 -14.49 11.07
N LEU C 368 44.36 -14.90 10.25
CA LEU C 368 44.28 -14.41 8.88
C LEU C 368 43.78 -12.97 8.80
N THR C 369 43.03 -12.51 9.80
CA THR C 369 42.72 -11.09 9.90
C THR C 369 44.02 -10.26 10.01
N GLY C 370 44.96 -10.73 10.84
CA GLY C 370 46.28 -10.07 10.97
C GLY C 370 47.11 -10.19 9.71
N ASN C 371 47.08 -11.34 9.05
CA ASN C 371 47.79 -11.49 7.79
C ASN C 371 47.22 -10.57 6.74
N ALA C 372 45.90 -10.44 6.70
CA ALA C 372 45.26 -9.50 5.77
C ALA C 372 45.69 -8.05 6.04
N ALA C 373 45.79 -7.66 7.29
CA ALA C 373 46.28 -6.32 7.62
C ALA C 373 47.76 -6.12 7.16
N ASP C 374 48.61 -7.09 7.49
CA ASP C 374 50.08 -6.98 7.24
C ASP C 374 50.47 -7.13 5.79
N VAL C 375 50.13 -8.26 5.22
CA VAL C 375 50.42 -8.51 3.80
C VAL C 375 49.57 -7.61 2.90
N GLY C 376 48.35 -7.27 3.34
CA GLY C 376 47.50 -6.33 2.64
C GLY C 376 48.15 -4.96 2.51
N ALA C 377 48.69 -4.44 3.61
CA ALA C 377 49.46 -3.17 3.57
C ALA C 377 50.66 -3.26 2.60
N TYR C 378 51.32 -4.40 2.59
CA TYR C 378 52.41 -4.66 1.64
C TYR C 378 51.91 -4.61 0.20
N LEU C 379 50.79 -5.28 -0.06
CA LEU C 379 50.12 -5.19 -1.35
C LEU C 379 49.80 -3.74 -1.75
N GLN C 380 49.20 -2.98 -0.83
CA GLN C 380 48.88 -1.57 -1.11
C GLN C 380 50.13 -0.79 -1.52
N GLN C 381 51.19 -0.98 -0.73
CA GLN C 381 52.46 -0.28 -0.92
C GLN C 381 53.13 -0.67 -2.23
N ARG C 382 53.17 -1.96 -2.52
CA ARG C 382 53.81 -2.45 -3.76
C ARG C 382 53.06 -1.97 -5.00
N LEU C 383 51.73 -1.93 -4.95
CA LEU C 383 50.95 -1.40 -6.07
C LEU C 383 51.18 0.11 -6.28
N ARG C 384 51.23 0.87 -5.21
CA ARG C 384 51.51 2.32 -5.31
C ARG C 384 52.92 2.60 -5.86
N GLU C 385 53.93 1.88 -5.39
CA GLU C 385 55.31 2.03 -5.88
C GLU C 385 55.39 1.68 -7.35
N THR C 386 54.74 0.58 -7.72
CA THR C 386 54.82 0.08 -9.08
C THR C 386 53.99 0.90 -10.07
N PHE C 387 52.80 1.35 -9.67
CA PHE C 387 51.86 1.99 -10.59
C PHE C 387 51.55 3.46 -10.34
N GLY C 388 52.02 4.03 -9.23
CA GLY C 388 51.75 5.45 -8.88
C GLY C 388 52.06 6.44 -9.99
N GLY C 389 53.18 6.26 -10.69
CA GLY C 389 53.50 7.12 -11.83
C GLY C 389 53.30 6.51 -13.19
N HIS C 390 52.61 5.38 -13.30
CA HIS C 390 52.44 4.71 -14.58
C HIS C 390 51.49 5.53 -15.46
N PRO C 391 51.87 5.79 -16.73
CA PRO C 391 51.06 6.69 -17.59
C PRO C 391 49.60 6.22 -17.88
N LEU C 392 49.36 4.92 -17.87
CA LEU C 392 48.02 4.33 -18.03
C LEU C 392 47.10 4.42 -16.79
N VAL C 393 47.69 4.61 -15.61
CA VAL C 393 46.99 4.48 -14.35
C VAL C 393 46.63 5.85 -13.79
N GLY C 394 45.33 6.11 -13.70
CA GLY C 394 44.83 7.32 -13.06
C GLY C 394 44.80 7.25 -11.53
N GLU C 395 44.50 6.08 -10.98
CA GLU C 395 44.45 5.91 -9.52
C GLU C 395 44.82 4.48 -9.10
N VAL C 396 45.59 4.41 -8.03
CA VAL C 396 45.85 3.18 -7.30
C VAL C 396 45.12 3.34 -6.00
N ARG C 397 44.28 2.38 -5.67
CA ARG C 397 43.51 2.48 -4.44
C ARG C 397 43.33 1.12 -3.81
N GLY C 398 42.95 1.13 -2.54
CA GLY C 398 42.66 -0.06 -1.81
C GLY C 398 42.92 0.09 -0.35
N VAL C 399 42.58 -0.98 0.36
CA VAL C 399 42.77 -1.05 1.81
C VAL C 399 42.72 -2.53 2.16
N GLY C 400 43.54 -2.93 3.12
CA GLY C 400 43.66 -4.33 3.49
C GLY C 400 43.94 -5.24 2.28
N MET C 401 43.13 -6.27 2.12
CA MET C 401 43.31 -7.22 1.05
C MET C 401 42.36 -6.97 -0.15
N LEU C 402 42.00 -5.69 -0.36
CA LEU C 402 41.33 -5.26 -1.55
C LEU C 402 42.15 -4.16 -2.21
N ALA C 403 42.32 -4.24 -3.52
CA ALA C 403 42.99 -3.19 -4.24
C ALA C 403 42.54 -3.11 -5.67
N ALA C 404 42.80 -1.93 -6.28
CA ALA C 404 42.48 -1.73 -7.69
C ALA C 404 43.37 -0.69 -8.37
N LEU C 405 43.47 -0.83 -9.68
CA LEU C 405 44.09 0.14 -10.55
C LEU C 405 43.02 0.61 -11.51
N GLU C 406 42.79 1.92 -11.54
CA GLU C 406 41.86 2.47 -12.50
C GLU C 406 42.64 3.18 -13.62
N PHE C 407 42.31 2.80 -14.86
CA PHE C 407 43.01 3.26 -16.02
C PHE C 407 42.29 4.44 -16.63
N MET C 408 43.05 5.47 -16.98
CA MET C 408 42.49 6.72 -17.51
C MET C 408 43.26 7.19 -18.74
N ALA C 409 42.53 7.80 -19.66
CA ALA C 409 43.11 8.30 -20.92
C ALA C 409 43.87 9.58 -20.67
N ASP C 410 43.36 10.42 -19.78
CA ASP C 410 44.04 11.66 -19.40
C ASP C 410 44.04 11.76 -17.88
N LYS C 411 45.20 11.56 -17.30
CA LYS C 411 45.35 11.52 -15.83
C LYS C 411 44.96 12.84 -15.14
N ASP C 412 45.55 13.93 -15.60
CA ASP C 412 45.30 15.25 -15.00
C ASP C 412 43.82 15.68 -15.09
N ALA C 413 43.21 15.46 -16.26
CA ALA C 413 41.82 15.84 -16.46
C ALA C 413 40.80 14.80 -15.95
N ARG C 414 41.28 13.60 -15.62
CA ARG C 414 40.42 12.49 -15.23
C ARG C 414 39.44 12.13 -16.35
N THR C 415 39.99 11.99 -17.54
CA THR C 415 39.22 11.60 -18.68
C THR C 415 39.38 10.12 -18.88
N PRO C 416 38.28 9.35 -18.80
CA PRO C 416 38.41 7.92 -19.02
C PRO C 416 38.61 7.62 -20.49
N PHE C 417 39.03 6.40 -20.79
CA PHE C 417 39.09 5.89 -22.13
C PHE C 417 37.70 5.69 -22.67
N ASP C 418 37.56 5.71 -23.98
CA ASP C 418 36.37 5.25 -24.63
C ASP C 418 36.13 3.80 -24.18
N PRO C 419 34.95 3.51 -23.62
CA PRO C 419 34.63 2.13 -23.19
C PRO C 419 34.84 1.06 -24.27
N ALA C 420 34.60 1.42 -25.53
CA ALA C 420 34.76 0.50 -26.67
C ALA C 420 36.20 -0.01 -26.83
N LEU C 421 37.16 0.74 -26.33
CA LEU C 421 38.56 0.34 -26.32
C LEU C 421 38.86 -0.84 -25.38
N LYS C 422 38.01 -1.09 -24.39
CA LYS C 422 38.12 -2.24 -23.49
C LYS C 422 39.49 -2.37 -22.79
N VAL C 423 39.98 -1.26 -22.28
CA VAL C 423 41.29 -1.25 -21.64
C VAL C 423 41.35 -2.21 -20.44
N GLY C 424 40.36 -2.08 -19.54
CA GLY C 424 40.28 -2.94 -18.37
C GLY C 424 40.28 -4.40 -18.73
N PRO C 425 39.33 -4.83 -19.57
CA PRO C 425 39.28 -6.24 -20.00
C PRO C 425 40.55 -6.75 -20.66
N LYS C 426 41.19 -5.88 -21.44
CA LYS C 426 42.46 -6.25 -22.08
C LYS C 426 43.60 -6.46 -21.06
N VAL C 427 43.67 -5.62 -20.06
CA VAL C 427 44.67 -5.82 -19.01
C VAL C 427 44.41 -7.14 -18.28
N SER C 428 43.16 -7.41 -17.95
CA SER C 428 42.80 -8.64 -17.26
C SER C 428 43.13 -9.88 -18.10
N ALA C 429 42.81 -9.81 -19.38
CA ALA C 429 43.11 -10.91 -20.33
C ALA C 429 44.61 -11.16 -20.45
N ALA C 430 45.40 -10.08 -20.45
CA ALA C 430 46.85 -10.19 -20.50
C ALA C 430 47.42 -10.86 -19.23
N CYS C 431 46.90 -10.47 -18.06
CA CYS C 431 47.25 -11.14 -16.80
C CYS C 431 46.97 -12.63 -16.91
N LEU C 432 45.83 -12.96 -17.47
CA LEU C 432 45.35 -14.35 -17.54
C LEU C 432 46.27 -15.20 -18.44
N GLU C 433 46.64 -14.65 -19.58
CA GLU C 433 47.66 -15.26 -20.43
C GLU C 433 48.95 -15.57 -19.68
N ASP C 434 49.36 -14.69 -18.76
CA ASP C 434 50.53 -14.94 -17.91
C ASP C 434 50.22 -15.71 -16.63
N GLY C 435 49.07 -16.36 -16.56
CA GLY C 435 48.74 -17.22 -15.43
C GLY C 435 48.26 -16.55 -14.14
N MET C 436 47.63 -15.39 -14.24
CA MET C 436 47.10 -14.74 -13.05
C MET C 436 45.69 -14.22 -13.30
N ILE C 437 44.79 -14.48 -12.34
CA ILE C 437 43.40 -14.04 -12.40
C ILE C 437 43.24 -12.77 -11.59
N ALA C 438 42.94 -11.67 -12.27
CA ALA C 438 42.55 -10.44 -11.61
C ALA C 438 41.40 -9.90 -12.46
N ARG C 439 40.41 -9.30 -11.83
CA ARG C 439 39.16 -8.99 -12.50
C ARG C 439 39.12 -7.63 -13.21
N ALA C 440 38.58 -7.63 -14.42
CA ALA C 440 38.21 -6.37 -15.06
C ALA C 440 36.87 -5.97 -14.46
N MET C 441 36.86 -4.97 -13.61
CA MET C 441 35.65 -4.58 -12.88
C MET C 441 34.63 -3.98 -13.85
N PRO C 442 33.32 -4.08 -13.54
CA PRO C 442 32.32 -3.55 -14.48
C PRO C 442 32.19 -2.03 -14.49
N HIS C 443 31.63 -1.53 -15.57
CA HIS C 443 31.33 -0.09 -15.79
C HIS C 443 32.50 0.80 -15.53
N GLY C 444 33.59 0.53 -16.26
CA GLY C 444 34.79 1.37 -16.30
C GLY C 444 36.00 0.53 -16.58
N ASP C 445 37.20 1.13 -16.51
CA ASP C 445 38.45 0.42 -16.81
C ASP C 445 39.27 0.24 -15.56
N ILE C 446 39.05 -0.89 -14.91
CA ILE C 446 39.55 -1.09 -13.54
C ILE C 446 40.02 -2.52 -13.37
N LEU C 447 41.23 -2.70 -12.88
CA LEU C 447 41.74 -4.01 -12.58
C LEU C 447 41.64 -4.21 -11.09
N GLY C 448 40.93 -5.24 -10.68
CA GLY C 448 40.66 -5.49 -9.26
C GLY C 448 41.41 -6.69 -8.69
N PHE C 449 41.85 -6.53 -7.45
CA PHE C 449 42.53 -7.59 -6.70
C PHE C 449 41.80 -7.87 -5.38
N ALA C 450 41.53 -9.13 -5.10
CA ALA C 450 40.94 -9.58 -3.85
C ALA C 450 41.46 -11.00 -3.56
N PRO C 451 42.78 -11.10 -3.30
CA PRO C 451 43.40 -12.42 -3.15
C PRO C 451 42.98 -13.10 -1.87
N PRO C 452 43.19 -14.41 -1.79
CA PRO C 452 42.95 -15.09 -0.54
C PRO C 452 43.78 -14.48 0.62
N LEU C 453 43.24 -14.54 1.83
CA LEU C 453 43.85 -13.86 2.97
C LEU C 453 45.14 -14.53 3.45
N VAL C 454 45.36 -15.78 3.02
CA VAL C 454 46.62 -16.53 3.26
C VAL C 454 47.78 -16.10 2.39
N ILE C 455 47.58 -15.18 1.46
CA ILE C 455 48.65 -14.79 0.57
C ILE C 455 49.88 -14.29 1.33
N THR C 456 51.07 -14.61 0.79
CA THR C 456 52.36 -14.15 1.35
C THR C 456 52.88 -12.92 0.61
N ARG C 457 53.91 -12.31 1.19
CA ARG C 457 54.60 -11.20 0.54
C ARG C 457 55.21 -11.59 -0.80
N ALA C 458 55.82 -12.77 -0.82
CA ALA C 458 56.42 -13.30 -2.02
C ALA C 458 55.36 -13.49 -3.10
N GLU C 459 54.20 -14.00 -2.73
CA GLU C 459 53.08 -14.13 -3.70
C GLU C 459 52.56 -12.76 -4.19
N VAL C 460 52.52 -11.76 -3.31
CA VAL C 460 52.20 -10.41 -3.71
C VAL C 460 53.14 -9.89 -4.79
N ASP C 461 54.46 -10.06 -4.58
CA ASP C 461 55.45 -9.61 -5.57
C ASP C 461 55.22 -10.25 -6.92
N GLU C 462 54.88 -11.53 -6.91
CA GLU C 462 54.61 -12.25 -8.17
C GLU C 462 53.36 -11.70 -8.87
N ILE C 463 52.28 -11.48 -8.12
CA ILE C 463 51.07 -10.87 -8.68
C ILE C 463 51.35 -9.48 -9.30
N VAL C 464 52.06 -8.65 -8.54
CA VAL C 464 52.37 -7.29 -8.97
C VAL C 464 53.24 -7.30 -10.24
N GLY C 465 54.21 -8.22 -10.31
CA GLY C 465 55.06 -8.33 -11.49
C GLY C 465 54.29 -8.74 -12.73
N ILE C 466 53.37 -9.69 -12.59
CA ILE C 466 52.53 -10.07 -13.73
C ILE C 466 51.61 -8.93 -14.15
N ALA C 467 51.01 -8.27 -13.17
CA ALA C 467 50.16 -7.09 -13.47
C ALA C 467 50.95 -6.02 -14.20
N LYS C 468 52.18 -5.80 -13.75
CA LYS C 468 53.05 -4.78 -14.34
C LYS C 468 53.29 -5.05 -15.85
N GLN C 469 53.63 -6.30 -16.17
CA GLN C 469 53.80 -6.72 -17.55
C GLN C 469 52.56 -6.52 -18.39
N ALA C 470 51.41 -6.93 -17.85
CA ALA C 470 50.11 -6.81 -18.54
C ALA C 470 49.73 -5.34 -18.76
N VAL C 471 49.96 -4.51 -17.75
CA VAL C 471 49.67 -3.09 -17.88
C VAL C 471 50.58 -2.41 -18.90
N ASP C 472 51.88 -2.74 -18.87
CA ASP C 472 52.83 -2.25 -19.90
C ASP C 472 52.42 -2.67 -21.31
N GLU C 473 52.05 -3.93 -21.47
CA GLU C 473 51.64 -4.46 -22.77
C GLU C 473 50.46 -3.68 -23.35
N VAL C 474 49.45 -3.40 -22.53
CA VAL C 474 48.23 -2.73 -23.01
C VAL C 474 48.52 -1.22 -23.23
N ALA C 475 49.31 -0.64 -22.34
CA ALA C 475 49.78 0.73 -22.52
C ALA C 475 50.44 0.97 -23.90
N ASP C 476 51.26 0.01 -24.34
CA ASP C 476 51.86 0.06 -25.69
C ASP C 476 50.83 0.09 -26.77
N GLU C 477 49.81 -0.74 -26.65
CA GLU C 477 48.74 -0.79 -27.65
C GLU C 477 47.94 0.52 -27.74
N VAL C 478 47.66 1.17 -26.61
CA VAL C 478 46.65 2.25 -26.61
C VAL C 478 47.23 3.64 -26.38
N LEU C 479 48.40 3.74 -25.74
CA LEU C 479 49.11 5.01 -25.68
C LEU C 479 49.83 5.09 -27.02
N ASP D 23 27.23 -29.03 26.57
CA ASP D 23 26.11 -28.89 27.54
C ASP D 23 24.79 -28.42 26.83
N LEU D 24 23.79 -29.29 26.87
CA LEU D 24 22.52 -29.01 26.25
C LEU D 24 21.91 -27.70 26.73
N ASP D 25 21.94 -27.45 28.04
CA ASP D 25 21.38 -26.21 28.58
C ASP D 25 22.08 -24.99 28.04
N GLN D 26 23.40 -25.09 27.90
CA GLN D 26 24.14 -23.97 27.36
C GLN D 26 23.82 -23.73 25.89
N LEU D 27 23.67 -24.82 25.13
CA LEU D 27 23.27 -24.74 23.72
C LEU D 27 21.92 -24.05 23.56
N PHE D 28 20.93 -24.44 24.36
CA PHE D 28 19.63 -23.81 24.28
C PHE D 28 19.66 -22.35 24.67
N GLU D 29 20.54 -22.01 25.61
CA GLU D 29 20.69 -20.62 26.01
C GLU D 29 21.26 -19.79 24.87
N MET D 30 22.29 -20.32 24.21
CA MET D 30 22.89 -19.68 23.03
C MET D 30 21.86 -19.54 21.90
N ASP D 31 21.07 -20.57 21.66
CA ASP D 31 20.02 -20.58 20.66
C ASP D 31 19.04 -19.44 20.92
N ARG D 32 18.47 -19.40 22.11
CA ARG D 32 17.57 -18.33 22.51
C ARG D 32 18.17 -16.95 22.42
N ALA D 33 19.42 -16.83 22.79
CA ALA D 33 20.10 -15.53 22.81
C ALA D 33 20.50 -15.03 21.39
N HIS D 34 20.93 -15.94 20.50
CA HIS D 34 21.60 -15.55 19.25
C HIS D 34 21.07 -16.06 17.90
N PHE D 35 20.23 -17.08 17.90
CA PHE D 35 19.76 -17.69 16.64
C PHE D 35 18.32 -17.22 16.31
N MET D 36 18.19 -16.48 15.22
CA MET D 36 16.86 -16.10 14.68
C MET D 36 16.45 -17.17 13.66
N HIS D 37 15.47 -17.95 14.04
CA HIS D 37 15.01 -19.06 13.24
C HIS D 37 14.06 -18.58 12.14
N PRO D 38 14.00 -19.31 11.00
CA PRO D 38 12.85 -19.10 10.16
C PRO D 38 11.56 -19.55 10.83
N SER D 39 10.45 -18.90 10.45
CA SER D 39 9.11 -19.32 10.83
C SER D 39 9.02 -19.84 12.30
N THR D 40 9.33 -18.93 13.20
CA THR D 40 9.39 -19.19 14.63
C THR D 40 9.01 -17.90 15.36
N HIS D 41 8.04 -18.02 16.26
CA HIS D 41 7.64 -16.94 17.13
C HIS D 41 8.86 -16.33 17.84
N ALA D 42 9.24 -15.12 17.45
CA ALA D 42 10.50 -14.56 17.88
C ALA D 42 10.60 -14.45 19.42
N HIS D 43 9.58 -13.86 20.04
CA HIS D 43 9.58 -13.64 21.50
C HIS D 43 9.45 -14.95 22.31
N ASP D 44 8.49 -15.79 21.96
CA ASP D 44 8.25 -17.06 22.67
C ASP D 44 9.47 -17.96 22.60
N HIS D 45 10.14 -17.98 21.45
CA HIS D 45 11.34 -18.78 21.31
C HIS D 45 12.45 -18.18 22.16
N ALA D 46 12.63 -16.86 22.08
CA ALA D 46 13.67 -16.19 22.88
C ALA D 46 13.46 -16.34 24.39
N SER D 47 12.20 -16.31 24.82
CA SER D 47 11.84 -16.40 26.25
C SER D 47 11.86 -17.84 26.77
N GLY D 48 11.76 -18.82 25.89
CA GLY D 48 11.74 -20.21 26.30
C GLY D 48 10.36 -20.82 26.31
N ALA D 49 9.33 -19.99 26.14
CA ALA D 49 7.94 -20.45 26.07
C ALA D 49 7.68 -21.39 24.88
N LEU D 50 8.37 -21.19 23.77
CA LEU D 50 8.38 -22.12 22.65
C LEU D 50 9.68 -22.89 22.80
N PRO D 51 9.61 -24.14 23.26
CA PRO D 51 10.88 -24.83 23.54
C PRO D 51 11.63 -25.24 22.27
N GLY D 52 12.93 -25.14 22.30
CA GLY D 52 13.80 -25.54 21.22
C GLY D 52 13.87 -27.05 21.07
N ARG D 53 14.22 -27.52 19.89
CA ARG D 53 14.49 -28.93 19.66
C ARG D 53 15.71 -29.06 18.74
N ILE D 54 16.71 -29.81 19.19
CA ILE D 54 17.90 -30.12 18.40
C ILE D 54 17.79 -31.51 17.79
N ILE D 55 18.03 -31.60 16.50
CA ILE D 55 17.95 -32.87 15.78
C ILE D 55 19.39 -33.37 15.65
N THR D 56 19.63 -34.61 16.06
CA THR D 56 20.99 -35.17 16.22
C THR D 56 21.34 -36.22 15.17
N GLY D 57 20.33 -36.76 14.47
CA GLY D 57 20.60 -37.77 13.48
C GLY D 57 19.33 -38.25 12.83
N GLY D 58 19.49 -39.20 11.92
CA GLY D 58 18.36 -39.77 11.23
C GLY D 58 18.75 -40.79 10.21
N LYS D 59 17.82 -41.71 9.96
CA LYS D 59 18.05 -42.81 9.04
C LYS D 59 16.72 -43.25 8.44
N GLY D 60 16.69 -43.39 7.11
CA GLY D 60 15.48 -43.81 6.43
C GLY D 60 14.38 -42.76 6.56
N ILE D 61 13.27 -43.10 7.23
CA ILE D 61 12.17 -42.16 7.43
C ILE D 61 12.11 -41.62 8.86
N ARG D 62 13.16 -41.84 9.62
CA ARG D 62 13.13 -41.55 11.05
C ARG D 62 14.22 -40.54 11.41
N ILE D 63 13.87 -39.62 12.30
CA ILE D 63 14.88 -38.70 12.88
C ILE D 63 14.93 -38.86 14.40
N GLN D 64 16.03 -38.36 14.96
CA GLN D 64 16.25 -38.42 16.40
C GLN D 64 16.55 -37.03 16.96
N ASP D 65 16.02 -36.74 18.15
CA ASP D 65 16.26 -35.46 18.82
C ASP D 65 17.24 -35.54 20.00
N HIS D 66 17.50 -34.38 20.61
CA HIS D 66 18.45 -34.23 21.71
C HIS D 66 18.11 -35.02 22.98
N GLU D 67 16.85 -35.38 23.17
CA GLU D 67 16.44 -36.24 24.26
C GLU D 67 16.55 -37.73 23.91
N GLY D 68 17.08 -38.05 22.72
CA GLY D 68 17.05 -39.42 22.20
C GLY D 68 15.68 -39.91 21.74
N ARG D 69 14.66 -39.07 21.74
CA ARG D 69 13.35 -39.48 21.21
C ARG D 69 13.48 -39.68 19.68
N GLU D 70 12.76 -40.66 19.15
CA GLU D 70 12.78 -40.99 17.72
C GLU D 70 11.42 -40.67 17.09
N TYR D 71 11.43 -40.15 15.86
CA TYR D 71 10.15 -39.81 15.19
C TYR D 71 10.13 -40.31 13.78
N ILE D 72 8.98 -40.79 13.36
CA ILE D 72 8.71 -41.00 11.94
C ILE D 72 8.43 -39.64 11.31
N ASP D 73 9.28 -39.22 10.38
CA ASP D 73 9.09 -37.92 9.73
C ASP D 73 8.21 -38.07 8.50
N ALA D 74 6.90 -37.96 8.71
CA ALA D 74 5.95 -38.10 7.62
C ALA D 74 5.84 -36.80 6.80
N PHE D 75 6.76 -35.85 7.00
CA PHE D 75 6.83 -34.65 6.17
C PHE D 75 8.16 -34.45 5.45
N ALA D 76 9.06 -35.43 5.56
CA ALA D 76 10.34 -35.41 4.85
C ALA D 76 11.05 -34.06 4.97
N GLY D 77 11.18 -33.56 6.19
CA GLY D 77 11.74 -32.23 6.44
C GLY D 77 10.64 -31.22 6.12
N LEU D 78 10.77 -30.63 4.94
CA LEU D 78 9.73 -29.79 4.33
C LEU D 78 9.58 -30.24 2.88
N TYR D 79 8.86 -31.35 2.71
CA TYR D 79 8.64 -31.97 1.40
C TYR D 79 9.95 -32.19 0.64
N CYS D 80 11.06 -32.45 1.32
CA CYS D 80 12.33 -32.39 0.61
C CYS D 80 13.31 -33.55 0.83
N VAL D 81 13.26 -34.26 1.97
CA VAL D 81 14.22 -35.35 2.21
C VAL D 81 13.69 -36.63 1.49
N ASN D 82 13.68 -36.58 0.16
CA ASN D 82 12.90 -37.51 -0.63
C ASN D 82 13.49 -38.92 -0.72
N ILE D 83 14.83 -39.01 -0.76
CA ILE D 83 15.51 -40.29 -0.74
C ILE D 83 15.70 -40.84 0.67
N GLY D 84 15.23 -40.12 1.68
CA GLY D 84 15.37 -40.49 3.06
C GLY D 84 16.64 -39.99 3.71
N TYR D 85 16.67 -40.10 5.03
CA TYR D 85 17.79 -39.64 5.87
C TYR D 85 18.99 -40.60 5.88
N GLY D 86 20.18 -40.05 6.13
CA GLY D 86 21.36 -40.84 6.41
C GLY D 86 21.98 -41.52 5.23
N ARG D 87 21.84 -40.96 4.05
CA ARG D 87 22.47 -41.51 2.85
C ARG D 87 23.95 -41.15 2.85
N THR D 88 24.78 -42.03 3.37
CA THR D 88 26.23 -41.79 3.36
C THR D 88 26.75 -41.75 1.91
N GLU D 89 26.06 -42.38 0.98
CA GLU D 89 26.41 -42.27 -0.43
C GLU D 89 26.44 -40.80 -0.91
N VAL D 90 25.47 -40.00 -0.45
CA VAL D 90 25.41 -38.60 -0.83
C VAL D 90 26.47 -37.79 -0.08
N ALA D 91 26.63 -38.09 1.20
CA ALA D 91 27.71 -37.50 2.01
C ALA D 91 29.07 -37.73 1.36
N ASP D 92 29.31 -38.95 0.88
CA ASP D 92 30.57 -39.29 0.21
C ASP D 92 30.78 -38.47 -1.06
N ALA D 93 29.71 -38.32 -1.86
CA ALA D 93 29.79 -37.53 -3.07
C ALA D 93 30.10 -36.05 -2.79
N ILE D 94 29.45 -35.52 -1.76
CA ILE D 94 29.71 -34.13 -1.32
C ILE D 94 31.16 -34.00 -0.92
N TYR D 95 31.62 -34.93 -0.09
CA TYR D 95 33.00 -34.97 0.36
C TYR D 95 34.02 -34.99 -0.77
N GLU D 96 33.82 -35.90 -1.73
CA GLU D 96 34.77 -36.01 -2.85
C GLU D 96 34.86 -34.67 -3.59
N GLN D 97 33.72 -34.05 -3.89
CA GLN D 97 33.77 -32.75 -4.58
C GLN D 97 34.43 -31.68 -3.70
N ALA D 98 34.05 -31.65 -2.42
CA ALA D 98 34.63 -30.71 -1.49
C ALA D 98 36.16 -30.81 -1.40
N LYS D 99 36.71 -32.02 -1.46
CA LYS D 99 38.15 -32.24 -1.47
C LYS D 99 38.80 -31.76 -2.74
N GLU D 100 38.20 -32.08 -3.87
CA GLU D 100 38.78 -31.74 -5.16
C GLU D 100 38.68 -30.23 -5.45
N LEU D 101 37.47 -29.68 -5.28
CA LEU D 101 37.19 -28.27 -5.50
C LEU D 101 35.80 -27.93 -4.93
N ALA D 102 35.81 -27.39 -3.71
CA ALA D 102 34.57 -27.04 -3.05
C ALA D 102 33.85 -25.90 -3.80
N TYR D 103 34.62 -24.94 -4.30
CA TYR D 103 34.11 -23.81 -5.02
C TYR D 103 35.05 -23.15 -6.02
N TYR D 104 34.45 -22.83 -7.16
CA TYR D 104 34.85 -21.75 -8.02
C TYR D 104 33.57 -21.22 -8.60
N HIS D 105 33.61 -20.01 -9.12
CA HIS D 105 32.45 -19.38 -9.71
C HIS D 105 32.16 -20.03 -11.06
N THR D 106 30.95 -19.79 -11.56
CA THR D 106 30.56 -20.19 -12.92
C THR D 106 30.29 -18.99 -13.83
N TYR D 107 30.83 -17.84 -13.45
CA TYR D 107 30.78 -16.62 -14.26
C TYR D 107 31.60 -16.77 -15.52
N VAL D 108 31.25 -15.98 -16.53
CA VAL D 108 31.96 -15.90 -17.83
C VAL D 108 32.34 -17.31 -18.33
N GLY D 109 31.36 -18.18 -18.42
CA GLY D 109 31.52 -19.51 -19.00
C GLY D 109 32.32 -20.53 -18.20
N HIS D 110 32.61 -20.27 -16.93
CA HIS D 110 33.32 -21.23 -16.11
C HIS D 110 32.35 -22.30 -15.55
N SER D 111 32.91 -23.51 -15.35
CA SER D 111 32.15 -24.67 -14.89
C SER D 111 32.96 -25.64 -14.08
N THR D 112 32.27 -26.57 -13.44
CA THR D 112 32.82 -27.87 -13.05
C THR D 112 32.14 -28.93 -13.89
N GLU D 113 32.76 -30.11 -13.91
CA GLU D 113 32.18 -31.24 -14.60
C GLU D 113 30.80 -31.57 -13.98
N ALA D 114 30.72 -31.51 -12.65
CA ALA D 114 29.49 -31.84 -11.96
C ALA D 114 28.28 -30.99 -12.41
N ILE D 115 28.46 -29.67 -12.53
CA ILE D 115 27.32 -28.81 -12.85
C ILE D 115 26.88 -29.01 -14.31
N ILE D 116 27.82 -29.38 -15.17
CA ILE D 116 27.49 -29.67 -16.57
C ILE D 116 26.70 -30.96 -16.66
N GLU D 117 27.18 -32.01 -15.98
CA GLU D 117 26.50 -33.31 -16.01
C GLU D 117 25.07 -33.15 -15.46
N LEU D 118 24.93 -32.40 -14.38
CA LEU D 118 23.63 -32.18 -13.78
C LEU D 118 22.66 -31.49 -14.74
N SER D 119 23.13 -30.45 -15.42
CA SER D 119 22.30 -29.71 -16.35
C SER D 119 21.77 -30.64 -17.46
N SER D 120 22.66 -31.43 -18.04
CA SER D 120 22.24 -32.35 -19.09
C SER D 120 21.30 -33.42 -18.55
N ARG D 121 21.58 -33.93 -17.37
CA ARG D 121 20.70 -34.96 -16.77
C ARG D 121 19.27 -34.46 -16.46
N ILE D 122 19.18 -33.26 -15.88
CA ILE D 122 17.87 -32.65 -15.64
C ILE D 122 17.09 -32.51 -16.93
N ILE D 123 17.72 -31.94 -17.95
CA ILE D 123 17.03 -31.72 -19.23
C ILE D 123 16.67 -33.04 -19.94
N ARG D 124 17.61 -33.98 -20.03
CA ARG D 124 17.38 -35.23 -20.74
C ARG D 124 16.43 -36.17 -19.99
N ASP D 125 16.57 -36.29 -18.67
CA ASP D 125 15.89 -37.38 -17.96
C ASP D 125 14.70 -37.01 -17.10
N TRP D 126 14.61 -35.74 -16.67
CA TRP D 126 13.58 -35.36 -15.69
C TRP D 126 12.61 -34.29 -16.18
N ALA D 127 13.10 -33.32 -16.96
CA ALA D 127 12.28 -32.21 -17.39
C ALA D 127 11.38 -32.58 -18.54
N PRO D 128 10.21 -31.90 -18.66
CA PRO D 128 9.35 -32.17 -19.82
C PRO D 128 9.94 -31.71 -21.14
N ALA D 129 9.31 -32.19 -22.20
CA ALA D 129 9.75 -31.91 -23.56
C ALA D 129 9.79 -30.41 -23.81
N GLY D 130 10.77 -29.96 -24.60
CA GLY D 130 10.88 -28.54 -24.94
C GLY D 130 11.76 -27.72 -24.01
N MET D 131 12.23 -28.32 -22.92
CA MET D 131 13.11 -27.62 -21.97
C MET D 131 14.53 -27.65 -22.50
N LYS D 132 15.29 -26.62 -22.24
CA LYS D 132 16.62 -26.50 -22.82
C LYS D 132 17.74 -26.22 -21.81
N LYS D 133 17.59 -25.17 -20.99
CA LYS D 133 18.70 -24.71 -20.12
C LYS D 133 18.34 -24.71 -18.62
N VAL D 134 19.34 -24.83 -17.77
CA VAL D 134 19.17 -24.71 -16.33
C VAL D 134 20.09 -23.62 -15.77
N TYR D 135 19.48 -22.71 -15.00
CA TYR D 135 20.20 -21.68 -14.22
C TYR D 135 20.07 -22.03 -12.77
N TYR D 136 21.17 -21.94 -12.02
CA TYR D 136 21.20 -22.45 -10.64
C TYR D 136 21.25 -21.35 -9.56
N GLY D 137 20.50 -21.58 -8.49
CA GLY D 137 20.59 -20.84 -7.24
C GLY D 137 20.66 -21.79 -6.06
N MET D 138 20.21 -21.33 -4.89
CA MET D 138 20.25 -22.13 -3.68
C MET D 138 18.89 -22.36 -3.02
N SER D 139 17.84 -21.68 -3.44
CA SER D 139 16.54 -21.85 -2.78
C SER D 139 15.45 -21.74 -3.82
N GLY D 140 14.29 -22.29 -3.49
CA GLY D 140 13.11 -22.12 -4.30
C GLY D 140 12.77 -20.67 -4.48
N SER D 141 12.96 -19.90 -3.44
CA SER D 141 12.71 -18.46 -3.48
C SER D 141 13.62 -17.75 -4.47
N ASP D 142 14.91 -18.03 -4.45
CA ASP D 142 15.78 -17.30 -5.36
C ASP D 142 15.54 -17.75 -6.83
N ALA D 143 15.08 -18.99 -7.01
CA ALA D 143 14.73 -19.48 -8.32
C ALA D 143 13.53 -18.72 -8.89
N ASN D 144 12.48 -18.57 -8.07
CA ASN D 144 11.33 -17.77 -8.53
C ASN D 144 11.68 -16.28 -8.76
N GLU D 145 12.65 -15.77 -8.02
CA GLU D 145 13.15 -14.42 -8.23
C GLU D 145 13.77 -14.31 -9.63
N THR D 146 14.63 -15.27 -9.96
CA THR D 146 15.18 -15.36 -11.28
C THR D 146 14.07 -15.43 -12.35
N GLN D 147 13.06 -16.25 -12.10
CA GLN D 147 11.94 -16.37 -13.05
C GLN D 147 11.34 -15.01 -13.42
N ILE D 148 11.07 -14.17 -12.43
CA ILE D 148 10.42 -12.89 -12.73
C ILE D 148 11.38 -12.00 -13.52
N LYS D 149 12.65 -11.99 -13.15
CA LYS D 149 13.66 -11.28 -13.96
C LYS D 149 13.62 -11.73 -15.43
N LEU D 150 13.55 -13.02 -15.66
CA LEU D 150 13.56 -13.54 -17.04
C LEU D 150 12.28 -13.13 -17.78
N VAL D 151 11.16 -13.19 -17.11
CA VAL D 151 9.89 -12.79 -17.74
C VAL D 151 9.93 -11.30 -18.14
N TRP D 152 10.42 -10.44 -17.24
CA TRP D 152 10.53 -9.04 -17.56
C TRP D 152 11.56 -8.76 -18.69
N TYR D 153 12.70 -9.45 -18.64
CA TYR D 153 13.74 -9.33 -19.69
C TYR D 153 13.21 -9.79 -21.05
N TYR D 154 12.53 -10.93 -21.03
CA TYR D 154 11.89 -11.49 -22.22
C TYR D 154 11.02 -10.47 -22.92
N ASN D 155 10.14 -9.85 -22.16
CA ASN D 155 9.23 -8.87 -22.77
C ASN D 155 9.91 -7.57 -23.19
N ASN D 156 10.89 -7.11 -22.43
CA ASN D 156 11.63 -5.91 -22.83
C ASN D 156 12.40 -6.13 -24.14
N VAL D 157 13.07 -7.28 -24.27
CA VAL D 157 13.83 -7.51 -25.47
C VAL D 157 12.90 -7.73 -26.67
N LEU D 158 11.70 -8.23 -26.45
CA LEU D 158 10.74 -8.32 -27.53
C LEU D 158 10.05 -6.98 -27.86
N GLY D 159 10.36 -5.90 -27.16
CA GLY D 159 9.70 -4.65 -27.39
C GLY D 159 8.29 -4.57 -26.84
N ARG D 160 8.02 -5.25 -25.73
CA ARG D 160 6.70 -5.18 -25.09
C ARG D 160 6.86 -4.69 -23.67
N PRO D 161 7.31 -3.43 -23.50
CA PRO D 161 7.60 -2.93 -22.13
C PRO D 161 6.42 -2.93 -21.17
N GLN D 162 5.19 -2.94 -21.67
CA GLN D 162 4.01 -2.98 -20.80
C GLN D 162 3.67 -4.38 -20.31
N LYS D 163 4.20 -5.43 -20.97
CA LYS D 163 3.76 -6.79 -20.70
C LYS D 163 4.59 -7.36 -19.55
N LYS D 164 4.13 -7.13 -18.33
CA LYS D 164 4.95 -7.37 -17.12
C LYS D 164 4.23 -7.97 -15.90
N LYS D 165 2.90 -7.97 -15.89
CA LYS D 165 2.17 -8.42 -14.74
C LYS D 165 2.27 -9.95 -14.63
N ILE D 166 2.32 -10.43 -13.38
CA ILE D 166 2.37 -11.82 -13.08
C ILE D 166 1.09 -12.20 -12.32
N ILE D 167 0.40 -13.22 -12.81
CA ILE D 167 -0.77 -13.73 -12.13
C ILE D 167 -0.38 -14.97 -11.33
N SER D 168 -0.63 -14.93 -10.03
CA SER D 168 -0.45 -16.07 -9.16
C SER D 168 -1.82 -16.48 -8.66
N ARG D 169 -1.87 -17.29 -7.61
CA ARG D 169 -3.16 -17.75 -7.08
C ARG D 169 -3.23 -17.67 -5.59
N GLN D 170 -4.45 -17.45 -5.09
CA GLN D 170 -4.75 -17.59 -3.67
C GLN D 170 -4.25 -18.93 -3.17
N ARG D 171 -3.59 -18.88 -2.01
CA ARG D 171 -2.95 -20.04 -1.33
C ARG D 171 -1.74 -20.64 -2.03
N GLY D 172 -1.30 -20.06 -3.14
CA GLY D 172 -0.06 -20.53 -3.74
C GLY D 172 1.11 -20.24 -2.82
N TYR D 173 2.14 -21.07 -2.89
CA TYR D 173 3.38 -20.80 -2.17
C TYR D 173 4.54 -20.83 -3.14
N HIS D 174 5.23 -19.71 -3.22
CA HIS D 174 6.32 -19.50 -4.18
C HIS D 174 7.56 -18.88 -3.58
N GLY D 175 7.62 -18.83 -2.25
CA GLY D 175 8.75 -18.26 -1.56
C GLY D 175 8.43 -17.12 -0.63
N SER D 176 9.48 -16.57 -0.06
CA SER D 176 9.39 -15.80 1.17
C SER D 176 10.21 -14.50 1.11
N GLY D 177 10.42 -13.98 -0.09
CA GLY D 177 11.05 -12.69 -0.25
C GLY D 177 10.03 -11.61 -0.46
N ILE D 178 10.45 -10.49 -1.07
CA ILE D 178 9.56 -9.40 -1.38
C ILE D 178 8.79 -9.74 -2.66
N MET D 179 9.48 -9.90 -3.77
CA MET D 179 8.83 -10.35 -4.99
C MET D 179 8.20 -11.77 -4.85
N THR D 180 8.96 -12.71 -4.31
CA THR D 180 8.49 -14.07 -4.23
C THR D 180 7.36 -14.21 -3.19
N GLY D 181 7.45 -13.47 -2.09
CA GLY D 181 6.37 -13.44 -1.13
C GLY D 181 5.12 -12.81 -1.70
N SER D 182 5.28 -11.87 -2.64
CA SER D 182 4.15 -11.32 -3.36
C SER D 182 3.47 -12.35 -4.24
N LEU D 183 4.27 -13.20 -4.90
CA LEU D 183 3.69 -14.31 -5.70
C LEU D 183 2.93 -15.26 -4.78
N THR D 184 3.50 -15.52 -3.62
CA THR D 184 2.85 -16.36 -2.62
C THR D 184 1.47 -15.79 -2.27
N GLY D 185 0.48 -16.65 -2.12
CA GLY D 185 -0.91 -16.25 -1.90
C GLY D 185 -1.43 -16.56 -0.51
N LEU D 186 -0.58 -16.54 0.49
CA LEU D 186 -0.90 -16.84 1.89
C LEU D 186 -0.58 -15.61 2.69
N PRO D 187 -1.54 -15.12 3.50
CA PRO D 187 -1.37 -13.78 4.08
C PRO D 187 -0.25 -13.62 5.07
N SER D 188 0.18 -14.67 5.72
CA SER D 188 1.26 -14.54 6.72
C SER D 188 2.58 -14.11 6.07
N PHE D 189 2.76 -14.43 4.78
CA PHE D 189 3.93 -14.00 4.05
C PHE D 189 3.82 -12.57 3.52
N HIS D 190 2.66 -11.95 3.67
CA HIS D 190 2.40 -10.57 3.29
C HIS D 190 2.31 -9.60 4.47
N GLN D 191 1.73 -10.06 5.56
CA GLN D 191 1.36 -9.19 6.67
C GLN D 191 2.59 -8.51 7.27
N HIS D 192 2.49 -7.16 7.28
CA HIS D 192 3.51 -6.27 7.80
C HIS D 192 4.75 -6.22 6.93
N PHE D 193 4.67 -6.78 5.72
CA PHE D 193 5.72 -6.63 4.71
C PHE D 193 5.27 -5.86 3.49
N ASP D 194 4.04 -5.33 3.50
CA ASP D 194 3.50 -4.46 2.47
C ASP D 194 3.39 -5.17 1.13
N LEU D 195 3.13 -6.47 1.17
CA LEU D 195 3.02 -7.29 -0.04
C LEU D 195 1.53 -7.58 -0.32
N PRO D 196 1.14 -7.86 -1.55
CA PRO D 196 2.03 -7.99 -2.68
C PRO D 196 2.41 -6.66 -3.30
N ILE D 197 3.60 -6.56 -3.85
CA ILE D 197 4.00 -5.37 -4.55
C ILE D 197 3.28 -5.29 -5.87
N GLU D 198 3.42 -4.12 -6.52
CA GLU D 198 2.68 -3.86 -7.75
C GLU D 198 3.11 -4.84 -8.85
N ARG D 199 2.17 -5.11 -9.75
CA ARG D 199 2.36 -6.00 -10.91
C ARG D 199 1.96 -7.43 -10.60
N ILE D 200 1.78 -7.78 -9.33
CA ILE D 200 1.44 -9.14 -8.96
C ILE D 200 -0.04 -9.24 -8.62
N LYS D 201 -0.77 -10.13 -9.30
CA LYS D 201 -2.20 -10.33 -9.06
C LYS D 201 -2.41 -11.78 -8.63
N HIS D 202 -3.53 -12.03 -7.98
CA HIS D 202 -3.86 -13.39 -7.57
C HIS D 202 -5.24 -13.77 -8.06
N THR D 203 -5.36 -14.93 -8.72
CA THR D 203 -6.67 -15.45 -9.12
C THR D 203 -7.10 -16.54 -8.11
N VAL D 204 -8.13 -17.30 -8.48
CA VAL D 204 -8.75 -18.21 -7.52
C VAL D 204 -7.94 -19.46 -7.18
N CYS D 205 -8.12 -19.91 -5.95
CA CYS D 205 -7.56 -21.15 -5.47
C CYS D 205 -8.36 -22.30 -6.06
N PRO D 206 -7.71 -23.22 -6.78
CA PRO D 206 -8.45 -24.31 -7.42
C PRO D 206 -8.68 -25.47 -6.47
N HIS D 207 -9.58 -25.25 -5.54
CA HIS D 207 -9.92 -26.19 -4.50
C HIS D 207 -11.40 -26.45 -4.63
N TRP D 208 -11.76 -27.53 -5.33
CA TRP D 208 -13.18 -27.78 -5.61
C TRP D 208 -14.03 -27.84 -4.34
N TYR D 209 -13.51 -28.47 -3.32
CA TYR D 209 -14.22 -28.59 -2.06
C TYR D 209 -14.72 -27.24 -1.54
N LYS D 210 -13.99 -26.17 -1.81
CA LYS D 210 -14.42 -24.84 -1.38
C LYS D 210 -15.05 -23.99 -2.47
N ALA D 211 -15.56 -24.65 -3.52
CA ALA D 211 -16.12 -23.94 -4.65
C ALA D 211 -17.39 -23.16 -4.30
N PRO D 212 -17.72 -22.12 -5.10
CA PRO D 212 -19.06 -21.55 -5.01
C PRO D 212 -20.11 -22.64 -4.97
N ALA D 213 -21.04 -22.51 -4.03
CA ALA D 213 -21.93 -23.57 -3.61
C ALA D 213 -22.67 -24.20 -4.80
N GLY D 214 -22.84 -25.51 -4.73
CA GLY D 214 -23.53 -26.23 -5.79
C GLY D 214 -22.70 -26.61 -6.99
N MET D 215 -21.57 -25.95 -7.24
CA MET D 215 -20.83 -26.18 -8.49
C MET D 215 -20.33 -27.60 -8.62
N SER D 216 -20.56 -28.21 -9.77
CA SER D 216 -19.93 -29.48 -10.08
C SER D 216 -18.43 -29.22 -10.34
N GLU D 217 -17.68 -30.29 -10.48
CA GLU D 217 -16.27 -30.19 -10.74
C GLU D 217 -16.01 -29.45 -12.07
N ALA D 218 -16.77 -29.79 -13.11
CA ALA D 218 -16.60 -29.16 -14.41
C ALA D 218 -17.00 -27.69 -14.41
N GLN D 219 -18.06 -27.37 -13.67
CA GLN D 219 -18.51 -26.00 -13.55
C GLN D 219 -17.46 -25.18 -12.80
N PHE D 220 -16.86 -25.77 -11.78
CA PHE D 220 -15.81 -25.10 -11.02
C PHE D 220 -14.57 -24.81 -11.89
N VAL D 221 -14.21 -25.76 -12.75
CA VAL D 221 -13.10 -25.55 -13.64
C VAL D 221 -13.40 -24.36 -14.55
N ARG D 222 -14.63 -24.32 -15.11
CA ARG D 222 -15.03 -23.21 -15.97
C ARG D 222 -15.03 -21.89 -15.21
N TYR D 223 -15.44 -21.92 -13.96
CA TYR D 223 -15.38 -20.75 -13.10
C TYR D 223 -13.92 -20.26 -12.94
N CYS D 224 -12.99 -21.17 -12.67
CA CYS D 224 -11.58 -20.81 -12.56
C CYS D 224 -11.04 -20.19 -13.85
N ALA D 225 -11.38 -20.82 -14.98
CA ALA D 225 -10.94 -20.30 -16.28
C ALA D 225 -11.55 -18.95 -16.59
N ASP D 226 -12.85 -18.81 -16.35
CA ASP D 226 -13.54 -17.55 -16.63
C ASP D 226 -13.00 -16.43 -15.74
N GLU D 227 -12.76 -16.71 -14.46
CA GLU D 227 -12.27 -15.66 -13.58
C GLU D 227 -10.87 -15.24 -13.97
N LEU D 228 -10.03 -16.18 -14.40
CA LEU D 228 -8.71 -15.85 -14.91
C LEU D 228 -8.85 -14.94 -16.13
N GLU D 229 -9.75 -15.31 -17.05
CA GLU D 229 -9.93 -14.51 -18.26
C GLU D 229 -10.45 -13.09 -17.91
N LYS D 230 -11.37 -13.01 -16.97
CA LYS D 230 -11.90 -11.71 -16.54
C LYS D 230 -10.82 -10.83 -15.96
N LEU D 231 -9.93 -11.43 -15.20
CA LEU D 231 -8.82 -10.69 -14.60
C LEU D 231 -7.88 -10.20 -15.70
N ILE D 232 -7.56 -11.08 -16.66
CA ILE D 232 -6.70 -10.70 -17.76
C ILE D 232 -7.30 -9.53 -18.56
N LEU D 233 -8.58 -9.63 -18.87
CA LEU D 233 -9.29 -8.56 -19.59
C LEU D 233 -9.43 -7.27 -18.76
N ALA D 234 -9.60 -7.38 -17.45
CA ALA D 234 -9.65 -6.18 -16.62
C ALA D 234 -8.32 -5.48 -16.56
N GLU D 235 -7.23 -6.24 -16.53
CA GLU D 235 -5.89 -5.67 -16.44
C GLU D 235 -5.40 -5.17 -17.80
N GLY D 236 -5.95 -5.72 -18.89
CA GLY D 236 -5.43 -5.49 -20.23
C GLY D 236 -4.46 -6.61 -20.59
N PRO D 237 -4.84 -7.44 -21.57
CA PRO D 237 -4.03 -8.61 -21.90
C PRO D 237 -2.59 -8.30 -22.31
N ASP D 238 -2.42 -7.17 -22.95
CA ASP D 238 -1.09 -6.69 -23.35
C ASP D 238 -0.18 -6.34 -22.17
N THR D 239 -0.73 -6.24 -20.96
CA THR D 239 0.02 -5.96 -19.77
C THR D 239 0.35 -7.20 -18.93
N VAL D 240 -0.20 -8.36 -19.30
CA VAL D 240 -0.01 -9.58 -18.53
C VAL D 240 1.04 -10.48 -19.14
N ALA D 241 2.13 -10.74 -18.41
CA ALA D 241 3.30 -11.48 -18.94
C ALA D 241 3.32 -12.96 -18.64
N ALA D 242 2.91 -13.34 -17.41
CA ALA D 242 3.00 -14.73 -16.97
C ALA D 242 2.02 -15.11 -15.89
N PHE D 243 1.85 -16.41 -15.77
CA PHE D 243 1.01 -17.06 -14.79
C PHE D 243 1.90 -18.10 -14.13
N ILE D 244 1.88 -18.13 -12.80
CA ILE D 244 2.72 -19.04 -12.04
C ILE D 244 1.81 -19.93 -11.20
N GLY D 245 2.09 -21.23 -11.21
CA GLY D 245 1.34 -22.17 -10.40
C GLY D 245 2.08 -23.44 -10.07
N GLU D 246 1.91 -23.89 -8.84
CA GLU D 246 2.29 -25.25 -8.45
C GLU D 246 1.30 -26.23 -9.08
N PRO D 247 1.80 -27.37 -9.62
CA PRO D 247 0.85 -28.35 -10.18
C PRO D 247 -0.18 -28.78 -9.15
N VAL D 248 0.33 -29.11 -7.98
CA VAL D 248 -0.42 -29.36 -6.77
C VAL D 248 0.07 -28.36 -5.74
N MET D 249 -0.84 -27.68 -5.07
CA MET D 249 -0.45 -26.66 -4.08
C MET D 249 0.06 -27.35 -2.83
N GLY D 250 1.27 -26.98 -2.42
CA GLY D 250 1.93 -27.60 -1.29
C GLY D 250 1.54 -26.94 0.03
N THR D 251 2.31 -25.92 0.39
CA THR D 251 2.13 -25.21 1.66
C THR D 251 0.74 -24.58 1.87
N GLY D 252 0.02 -24.28 0.78
CA GLY D 252 -1.35 -23.77 0.87
C GLY D 252 -2.38 -24.84 1.13
N GLY D 253 -1.93 -26.07 1.36
CA GLY D 253 -2.75 -27.10 1.93
C GLY D 253 -2.86 -28.44 1.22
N ILE D 254 -1.90 -28.84 0.38
CA ILE D 254 -1.96 -30.11 -0.34
C ILE D 254 -3.28 -30.18 -1.12
N ILE D 255 -3.32 -29.38 -2.18
CA ILE D 255 -4.53 -29.20 -2.97
C ILE D 255 -4.30 -29.64 -4.41
N PRO D 256 -4.67 -30.88 -4.74
CA PRO D 256 -4.63 -31.26 -6.14
C PRO D 256 -5.65 -30.46 -6.95
N PRO D 257 -5.33 -30.16 -8.20
CA PRO D 257 -6.25 -29.38 -9.02
C PRO D 257 -7.45 -30.25 -9.44
N PRO D 258 -8.58 -29.62 -9.72
CA PRO D 258 -9.68 -30.39 -10.25
C PRO D 258 -9.34 -31.01 -11.61
N GLN D 259 -10.08 -32.07 -11.93
CA GLN D 259 -10.01 -32.70 -13.25
C GLN D 259 -10.30 -31.67 -14.35
N GLY D 260 -9.39 -31.58 -15.31
CA GLY D 260 -9.46 -30.64 -16.43
C GLY D 260 -8.93 -29.23 -16.18
N TYR D 261 -8.53 -28.91 -14.94
CA TYR D 261 -8.12 -27.56 -14.58
C TYR D 261 -7.00 -27.04 -15.46
N TRP D 262 -5.91 -27.81 -15.55
CA TRP D 262 -4.74 -27.32 -16.25
C TRP D 262 -4.95 -27.12 -17.74
N GLU D 263 -5.75 -27.95 -18.38
CA GLU D 263 -6.06 -27.75 -19.81
C GLU D 263 -6.86 -26.45 -19.97
N ALA D 264 -7.84 -26.21 -19.09
CA ALA D 264 -8.67 -25.02 -19.22
C ALA D 264 -7.85 -23.73 -18.98
N ILE D 265 -6.95 -23.79 -18.00
CA ILE D 265 -6.07 -22.66 -17.72
C ILE D 265 -5.15 -22.39 -18.90
N GLN D 266 -4.50 -23.43 -19.39
CA GLN D 266 -3.59 -23.29 -20.52
C GLN D 266 -4.23 -22.71 -21.77
N ALA D 267 -5.49 -23.06 -22.03
CA ALA D 267 -6.18 -22.48 -23.19
C ALA D 267 -6.33 -20.97 -23.03
N VAL D 268 -6.63 -20.53 -21.81
CA VAL D 268 -6.72 -19.08 -21.55
C VAL D 268 -5.34 -18.41 -21.73
N LEU D 269 -4.30 -19.03 -21.19
CA LEU D 269 -2.96 -18.46 -21.31
C LEU D 269 -2.52 -18.34 -22.77
N ASN D 270 -2.81 -19.39 -23.55
CA ASN D 270 -2.47 -19.38 -25.00
C ASN D 270 -3.20 -18.30 -25.74
N LYS D 271 -4.46 -18.12 -25.43
CA LYS D 271 -5.26 -17.11 -26.08
C LYS D 271 -4.67 -15.72 -25.92
N TYR D 272 -4.14 -15.39 -24.74
CA TYR D 272 -3.61 -14.04 -24.51
C TYR D 272 -2.08 -13.99 -24.52
N ASP D 273 -1.43 -15.04 -25.00
CA ASP D 273 0.01 -15.07 -25.14
C ASP D 273 0.72 -14.78 -23.79
N ILE D 274 0.36 -15.56 -22.78
CA ILE D 274 0.90 -15.45 -21.44
C ILE D 274 1.75 -16.70 -21.12
N LEU D 275 2.95 -16.50 -20.58
CA LEU D 275 3.84 -17.58 -20.27
C LEU D 275 3.34 -18.35 -19.04
N LEU D 276 3.59 -19.65 -19.02
CA LEU D 276 3.31 -20.51 -17.87
C LEU D 276 4.62 -20.83 -17.13
N ILE D 277 4.67 -20.45 -15.86
CA ILE D 277 5.73 -20.88 -14.96
C ILE D 277 5.20 -22.01 -14.11
N ALA D 278 5.74 -23.20 -14.26
CA ALA D 278 5.41 -24.33 -13.38
C ALA D 278 6.34 -24.32 -12.19
N ASP D 279 5.79 -24.08 -11.01
CA ASP D 279 6.57 -24.14 -9.80
C ASP D 279 6.60 -25.57 -9.31
N GLU D 280 7.72 -26.26 -9.55
CA GLU D 280 7.89 -27.67 -9.21
C GLU D 280 8.74 -27.90 -7.98
N VAL D 281 8.84 -26.90 -7.11
CA VAL D 281 9.72 -27.02 -5.96
C VAL D 281 9.35 -28.24 -5.10
N VAL D 282 8.07 -28.45 -4.84
CA VAL D 282 7.58 -29.62 -4.15
C VAL D 282 7.35 -30.82 -5.09
N CYS D 283 6.67 -30.58 -6.20
CA CYS D 283 6.22 -31.70 -7.06
C CYS D 283 7.32 -32.37 -7.86
N GLY D 284 8.44 -31.68 -8.03
CA GLY D 284 9.54 -32.18 -8.81
C GLY D 284 10.25 -33.41 -8.27
N PHE D 285 10.79 -34.20 -9.18
CA PHE D 285 11.68 -35.31 -8.90
C PHE D 285 11.00 -36.45 -8.14
N GLY D 286 9.83 -36.86 -8.64
CA GLY D 286 9.19 -38.10 -8.24
C GLY D 286 8.06 -38.02 -7.23
N ARG D 287 7.89 -36.85 -6.63
CA ARG D 287 6.98 -36.68 -5.50
C ARG D 287 5.56 -37.15 -5.76
N LEU D 288 5.04 -36.90 -6.98
CA LEU D 288 3.65 -37.29 -7.33
C LEU D 288 3.52 -38.68 -7.97
N GLY D 289 4.64 -39.39 -8.10
CA GLY D 289 4.70 -40.62 -8.88
C GLY D 289 4.99 -40.35 -10.33
N SER D 290 5.41 -39.13 -10.66
CA SER D 290 5.84 -38.79 -12.00
C SER D 290 7.15 -38.04 -11.90
N LYS D 291 7.82 -37.86 -13.04
CA LYS D 291 9.07 -37.10 -13.05
C LYS D 291 8.92 -35.74 -12.35
N MET D 292 7.90 -35.01 -12.80
CA MET D 292 7.47 -33.76 -12.21
C MET D 292 5.95 -33.65 -12.32
N GLY D 293 5.39 -32.66 -11.64
CA GLY D 293 3.98 -32.39 -11.72
C GLY D 293 3.49 -32.03 -13.11
N SER D 294 4.33 -31.35 -13.87
CA SER D 294 3.99 -30.98 -15.24
C SER D 294 3.62 -32.19 -16.11
N GLN D 295 4.45 -33.24 -16.08
CA GLN D 295 4.13 -34.47 -16.81
C GLN D 295 2.86 -35.10 -16.26
N HIS D 296 2.72 -35.07 -14.93
CA HIS D 296 1.60 -35.70 -14.30
C HIS D 296 0.27 -35.13 -14.78
N TYR D 297 0.19 -33.81 -14.96
CA TYR D 297 -1.05 -33.14 -15.31
C TYR D 297 -1.10 -32.64 -16.74
N GLY D 298 -0.11 -32.99 -17.57
CA GLY D 298 -0.10 -32.54 -18.95
C GLY D 298 0.15 -31.06 -19.13
N MET D 299 0.85 -30.44 -18.20
CA MET D 299 1.15 -29.03 -18.30
C MET D 299 2.28 -28.81 -19.29
N LYS D 300 2.27 -27.66 -19.95
CA LYS D 300 3.31 -27.34 -20.97
C LYS D 300 3.95 -26.03 -20.63
N PRO D 301 4.85 -26.01 -19.64
CA PRO D 301 5.34 -24.74 -19.18
C PRO D 301 6.42 -24.17 -20.05
N ASP D 302 6.58 -22.86 -19.98
CA ASP D 302 7.69 -22.15 -20.62
C ASP D 302 8.92 -22.04 -19.74
N LEU D 303 8.68 -22.16 -18.43
CA LEU D 303 9.68 -21.95 -17.39
C LEU D 303 9.33 -22.85 -16.23
N ILE D 304 10.34 -23.44 -15.58
CA ILE D 304 10.10 -24.37 -14.46
C ILE D 304 11.02 -24.05 -13.30
N THR D 305 10.45 -24.04 -12.09
CA THR D 305 11.21 -23.84 -10.87
C THR D 305 11.40 -25.16 -10.12
N VAL D 306 12.63 -25.47 -9.75
CA VAL D 306 12.92 -26.67 -8.96
C VAL D 306 13.85 -26.36 -7.81
N ALA D 307 13.77 -27.22 -6.80
CA ALA D 307 14.64 -27.18 -5.60
C ALA D 307 14.33 -28.45 -4.81
N LYS D 308 14.42 -28.40 -3.47
CA LYS D 308 13.99 -29.55 -2.59
C LYS D 308 14.43 -30.94 -3.08
N GLY D 309 13.54 -31.66 -3.75
CA GLY D 309 13.85 -33.02 -4.21
C GLY D 309 14.95 -33.12 -5.26
N LEU D 310 15.37 -31.96 -5.78
CA LEU D 310 16.57 -31.87 -6.63
C LEU D 310 17.82 -32.42 -5.96
N THR D 311 18.00 -32.13 -4.66
CA THR D 311 19.09 -32.71 -3.88
C THR D 311 18.63 -33.56 -2.69
N SER D 312 17.32 -33.75 -2.56
CA SER D 312 16.73 -34.27 -1.30
C SER D 312 17.20 -33.50 -0.05
N ALA D 313 17.44 -32.21 -0.25
CA ALA D 313 17.95 -31.31 0.78
C ALA D 313 19.33 -31.63 1.33
N TYR D 314 20.07 -32.56 0.71
CA TYR D 314 21.41 -32.87 1.20
C TYR D 314 22.36 -31.66 1.06
N ALA D 315 22.09 -30.82 0.06
CA ALA D 315 22.75 -29.54 -0.09
C ALA D 315 21.80 -28.54 -0.74
N PRO D 316 21.96 -27.24 -0.46
CA PRO D 316 21.00 -26.26 -0.97
C PRO D 316 21.25 -25.95 -2.45
N LEU D 317 20.25 -26.21 -3.27
CA LEU D 317 20.35 -25.98 -4.69
C LEU D 317 18.97 -25.74 -5.25
N SER D 318 18.87 -24.76 -6.13
CA SER D 318 17.69 -24.51 -6.92
C SER D 318 18.03 -24.43 -8.38
N GLY D 319 16.98 -24.56 -9.18
CA GLY D 319 17.09 -24.49 -10.61
C GLY D 319 15.94 -23.77 -11.26
N VAL D 320 16.29 -23.01 -12.29
CA VAL D 320 15.31 -22.45 -13.22
C VAL D 320 15.55 -23.15 -14.53
N ILE D 321 14.56 -23.91 -14.98
CA ILE D 321 14.63 -24.65 -16.23
C ILE D 321 13.95 -23.80 -17.28
N VAL D 322 14.71 -23.44 -18.31
CA VAL D 322 14.27 -22.48 -19.33
C VAL D 322 13.90 -23.24 -20.60
N GLY D 323 12.67 -23.08 -21.05
CA GLY D 323 12.22 -23.64 -22.33
C GLY D 323 12.89 -23.00 -23.54
N GLU D 324 12.76 -23.68 -24.68
CA GLU D 324 13.31 -23.21 -25.97
C GLU D 324 12.88 -21.82 -26.35
N LYS D 325 11.60 -21.53 -26.20
CA LYS D 325 11.05 -20.24 -26.60
C LYS D 325 11.72 -19.12 -25.82
N VAL D 326 11.75 -19.22 -24.49
CA VAL D 326 12.34 -18.14 -23.68
C VAL D 326 13.86 -18.08 -23.93
N TRP D 327 14.49 -19.24 -24.04
CA TRP D 327 15.95 -19.29 -24.20
C TRP D 327 16.38 -18.59 -25.50
N ASP D 328 15.63 -18.80 -26.55
CA ASP D 328 15.94 -18.18 -27.82
C ASP D 328 15.94 -16.66 -27.73
N VAL D 329 14.98 -16.12 -26.98
CA VAL D 329 14.91 -14.67 -26.77
C VAL D 329 16.04 -14.20 -25.85
N ILE D 330 16.40 -15.00 -24.86
CA ILE D 330 17.56 -14.71 -24.04
C ILE D 330 18.83 -14.60 -24.92
N GLU D 331 19.04 -15.54 -25.83
CA GLU D 331 20.16 -15.47 -26.77
C GLU D 331 20.14 -14.19 -27.59
N LYS D 332 19.01 -13.88 -28.18
CA LYS D 332 18.84 -12.66 -28.98
C LYS D 332 19.10 -11.40 -28.17
N GLY D 333 18.60 -11.38 -26.93
CA GLY D 333 18.86 -10.27 -26.01
C GLY D 333 20.36 -10.04 -25.86
N SER D 334 21.11 -11.13 -25.67
CA SER D 334 22.55 -11.02 -25.47
C SER D 334 23.25 -10.46 -26.70
N GLN D 335 22.79 -10.89 -27.88
CA GLN D 335 23.36 -10.37 -29.14
C GLN D 335 23.14 -8.89 -29.29
N GLU D 336 21.98 -8.40 -28.94
CA GLU D 336 21.67 -6.98 -29.06
C GLU D 336 22.23 -6.17 -27.90
N HIS D 337 22.26 -6.72 -26.70
CA HIS D 337 22.51 -5.88 -25.49
C HIS D 337 23.70 -6.29 -24.67
N GLY D 338 24.40 -7.36 -25.02
CA GLY D 338 25.49 -7.86 -24.20
C GLY D 338 24.99 -8.84 -23.13
N PRO D 339 25.93 -9.30 -22.27
CA PRO D 339 25.56 -10.30 -21.25
C PRO D 339 24.48 -9.77 -20.31
N MET D 340 23.53 -10.63 -20.00
CA MET D 340 22.48 -10.28 -19.01
C MET D 340 23.12 -10.02 -17.62
N GLY D 341 22.68 -8.97 -16.94
CA GLY D 341 23.14 -8.67 -15.60
C GLY D 341 22.37 -9.49 -14.54
N HIS D 342 22.73 -10.76 -14.46
CA HIS D 342 22.17 -11.67 -13.48
C HIS D 342 23.17 -12.74 -13.10
N GLY D 343 23.46 -12.78 -11.80
CA GLY D 343 24.27 -13.81 -11.24
C GLY D 343 24.26 -13.81 -9.72
N TRP D 344 24.33 -14.99 -9.15
CA TRP D 344 24.62 -15.18 -7.74
C TRP D 344 26.06 -15.71 -7.64
N THR D 345 26.80 -15.25 -6.63
CA THR D 345 28.17 -15.73 -6.35
C THR D 345 28.27 -17.28 -6.36
N TYR D 346 27.32 -17.90 -5.68
CA TYR D 346 27.29 -19.33 -5.52
C TYR D 346 26.46 -20.06 -6.56
N SER D 347 26.10 -19.39 -7.66
CA SER D 347 25.36 -20.08 -8.72
C SER D 347 26.19 -21.25 -9.27
N GLY D 348 25.59 -22.43 -9.20
CA GLY D 348 26.22 -23.70 -9.65
C GLY D 348 27.24 -24.28 -8.69
N HIS D 349 27.08 -23.98 -7.40
CA HIS D 349 28.05 -24.39 -6.37
C HIS D 349 28.42 -25.89 -6.48
N PRO D 350 29.72 -26.21 -6.66
CA PRO D 350 30.18 -27.58 -6.92
C PRO D 350 29.70 -28.63 -5.94
N ILE D 351 29.77 -28.37 -4.64
CA ILE D 351 29.35 -29.42 -3.70
C ILE D 351 27.84 -29.67 -3.78
N CYS D 352 27.09 -28.61 -4.06
CA CYS D 352 25.65 -28.73 -4.25
C CYS D 352 25.31 -29.54 -5.51
N ALA D 353 26.02 -29.28 -6.60
CA ALA D 353 25.86 -30.08 -7.81
C ALA D 353 26.20 -31.56 -7.56
N ALA D 354 27.25 -31.83 -6.80
CA ALA D 354 27.66 -33.22 -6.50
C ALA D 354 26.58 -33.94 -5.72
N ALA D 355 25.98 -33.22 -4.76
CA ALA D 355 24.89 -33.76 -3.98
C ALA D 355 23.69 -34.10 -4.87
N ALA D 356 23.35 -33.22 -5.80
CA ALA D 356 22.25 -33.46 -6.72
C ALA D 356 22.48 -34.68 -7.55
N LEU D 357 23.70 -34.83 -8.08
CA LEU D 357 24.02 -36.01 -8.92
C LEU D 357 23.83 -37.32 -8.18
N ALA D 358 24.31 -37.37 -6.95
CA ALA D 358 24.19 -38.58 -6.15
C ALA D 358 22.72 -38.83 -5.81
N ASN D 359 22.00 -37.73 -5.53
CA ASN D 359 20.57 -37.82 -5.27
C ASN D 359 19.82 -38.39 -6.47
N LEU D 360 20.09 -37.87 -7.66
CA LEU D 360 19.46 -38.41 -8.86
C LEU D 360 19.81 -39.88 -9.10
N ASP D 361 21.08 -40.23 -8.93
CA ASP D 361 21.51 -41.62 -9.03
C ASP D 361 20.62 -42.53 -8.18
N ILE D 362 20.38 -42.12 -6.95
CA ILE D 362 19.56 -42.91 -6.03
C ILE D 362 18.08 -42.95 -6.42
N LEU D 363 17.51 -41.79 -6.78
CA LEU D 363 16.12 -41.76 -7.25
C LEU D 363 15.91 -42.73 -8.44
N GLU D 364 16.88 -42.74 -9.34
CA GLU D 364 16.84 -43.58 -10.54
C GLU D 364 17.08 -45.06 -10.20
N ARG D 365 18.18 -45.35 -9.54
CA ARG D 365 18.55 -46.73 -9.22
C ARG D 365 17.44 -47.46 -8.45
N GLU D 366 16.83 -46.79 -7.46
CA GLU D 366 15.78 -47.42 -6.64
C GLU D 366 14.38 -47.24 -7.20
N ASN D 367 14.26 -46.61 -8.37
CA ASN D 367 12.96 -46.28 -8.95
C ASN D 367 11.97 -45.67 -7.93
N LEU D 368 12.39 -44.59 -7.31
CA LEU D 368 11.59 -43.99 -6.26
C LEU D 368 10.37 -43.24 -6.80
N THR D 369 10.42 -42.80 -8.06
CA THR D 369 9.25 -42.30 -8.76
C THR D 369 8.15 -43.38 -8.81
N GLY D 370 8.53 -44.61 -9.13
CA GLY D 370 7.60 -45.76 -9.13
C GLY D 370 7.11 -46.11 -7.75
N ASN D 371 8.01 -46.05 -6.75
CA ASN D 371 7.57 -46.31 -5.39
C ASN D 371 6.58 -45.25 -4.94
N ALA D 372 6.83 -43.98 -5.31
CA ALA D 372 5.92 -42.91 -4.97
C ALA D 372 4.55 -43.12 -5.60
N ALA D 373 4.51 -43.57 -6.84
CA ALA D 373 3.22 -43.87 -7.49
C ALA D 373 2.48 -45.01 -6.77
N ASP D 374 3.21 -46.10 -6.47
CA ASP D 374 2.59 -47.34 -5.91
C ASP D 374 2.20 -47.20 -4.46
N VAL D 375 3.18 -46.89 -3.62
CA VAL D 375 2.91 -46.73 -2.18
C VAL D 375 2.08 -45.45 -1.94
N GLY D 376 2.27 -44.42 -2.78
CA GLY D 376 1.47 -43.23 -2.71
C GLY D 376 -0.02 -43.50 -2.92
N ALA D 377 -0.34 -44.28 -3.94
CA ALA D 377 -1.74 -44.72 -4.17
C ALA D 377 -2.31 -45.49 -2.95
N TYR D 378 -1.47 -46.33 -2.36
CA TYR D 378 -1.84 -47.04 -1.13
C TYR D 378 -2.14 -46.05 0.00
N LEU D 379 -1.27 -45.07 0.18
CA LEU D 379 -1.48 -44.00 1.14
C LEU D 379 -2.81 -43.28 0.91
N GLN D 380 -3.07 -42.91 -0.34
CA GLN D 380 -4.34 -42.22 -0.67
C GLN D 380 -5.55 -43.06 -0.24
N GLN D 381 -5.49 -44.34 -0.62
CA GLN D 381 -6.57 -45.28 -0.35
C GLN D 381 -6.77 -45.52 1.16
N ARG D 382 -5.67 -45.72 1.88
CA ARG D 382 -5.74 -45.97 3.32
C ARG D 382 -6.30 -44.76 4.09
N LEU D 383 -5.91 -43.54 3.68
CA LEU D 383 -6.44 -42.35 4.32
C LEU D 383 -7.93 -42.15 4.05
N ARG D 384 -8.38 -42.41 2.82
CA ARG D 384 -9.82 -42.33 2.51
C ARG D 384 -10.64 -43.37 3.27
N GLU D 385 -10.17 -44.61 3.35
CA GLU D 385 -10.87 -45.68 4.11
C GLU D 385 -10.96 -45.31 5.57
N THR D 386 -9.85 -44.83 6.11
CA THR D 386 -9.78 -44.53 7.54
C THR D 386 -10.53 -43.26 7.92
N PHE D 387 -10.48 -42.21 7.09
CA PHE D 387 -11.02 -40.89 7.48
C PHE D 387 -12.20 -40.39 6.66
N GLY D 388 -12.58 -41.09 5.59
CA GLY D 388 -13.69 -40.68 4.72
C GLY D 388 -14.98 -40.33 5.44
N GLY D 389 -15.38 -41.10 6.44
CA GLY D 389 -16.58 -40.78 7.21
C GLY D 389 -16.33 -40.23 8.60
N HIS D 390 -15.11 -39.80 8.90
CA HIS D 390 -14.79 -39.38 10.26
C HIS D 390 -15.48 -38.03 10.54
N PRO D 391 -16.15 -37.89 11.69
CA PRO D 391 -16.93 -36.65 11.96
C PRO D 391 -16.13 -35.34 12.03
N LEU D 392 -14.86 -35.40 12.38
CA LEU D 392 -13.93 -34.23 12.38
C LEU D 392 -13.41 -33.83 10.99
N VAL D 393 -13.45 -34.74 10.03
CA VAL D 393 -12.79 -34.55 8.74
C VAL D 393 -13.77 -34.12 7.66
N GLY D 394 -13.59 -32.91 7.16
CA GLY D 394 -14.36 -32.40 6.01
C GLY D 394 -13.91 -32.94 4.66
N GLU D 395 -12.61 -33.14 4.48
CA GLU D 395 -12.06 -33.65 3.23
C GLU D 395 -10.74 -34.42 3.44
N VAL D 396 -10.63 -35.49 2.69
CA VAL D 396 -9.40 -36.26 2.55
C VAL D 396 -8.98 -36.02 1.12
N ARG D 397 -7.75 -35.57 0.93
CA ARG D 397 -7.28 -35.29 -0.42
C ARG D 397 -5.81 -35.62 -0.55
N GLY D 398 -5.38 -35.73 -1.78
CA GLY D 398 -3.98 -35.97 -2.09
C GLY D 398 -3.79 -36.68 -3.39
N VAL D 399 -2.54 -36.84 -3.76
CA VAL D 399 -2.14 -37.54 -4.97
C VAL D 399 -0.69 -37.93 -4.78
N GLY D 400 -0.32 -39.08 -5.29
CA GLY D 400 1.05 -39.60 -5.11
C GLY D 400 1.47 -39.61 -3.63
N MET D 401 2.61 -39.02 -3.35
CA MET D 401 3.13 -39.00 -2.01
C MET D 401 2.88 -37.66 -1.28
N LEU D 402 1.77 -37.01 -1.61
CA LEU D 402 1.25 -35.88 -0.88
C LEU D 402 -0.19 -36.19 -0.44
N ALA D 403 -0.49 -35.89 0.81
CA ALA D 403 -1.86 -36.04 1.26
C ALA D 403 -2.19 -35.11 2.40
N ALA D 404 -3.50 -34.93 2.62
CA ALA D 404 -3.97 -34.09 3.70
C ALA D 404 -5.37 -34.43 4.19
N LEU D 405 -5.61 -34.10 5.45
CA LEU D 405 -6.91 -34.18 6.05
C LEU D 405 -7.26 -32.75 6.46
N GLU D 406 -8.42 -32.28 6.01
CA GLU D 406 -8.88 -30.97 6.43
C GLU D 406 -10.06 -31.13 7.38
N PHE D 407 -9.94 -30.50 8.53
CA PHE D 407 -10.90 -30.63 9.61
C PHE D 407 -11.90 -29.49 9.55
N MET D 408 -13.17 -29.83 9.70
CA MET D 408 -14.26 -28.87 9.58
C MET D 408 -15.27 -29.02 10.71
N ALA D 409 -15.83 -27.91 11.13
CA ALA D 409 -16.81 -27.88 12.23
C ALA D 409 -18.15 -28.39 11.75
N ASP D 410 -18.52 -28.03 10.54
CA ASP D 410 -19.75 -28.51 9.92
C ASP D 410 -19.44 -28.97 8.50
N LYS D 411 -19.39 -30.29 8.34
CA LYS D 411 -18.93 -30.92 7.09
C LYS D 411 -19.81 -30.55 5.88
N ASP D 412 -21.13 -30.74 6.04
CA ASP D 412 -22.08 -30.45 5.00
C ASP D 412 -22.07 -28.99 4.52
N ALA D 413 -22.03 -28.06 5.43
CA ALA D 413 -22.01 -26.62 5.10
C ALA D 413 -20.60 -26.07 4.79
N ARG D 414 -19.57 -26.88 5.04
CA ARG D 414 -18.20 -26.42 4.88
C ARG D 414 -17.87 -25.24 5.79
N THR D 415 -18.24 -25.37 7.06
CA THR D 415 -17.95 -24.37 8.03
C THR D 415 -16.71 -24.79 8.79
N PRO D 416 -15.64 -23.97 8.72
CA PRO D 416 -14.45 -24.34 9.44
C PRO D 416 -14.62 -24.11 10.93
N PHE D 417 -13.73 -24.66 11.72
CA PHE D 417 -13.65 -24.36 13.14
C PHE D 417 -13.18 -22.94 13.34
N ASP D 418 -13.54 -22.38 14.50
CA ASP D 418 -12.96 -21.15 14.93
C ASP D 418 -11.44 -21.38 15.00
N PRO D 419 -10.65 -20.53 14.31
CA PRO D 419 -9.19 -20.65 14.34
C PRO D 419 -8.58 -20.71 15.74
N ALA D 420 -9.20 -20.01 16.70
CA ALA D 420 -8.72 -19.97 18.09
C ALA D 420 -8.72 -21.33 18.76
N LEU D 421 -9.56 -22.23 18.28
CA LEU D 421 -9.61 -23.61 18.76
C LEU D 421 -8.37 -24.45 18.42
N LYS D 422 -7.62 -24.04 17.40
CA LYS D 422 -6.36 -24.69 17.01
C LYS D 422 -6.49 -26.20 16.76
N VAL D 423 -7.51 -26.59 16.02
CA VAL D 423 -7.75 -28.03 15.78
C VAL D 423 -6.57 -28.70 15.05
N GLY D 424 -6.13 -28.07 13.96
CA GLY D 424 -5.00 -28.56 13.19
C GLY D 424 -3.77 -28.73 14.02
N PRO D 425 -3.31 -27.65 14.67
CA PRO D 425 -2.11 -27.76 15.52
C PRO D 425 -2.23 -28.81 16.64
N LYS D 426 -3.43 -28.96 17.20
CA LYS D 426 -3.66 -29.98 18.22
C LYS D 426 -3.54 -31.41 17.68
N VAL D 427 -4.06 -31.64 16.47
CA VAL D 427 -3.89 -32.94 15.86
C VAL D 427 -2.40 -33.23 15.62
N SER D 428 -1.69 -32.26 15.09
CA SER D 428 -0.27 -32.40 14.82
C SER D 428 0.53 -32.67 16.09
N ALA D 429 0.22 -31.92 17.14
CA ALA D 429 0.88 -32.11 18.46
C ALA D 429 0.61 -33.51 19.04
N ALA D 430 -0.61 -34.02 18.85
CA ALA D 430 -0.95 -35.35 19.31
C ALA D 430 -0.19 -36.44 18.53
N CYS D 431 -0.07 -36.28 17.21
CA CYS D 431 0.78 -37.14 16.40
C CYS D 431 2.20 -37.16 16.93
N LEU D 432 2.70 -35.98 17.29
CA LEU D 432 4.09 -35.80 17.70
C LEU D 432 4.36 -36.52 19.03
N GLU D 433 3.44 -36.38 19.97
CA GLU D 433 3.47 -37.14 21.21
C GLU D 433 3.57 -38.63 20.97
N ASP D 434 2.91 -39.15 19.92
CA ASP D 434 3.00 -40.57 19.55
C ASP D 434 4.14 -40.87 18.59
N GLY D 435 5.11 -39.94 18.46
CA GLY D 435 6.30 -40.21 17.65
C GLY D 435 6.18 -40.09 16.13
N MET D 436 5.28 -39.22 15.67
CA MET D 436 5.15 -39.01 14.24
C MET D 436 5.05 -37.51 13.93
N ILE D 437 5.80 -37.09 12.92
CA ILE D 437 5.78 -35.71 12.45
C ILE D 437 4.90 -35.60 11.24
N ALA D 438 3.80 -34.88 11.38
CA ALA D 438 2.95 -34.50 10.26
C ALA D 438 2.59 -33.06 10.55
N ARG D 439 2.50 -32.25 9.51
CA ARG D 439 2.44 -30.81 9.70
C ARG D 439 1.02 -30.24 9.86
N ALA D 440 0.86 -29.33 10.81
CA ALA D 440 -0.35 -28.51 10.84
C ALA D 440 -0.13 -27.41 9.80
N MET D 441 -0.82 -27.51 8.68
CA MET D 441 -0.60 -26.57 7.57
C MET D 441 -1.11 -25.18 7.95
N PRO D 442 -0.54 -24.11 7.36
CA PRO D 442 -0.98 -22.77 7.76
C PRO D 442 -2.32 -22.35 7.19
N HIS D 443 -2.93 -21.35 7.86
CA HIS D 443 -4.21 -20.76 7.46
C HIS D 443 -5.30 -21.79 7.20
N GLY D 444 -5.56 -22.61 8.19
CA GLY D 444 -6.68 -23.54 8.21
C GLY D 444 -6.41 -24.62 9.23
N ASP D 445 -7.31 -25.60 9.29
CA ASP D 445 -7.11 -26.78 10.13
C ASP D 445 -6.86 -28.00 9.27
N ILE D 446 -5.58 -28.26 9.02
CA ILE D 446 -5.20 -29.21 8.00
C ILE D 446 -3.97 -29.98 8.45
N LEU D 447 -4.06 -31.30 8.39
CA LEU D 447 -2.92 -32.12 8.71
C LEU D 447 -2.33 -32.60 7.42
N GLY D 448 -1.04 -32.30 7.22
CA GLY D 448 -0.36 -32.60 5.96
C GLY D 448 0.65 -33.71 6.04
N PHE D 449 0.71 -34.51 4.98
CA PHE D 449 1.68 -35.63 4.85
C PHE D 449 2.49 -35.48 3.57
N ALA D 450 3.81 -35.56 3.69
CA ALA D 450 4.73 -35.56 2.57
C ALA D 450 5.95 -36.41 2.93
N PRO D 451 5.72 -37.75 3.11
CA PRO D 451 6.79 -38.62 3.59
C PRO D 451 7.87 -38.83 2.57
N PRO D 452 9.02 -39.29 3.01
CA PRO D 452 10.07 -39.62 2.04
C PRO D 452 9.58 -40.66 1.02
N LEU D 453 10.13 -40.60 -0.18
CA LEU D 453 9.63 -41.42 -1.27
C LEU D 453 9.98 -42.91 -1.14
N VAL D 454 10.92 -43.21 -0.24
CA VAL D 454 11.29 -44.60 0.12
C VAL D 454 10.31 -45.30 1.05
N ILE D 455 9.28 -44.61 1.51
CA ILE D 455 8.36 -45.21 2.45
C ILE D 455 7.71 -46.50 1.90
N THR D 456 7.49 -47.46 2.78
CA THR D 456 6.82 -48.76 2.45
C THR D 456 5.36 -48.74 2.82
N ARG D 457 4.63 -49.75 2.35
CA ARG D 457 3.21 -49.92 2.74
C ARG D 457 3.04 -50.10 4.23
N ALA D 458 3.93 -50.90 4.82
CA ALA D 458 3.92 -51.14 6.26
C ALA D 458 4.11 -49.83 7.01
N GLU D 459 5.04 -49.00 6.56
CA GLU D 459 5.23 -47.68 7.17
C GLU D 459 4.01 -46.74 6.99
N VAL D 460 3.35 -46.80 5.84
CA VAL D 460 2.09 -46.09 5.64
C VAL D 460 1.04 -46.48 6.68
N ASP D 461 0.85 -47.78 6.90
CA ASP D 461 -0.11 -48.27 7.90
C ASP D 461 0.19 -47.70 9.29
N GLU D 462 1.47 -47.65 9.64
CA GLU D 462 1.87 -47.10 10.94
C GLU D 462 1.54 -45.60 11.04
N ILE D 463 1.85 -44.84 9.99
CA ILE D 463 1.52 -43.40 9.95
C ILE D 463 0.01 -43.16 10.09
N VAL D 464 -0.77 -43.92 9.32
CA VAL D 464 -2.23 -43.80 9.34
C VAL D 464 -2.81 -44.15 10.70
N GLY D 465 -2.27 -45.18 11.33
CA GLY D 465 -2.73 -45.56 12.68
C GLY D 465 -2.45 -44.49 13.73
N ILE D 466 -1.27 -43.88 13.68
CA ILE D 466 -0.96 -42.78 14.60
C ILE D 466 -1.86 -41.57 14.33
N ALA D 467 -2.03 -41.23 13.06
CA ALA D 467 -2.93 -40.13 12.70
C ALA D 467 -4.36 -40.39 13.19
N LYS D 468 -4.80 -41.62 13.04
CA LYS D 468 -6.14 -42.02 13.46
C LYS D 468 -6.36 -41.76 14.96
N GLN D 469 -5.41 -42.20 15.77
CA GLN D 469 -5.45 -41.96 17.21
C GLN D 469 -5.49 -40.50 17.56
N ALA D 470 -4.62 -39.72 16.91
CA ALA D 470 -4.54 -38.27 17.15
C ALA D 470 -5.84 -37.57 16.75
N VAL D 471 -6.39 -37.95 15.62
CA VAL D 471 -7.65 -37.34 15.17
C VAL D 471 -8.81 -37.71 16.10
N ASP D 472 -8.88 -38.97 16.52
CA ASP D 472 -9.89 -39.40 17.52
C ASP D 472 -9.77 -38.62 18.83
N GLU D 473 -8.54 -38.47 19.32
CA GLU D 473 -8.28 -37.76 20.56
C GLU D 473 -8.79 -36.32 20.50
N VAL D 474 -8.53 -35.63 19.40
CA VAL D 474 -8.93 -34.22 19.28
C VAL D 474 -10.44 -34.10 19.04
N ALA D 475 -10.98 -35.02 18.26
CA ALA D 475 -12.43 -35.11 18.08
C ALA D 475 -13.20 -35.19 19.44
N ASP D 476 -12.68 -35.99 20.37
CA ASP D 476 -13.25 -36.07 21.74
C ASP D 476 -13.23 -34.74 22.44
N GLU D 477 -12.11 -34.02 22.33
CA GLU D 477 -12.01 -32.71 22.96
C GLU D 477 -12.97 -31.67 22.41
N VAL D 478 -13.21 -31.65 21.09
CA VAL D 478 -13.91 -30.51 20.48
C VAL D 478 -15.29 -30.83 19.97
N LEU D 479 -15.59 -32.08 19.66
CA LEU D 479 -16.95 -32.48 19.31
C LEU D 479 -17.71 -32.84 20.56
#